data_7QTL
#
_entry.id   7QTL
#
_cell.length_a   1.00
_cell.length_b   1.00
_cell.length_c   1.00
_cell.angle_alpha   90.00
_cell.angle_beta   90.00
_cell.angle_gamma   90.00
#
_symmetry.space_group_name_H-M   'P 1'
#
loop_
_entity.id
_entity.type
_entity.pdbx_description
1 polymer 'Polymerase acidic protein'
2 polymer 'RNA-directed RNA polymerase catalytic subunit'
3 polymer 'Polymerase basic protein 2'
4 polymer "5' vRNA"
5 polymer "3' vRNA"
6 polymer mRNA
7 non-polymer "5'-O-[(S)-hydroxy{[(S)-hydroxy(phosphonooxy)phosphoryl]methyl}phosphoryl]cytidine"
8 non-polymer 'MAGNESIUM ION'
9 non-polymer "P1-7-METHYLGUANOSINE-P3-ADENOSINE-5',5'-TRIPHOSPHATE"
10 water water
#
loop_
_entity_poly.entity_id
_entity_poly.type
_entity_poly.pdbx_seq_one_letter_code
_entity_poly.pdbx_strand_id
1 'polypeptide(L)'
;GMEDFVRQCFNPMIVELAEKAMKEYGEDPKIETNKFASICTHLEVCFMYSDFHFIDERGESTIIESGDPNVLLKHRFEII
EGRDRTMAWTVVNSICNTTGVEKPKFLPDLYDYKENRFIEIGVTRREVHIYYLEKANKIKSEKTHIHIFSFTGEEMATKA
DYTLDEESRARIKTRLFTIRQEMASRGLWDSFRQSERGEETIEERFEITGTMRRLADQSLPPNFSSLENFRAYVDGFEPN
GCIEGKLSQMSKEVNARIEPFLRTTPRPLRLPDGPPCSQRSKFLLMDALKLSIEDPSHEGEGIPLYDAIKCMKTFFGWKE
PNIIKPHEKGINPNYLLTWKQVLAELQDIENEEKIPRTKNMKKTSQLKWALGENMAPEKVDFEDCKDVNDLKQYDSDEPE
PRSLACWIQSEFNKACELTDSSWVELDEIGEDVAPIEHIASMRRNYFTAEVSHCRATEYIMKGVYINTALLNASCAAMDD
FQLIPMISKCRTKEGRRKTNLYGFIIKGRSHLRNDTDVVNFVSMEFSLTDPRLEPHKWEKYCVLEIGDMLLRTAVGQVSR
PMFLYVRTNGTSKIKMKWGMEMRRCLLQSLQQIESMIEAESSVKEKDLTKEFFENKSETWPIGESPKGVEEGSIGKVCRT
LLAKSVFNSLYASPQLEGFSAESRKLLLIVQALRDNLEPGTFDLEGLYEAIEECLINDPWVLLNASWFNSFLTHALR
;
A
2 'polypeptide(L)'
;MDVNPTLLFLKVPVQNAISTTFPYTGDPPYSHGTGTGYTMDTVNRTHKYSEKGKWTTNTETGAPQLNPIDGPLPEDNEPS
GYAQTDCVLEAMAFLEESHPGIFENSCLETMEIVQQTRVDKLTQGRQTYDWTLNRNQPAATALANTIEVFRSNGLTANES
GRLIDFLKDVMDSMDKEEMEITTHFQRKRRVRDNMTKKMVTQRTIGKKKQRLNKRSYLIRALTLNTMTKDAERGKLKRRA
IATPGMQIRGFVYFVEALARSICEKLEQSGLPVGGNEKKAKLANVVRKMMTNSQDTELSFTITGDNTKWNENQNPRMFLA
MITYITRNQPEWFRNVLSIAPIMFSNKMARLGKGYMFESKSMKLRTQVPAEMLANIDLKYFNKSTREKIEKIRPLLIDGT
ASLSPGMMMGMFNMLSTVLGVSILNLGQKKYTKTTYWWDGLQSSDDFALIVNAPNHEGIQAGVDRFYRTCKLVGINMSKK
KSYINRTGTFEFTSFFYRYGFVANFSMELPSFGVSGINESADMSVGVTVIKNNMINNDLGPATAQMALQLFIKDYRYTYR
CHRGDTQIQTRRAFELKKLWEQTRSKAGLLVSDGGPNLYNIRNLHIPEVCLKWELMDEDYQGRLCNPMNPFVSHKEIDSV
NNAVVMPAHGPAKSMEYDAVATTHSWIPKRNRSILNTSQRGILEDEQMYQKCCNLFEKFFPSSSYRRPVGISSMVEAMVS
RARIDARIDFESGRIKKEEFAEIMKICSTIEELRRQK
;
B
3 'polypeptide(L)'
;MERIKELRDLMSQSRTREILTKTTVDHMAIIKKYTSGRQEKNPALRMKWMMAMKYPITADKRIMEMIPERNEQGQTLWSK
TNDAGSDRVMVSPLAVTWWNRNGPTTSTVHYPKVYKTYFEKVERLKHGTFGPVHFRNQVKIRRRVDINPGHADLSAKEAQ
DVIMEVVFPNEVGARILTSESQLTITKEKKKELQDCKIAPLMVAYMLERELVRKTRFLPVAGGTSSVYIEVLHLTQGTCW
EQMYTPGGEVRNDDVDQSLIIAARNIVRRATVSADPLASLLEMCHSTQIGGVRMVDILRQNPTEEQAVDICKAAMGLRIS
SSFSFGGFTFKRTSGSSVKREEEVLTGNLQTLKIRVHEGYEEFTMVGRRATAILRKATRRLIQLIVSGKDEQSIAEAIIV
AMVFSQEDCMIKAVRGDLNFVNRANQRLNPMHQLLRHFQKDAKVLFQNWGIEPIDNVMGMIGILPDMTPSTEMSLRGVRV
SKMGVDEYSSTERVVVSIDRFLRVRDQRGNVLLSPEEVSETQGTEKLTITYSSSMMWEINGPESVLVNTYQWIIRNWENV
KIQWSQDPTMLYNKMEFEPFQSLVPKAARGQYSGFVRVLFQQMRDVLGTFDTVQIIKLLPFAAAPPEQSRMQFSSLTVNV
RGSGMRIVVRGNSPVFNYNKATKRLTVLGKDAGALMEDPDEGTAGVESAVLRGFLILGKENKRYGPALSINELSNLAKGE
KANVLIGQGDVVLVMKRKRDSSILTDSQTATKRIRMAIN
;
C
4 'polyribonucleotide' AGUAGUAACAAGAG V
5 'polyribonucleotide' UAUACCUCUGCUUCUGCUAUU R
6 'polyribonucleotide' AUCUAUAAUAGCAGAAG M
#
# COMPACT_ATOMS: atom_id res chain seq x y z
N GLY A 1 17.32 -20.86 47.55
CA GLY A 1 18.57 -21.49 47.93
C GLY A 1 19.09 -22.46 46.90
N MET A 2 18.15 -23.10 46.19
CA MET A 2 18.49 -23.96 45.06
C MET A 2 19.52 -23.31 44.14
N GLU A 3 19.28 -22.05 43.78
CA GLU A 3 20.21 -21.29 42.94
C GLU A 3 21.65 -21.42 43.44
N ASP A 4 21.88 -21.06 44.71
CA ASP A 4 23.22 -21.15 45.32
C ASP A 4 23.82 -22.54 45.17
N PHE A 5 23.04 -23.58 45.53
CA PHE A 5 23.51 -24.94 45.40
C PHE A 5 23.98 -25.22 43.98
N VAL A 6 23.15 -24.89 42.98
CA VAL A 6 23.53 -25.09 41.59
C VAL A 6 24.84 -24.36 41.29
N ARG A 7 24.93 -23.10 41.70
CA ARG A 7 26.12 -22.29 41.43
C ARG A 7 27.39 -22.92 41.97
N GLN A 8 27.30 -23.65 43.09
CA GLN A 8 28.49 -24.26 43.67
C GLN A 8 28.65 -25.74 43.35
N CYS A 9 27.63 -26.39 42.80
CA CYS A 9 27.63 -27.83 42.56
C CYS A 9 28.21 -28.21 41.22
N PHE A 10 28.03 -27.40 40.19
CA PHE A 10 28.40 -27.73 38.83
C PHE A 10 29.52 -26.82 38.35
N ASN A 11 30.14 -27.23 37.25
CA ASN A 11 31.23 -26.45 36.68
C ASN A 11 30.70 -25.11 36.16
N PRO A 12 31.58 -24.11 36.07
CA PRO A 12 31.14 -22.83 35.52
C PRO A 12 30.72 -22.90 34.05
N MET A 13 31.31 -23.80 33.26
CA MET A 13 30.90 -23.92 31.86
C MET A 13 29.49 -24.51 31.75
N ILE A 14 29.20 -25.55 32.54
CA ILE A 14 27.85 -26.11 32.54
C ILE A 14 26.83 -25.09 33.04
N VAL A 15 27.20 -24.33 34.07
CA VAL A 15 26.29 -23.31 34.60
C VAL A 15 26.04 -22.23 33.56
N GLU A 16 27.10 -21.83 32.84
CA GLU A 16 26.94 -20.83 31.78
C GLU A 16 26.03 -21.36 30.66
N LEU A 17 26.20 -22.62 30.28
CA LEU A 17 25.35 -23.21 29.26
C LEU A 17 23.90 -23.27 29.71
N ALA A 18 23.66 -23.61 30.97
CA ALA A 18 22.31 -23.64 31.51
C ALA A 18 21.70 -22.23 31.55
N GLU A 19 22.51 -21.25 31.94
CA GLU A 19 22.07 -19.86 31.94
C GLU A 19 21.65 -19.44 30.54
N LYS A 20 22.45 -19.76 29.54
CA LYS A 20 22.08 -19.47 28.15
C LYS A 20 20.79 -20.18 27.75
N ALA A 21 20.66 -21.45 28.13
CA ALA A 21 19.51 -22.24 27.71
C ALA A 21 18.21 -21.66 28.27
N MET A 22 18.23 -21.24 29.54
CA MET A 22 17.01 -20.67 30.11
C MET A 22 16.83 -19.21 29.76
N LYS A 23 17.90 -18.51 29.36
CA LYS A 23 17.77 -17.14 28.91
C LYS A 23 17.24 -17.05 27.49
N GLU A 24 17.42 -18.09 26.67
CA GLU A 24 16.89 -18.07 25.31
C GLU A 24 15.37 -17.98 25.26
N TYR A 25 14.68 -18.58 26.23
CA TYR A 25 13.22 -18.64 26.20
C TYR A 25 12.57 -17.81 27.29
N GLY A 26 13.28 -16.86 27.88
CA GLY A 26 12.67 -15.95 28.82
C GLY A 26 12.42 -16.51 30.21
N GLU A 27 13.39 -17.26 30.74
CA GLU A 27 13.32 -17.78 32.10
C GLU A 27 14.42 -17.17 32.93
N ASP A 28 14.08 -16.68 34.11
CA ASP A 28 15.10 -16.15 35.01
C ASP A 28 15.68 -17.29 35.83
N PRO A 29 16.99 -17.51 35.79
CA PRO A 29 17.61 -18.51 36.67
C PRO A 29 17.47 -18.21 38.15
N LYS A 30 17.15 -16.96 38.51
CA LYS A 30 16.95 -16.64 39.92
C LYS A 30 15.54 -16.99 40.39
N ILE A 31 14.57 -17.03 39.47
CA ILE A 31 13.19 -17.32 39.83
C ILE A 31 12.91 -18.81 39.74
N GLU A 32 13.02 -19.38 38.54
CA GLU A 32 12.74 -20.81 38.33
C GLU A 32 14.01 -21.61 38.58
N THR A 33 14.25 -21.91 39.86
CA THR A 33 15.51 -22.54 40.25
C THR A 33 15.51 -24.04 40.08
N ASN A 34 14.32 -24.67 40.13
CA ASN A 34 14.26 -26.12 39.91
C ASN A 34 14.52 -26.46 38.46
N LYS A 35 14.05 -25.63 37.53
CA LYS A 35 14.36 -25.85 36.13
C LYS A 35 15.84 -25.61 35.88
N PHE A 36 16.42 -24.63 36.59
CA PHE A 36 17.86 -24.41 36.54
C PHE A 36 18.61 -25.68 36.92
N ALA A 37 18.18 -26.33 38.01
CA ALA A 37 18.87 -27.54 38.45
C ALA A 37 18.64 -28.70 37.49
N SER A 38 17.42 -28.84 36.98
CA SER A 38 17.13 -29.89 36.00
C SER A 38 18.00 -29.74 34.75
N ILE A 39 18.13 -28.52 34.25
CA ILE A 39 18.91 -28.30 33.04
C ILE A 39 20.39 -28.50 33.31
N CYS A 40 20.88 -28.05 34.47
CA CYS A 40 22.28 -28.30 34.81
C CYS A 40 22.57 -29.80 34.88
N THR A 41 21.66 -30.56 35.49
CA THR A 41 21.83 -32.00 35.57
C THR A 41 21.82 -32.65 34.19
N HIS A 42 20.90 -32.21 33.32
CA HIS A 42 20.85 -32.72 31.96
C HIS A 42 22.16 -32.46 31.22
N LEU A 43 22.66 -31.22 31.31
CA LEU A 43 23.89 -30.86 30.63
C LEU A 43 25.08 -31.66 31.16
N GLU A 44 25.11 -31.89 32.48
CA GLU A 44 26.24 -32.63 33.05
C GLU A 44 26.19 -34.10 32.65
N VAL A 45 25.00 -34.72 32.70
CA VAL A 45 24.86 -36.09 32.25
C VAL A 45 25.28 -36.23 30.79
N CYS A 46 24.91 -35.25 29.95
CA CYS A 46 25.27 -35.33 28.53
C CYS A 46 26.77 -35.16 28.32
N PHE A 47 27.39 -34.19 29.00
CA PHE A 47 28.82 -33.98 28.80
C PHE A 47 29.68 -35.07 29.42
N MET A 48 29.12 -35.87 30.35
CA MET A 48 29.85 -37.06 30.80
C MET A 48 29.58 -38.25 29.89
N TYR A 49 28.36 -38.37 29.37
CA TYR A 49 28.04 -39.42 28.41
C TYR A 49 28.86 -39.27 27.14
N SER A 50 29.29 -38.05 26.81
CA SER A 50 30.02 -37.82 25.58
C SER A 50 31.53 -37.92 25.77
N ASP A 51 32.08 -37.20 26.74
CA ASP A 51 33.53 -37.05 26.86
C ASP A 51 34.20 -38.39 27.10
N PHE A 52 35.51 -38.42 26.82
CA PHE A 52 36.35 -39.61 27.00
C PHE A 52 35.87 -40.76 26.12
N HIS A 53 35.46 -40.43 24.89
CA HIS A 53 35.00 -41.43 23.92
C HIS A 53 35.39 -40.96 22.53
N PHE A 54 36.23 -41.75 21.86
CA PHE A 54 36.73 -41.39 20.54
C PHE A 54 36.57 -42.58 19.60
N ILE A 55 36.83 -42.34 18.31
CA ILE A 55 36.93 -43.38 17.31
C ILE A 55 38.28 -43.23 16.63
N ASP A 56 39.08 -44.29 16.66
CA ASP A 56 40.43 -44.24 16.11
C ASP A 56 40.37 -44.24 14.59
N GLU A 57 41.56 -44.28 13.98
CA GLU A 57 41.67 -44.14 12.53
C GLU A 57 41.27 -45.42 11.78
N ARG A 58 40.93 -46.49 12.49
CA ARG A 58 40.45 -47.70 11.84
C ARG A 58 38.93 -47.87 11.90
N GLY A 59 38.27 -47.33 12.91
CA GLY A 59 36.82 -47.25 12.86
C GLY A 59 36.07 -47.85 14.02
N GLU A 60 36.73 -48.06 15.16
CA GLU A 60 36.05 -48.60 16.33
C GLU A 60 36.31 -47.72 17.54
N SER A 61 35.51 -47.94 18.58
CA SER A 61 35.45 -47.03 19.72
C SER A 61 36.54 -47.37 20.72
N THR A 62 37.37 -46.38 21.04
CA THR A 62 38.40 -46.52 22.06
C THR A 62 38.32 -45.36 23.02
N ILE A 63 38.50 -45.65 24.31
CA ILE A 63 38.34 -44.68 25.38
C ILE A 63 39.73 -44.26 25.86
N ILE A 64 40.01 -42.96 25.77
CA ILE A 64 41.29 -42.39 26.21
C ILE A 64 41.05 -41.30 27.23
N LEU A 73 41.66 -36.73 18.33
CA LEU A 73 41.10 -37.83 17.57
C LEU A 73 39.60 -37.62 17.34
N LYS A 74 39.08 -38.22 16.28
CA LYS A 74 37.66 -38.12 15.95
C LYS A 74 36.81 -38.47 17.16
N HIS A 75 36.05 -37.48 17.66
CA HIS A 75 35.20 -37.71 18.82
C HIS A 75 34.10 -38.72 18.49
N ARG A 76 33.78 -39.56 19.47
CA ARG A 76 32.74 -40.58 19.25
C ARG A 76 31.35 -39.96 19.21
N PHE A 77 31.10 -38.95 20.03
CA PHE A 77 29.79 -38.34 20.15
C PHE A 77 29.81 -36.89 19.68
N GLU A 78 28.69 -36.45 19.13
CA GLU A 78 28.44 -35.05 18.82
C GLU A 78 27.42 -34.53 19.81
N ILE A 79 27.81 -33.50 20.56
CA ILE A 79 26.94 -32.90 21.57
C ILE A 79 25.96 -31.96 20.88
N ILE A 80 24.67 -32.26 21.00
CA ILE A 80 23.62 -31.40 20.45
C ILE A 80 22.98 -30.55 21.54
N GLU A 81 22.82 -31.09 22.74
CA GLU A 81 22.30 -30.31 23.85
C GLU A 81 23.29 -29.21 24.23
N GLY A 82 22.78 -28.19 24.90
CA GLY A 82 23.60 -27.07 25.30
C GLY A 82 24.02 -26.16 24.17
N ARG A 83 23.39 -26.27 23.01
CA ARG A 83 23.61 -25.35 21.91
C ARG A 83 22.37 -24.47 21.73
N ASP A 84 22.54 -23.41 20.94
CA ASP A 84 21.41 -22.61 20.53
C ASP A 84 20.53 -23.41 19.58
N ARG A 85 19.23 -23.08 19.56
CA ARG A 85 18.29 -23.79 18.69
C ARG A 85 18.79 -23.83 17.25
N THR A 86 19.27 -22.69 16.74
CA THR A 86 19.72 -22.61 15.36
C THR A 86 20.96 -23.46 15.15
N MET A 87 21.95 -23.34 16.04
CA MET A 87 23.17 -24.13 15.89
C MET A 87 22.90 -25.62 16.07
N ALA A 88 21.99 -25.97 16.97
CA ALA A 88 21.65 -27.38 17.17
C ALA A 88 21.00 -27.96 15.93
N TRP A 89 20.04 -27.24 15.35
CA TRP A 89 19.41 -27.73 14.14
C TRP A 89 20.39 -27.73 12.96
N THR A 90 21.35 -26.79 12.94
CA THR A 90 22.37 -26.82 11.90
C THR A 90 23.23 -28.07 12.01
N VAL A 91 23.65 -28.41 13.22
CA VAL A 91 24.44 -29.62 13.43
C VAL A 91 23.63 -30.85 13.00
N VAL A 92 22.36 -30.90 13.41
CA VAL A 92 21.53 -32.06 13.09
C VAL A 92 21.35 -32.19 11.58
N ASN A 93 21.06 -31.08 10.89
CA ASN A 93 20.87 -31.11 9.46
C ASN A 93 22.15 -31.50 8.74
N SER A 94 23.31 -31.03 9.21
CA SER A 94 24.56 -31.39 8.57
C SER A 94 24.86 -32.87 8.75
N ILE A 95 24.61 -33.40 9.94
CA ILE A 95 24.80 -34.83 10.17
C ILE A 95 23.87 -35.64 9.26
N CYS A 96 22.61 -35.21 9.13
CA CYS A 96 21.66 -35.95 8.29
C CYS A 96 22.06 -35.88 6.82
N ASN A 97 22.48 -34.71 6.34
CA ASN A 97 22.86 -34.57 4.94
C ASN A 97 24.19 -35.24 4.62
N THR A 98 25.02 -35.52 5.63
CA THR A 98 26.29 -36.20 5.37
C THR A 98 26.18 -37.71 5.51
N THR A 99 25.58 -38.19 6.60
CA THR A 99 25.51 -39.62 6.87
C THR A 99 24.24 -40.28 6.34
N GLY A 100 23.24 -39.50 5.93
CA GLY A 100 22.02 -40.07 5.39
C GLY A 100 21.17 -40.79 6.42
N VAL A 101 21.12 -40.26 7.65
CA VAL A 101 20.28 -40.80 8.71
C VAL A 101 18.99 -40.01 8.76
N GLU A 102 17.91 -40.66 9.18
CA GLU A 102 16.61 -40.00 9.24
C GLU A 102 16.65 -38.79 10.16
N LYS A 103 15.95 -37.74 9.76
CA LYS A 103 15.91 -36.50 10.53
C LYS A 103 14.96 -36.66 11.71
N PRO A 104 15.43 -36.46 12.95
CA PRO A 104 14.52 -36.56 14.10
C PRO A 104 13.54 -35.40 14.11
N LYS A 105 12.31 -35.69 14.55
CA LYS A 105 11.26 -34.68 14.54
C LYS A 105 11.45 -33.63 15.61
N PHE A 106 12.22 -33.95 16.66
CA PHE A 106 12.58 -33.00 17.70
C PHE A 106 14.08 -32.99 17.85
N LEU A 107 14.60 -31.99 18.55
CA LEU A 107 16.03 -31.90 18.76
C LEU A 107 16.48 -33.04 19.67
N PRO A 108 17.47 -33.84 19.27
CA PRO A 108 17.99 -34.86 20.17
C PRO A 108 19.10 -34.30 21.05
N ASP A 109 19.66 -35.13 21.92
CA ASP A 109 20.72 -34.70 22.84
C ASP A 109 22.11 -35.00 22.32
N LEU A 110 22.32 -36.15 21.69
CA LEU A 110 23.64 -36.52 21.19
C LEU A 110 23.49 -37.17 19.82
N TYR A 111 24.62 -37.31 19.13
CA TYR A 111 24.68 -38.14 17.94
C TYR A 111 25.87 -39.09 18.07
N ASP A 112 25.64 -40.36 17.79
CA ASP A 112 26.69 -41.38 17.81
C ASP A 112 27.15 -41.62 16.37
N TYR A 113 28.38 -41.20 16.07
CA TYR A 113 28.96 -41.45 14.76
C TYR A 113 29.19 -42.93 14.52
N LYS A 114 29.69 -43.65 15.53
CA LYS A 114 29.94 -45.08 15.38
C LYS A 114 28.64 -45.83 15.08
N GLU A 115 27.66 -45.71 15.97
CA GLU A 115 26.36 -46.33 15.73
C GLU A 115 25.52 -45.54 14.74
N ASN A 116 25.91 -44.30 14.43
CA ASN A 116 25.21 -43.45 13.48
C ASN A 116 23.73 -43.31 13.87
N ARG A 117 23.50 -42.76 15.06
CA ARG A 117 22.13 -42.59 15.50
C ARG A 117 22.04 -41.49 16.54
N PHE A 118 20.89 -40.82 16.57
CA PHE A 118 20.64 -39.73 17.51
C PHE A 118 20.18 -40.31 18.84
N ILE A 119 20.75 -39.80 19.94
CA ILE A 119 20.47 -40.27 21.29
C ILE A 119 19.65 -39.20 22.00
N GLU A 120 18.49 -39.59 22.52
CA GLU A 120 17.67 -38.75 23.37
C GLU A 120 17.93 -39.13 24.82
N ILE A 121 18.50 -38.21 25.59
CA ILE A 121 18.89 -38.47 26.97
C ILE A 121 17.79 -37.97 27.89
N GLY A 122 17.49 -38.74 28.92
CA GLY A 122 16.54 -38.32 29.94
C GLY A 122 17.08 -38.59 31.33
N VAL A 123 16.84 -37.63 32.22
CA VAL A 123 17.24 -37.74 33.63
C VAL A 123 15.97 -37.49 34.44
N THR A 124 15.37 -38.56 34.95
CA THR A 124 14.08 -38.47 35.61
C THR A 124 14.22 -38.51 37.12
N ARG A 125 13.29 -37.87 37.81
CA ARG A 125 13.14 -37.98 39.25
C ARG A 125 12.16 -39.09 39.63
N ARG A 126 11.13 -39.30 38.81
CA ARG A 126 10.14 -40.34 39.05
C ARG A 126 10.66 -41.67 38.52
N GLU A 127 9.76 -42.66 38.42
CA GLU A 127 10.13 -43.96 37.87
C GLU A 127 10.68 -43.80 36.46
N VAL A 128 11.55 -44.73 36.07
CA VAL A 128 12.10 -44.68 34.73
C VAL A 128 11.14 -45.30 33.72
N HIS A 129 10.30 -46.23 34.17
CA HIS A 129 9.29 -46.81 33.29
C HIS A 129 8.37 -45.73 32.73
N ILE A 130 7.70 -45.00 33.62
CA ILE A 130 6.76 -43.94 33.20
C ILE A 130 7.44 -42.97 32.25
N TYR A 131 8.48 -42.28 32.75
CA TYR A 131 9.24 -41.31 31.96
C TYR A 131 9.62 -41.87 30.59
N TYR A 132 10.35 -42.99 30.58
CA TYR A 132 10.78 -43.63 29.34
C TYR A 132 9.62 -43.82 28.38
N LEU A 133 8.58 -44.53 28.85
CA LEU A 133 7.41 -44.79 28.01
C LEU A 133 6.86 -43.50 27.41
N GLU A 134 6.61 -42.49 28.26
CA GLU A 134 6.10 -41.22 27.79
C GLU A 134 6.95 -40.65 26.67
N LYS A 135 8.26 -40.49 26.95
CA LYS A 135 9.18 -39.96 25.93
C LYS A 135 9.08 -40.76 24.64
N ALA A 136 9.21 -42.09 24.74
CA ALA A 136 9.14 -42.96 23.57
C ALA A 136 7.88 -42.69 22.76
N ASN A 137 6.72 -42.72 23.41
CA ASN A 137 5.46 -42.47 22.73
C ASN A 137 5.50 -41.12 22.01
N LYS A 138 5.91 -40.07 22.72
CA LYS A 138 5.98 -38.74 22.13
C LYS A 138 6.84 -38.73 20.88
N ILE A 139 8.03 -39.34 20.94
CA ILE A 139 8.92 -39.36 19.78
C ILE A 139 8.30 -40.14 18.63
N LYS A 140 7.80 -41.34 18.92
CA LYS A 140 7.14 -42.22 17.95
C LYS A 140 7.98 -42.46 16.69
N SER A 141 9.31 -42.45 16.83
CA SER A 141 10.20 -42.71 15.71
C SER A 141 11.16 -43.81 16.15
N GLU A 142 10.98 -45.01 15.62
CA GLU A 142 11.83 -46.15 16.01
C GLU A 142 13.16 -46.09 15.27
N LYS A 143 13.97 -45.11 15.66
CA LYS A 143 15.31 -44.80 15.15
C LYS A 143 16.08 -43.97 16.16
N THR A 144 15.38 -43.17 16.96
CA THR A 144 16.03 -42.35 17.96
C THR A 144 16.27 -43.16 19.22
N HIS A 145 17.47 -43.06 19.77
CA HIS A 145 17.81 -43.80 20.98
C HIS A 145 17.30 -43.04 22.19
N ILE A 146 16.79 -43.78 23.17
CA ILE A 146 16.26 -43.18 24.40
C ILE A 146 16.93 -43.86 25.58
N HIS A 147 17.77 -43.13 26.29
CA HIS A 147 18.51 -43.63 27.45
C HIS A 147 18.13 -42.77 28.65
N ILE A 148 17.45 -43.38 29.63
CA ILE A 148 16.85 -42.68 30.75
C ILE A 148 17.61 -43.05 32.01
N PHE A 149 18.16 -42.03 32.67
CA PHE A 149 18.79 -42.17 33.97
C PHE A 149 17.86 -41.65 35.06
N SER A 150 18.12 -42.09 36.29
CA SER A 150 17.38 -41.60 37.45
C SER A 150 18.34 -41.43 38.61
N PHE A 151 17.92 -40.66 39.61
CA PHE A 151 18.77 -40.40 40.76
C PHE A 151 18.86 -41.58 41.71
N THR A 152 18.01 -42.60 41.57
CA THR A 152 18.06 -43.77 42.43
C THR A 152 19.06 -44.81 41.96
N GLY A 153 19.62 -44.65 40.76
CA GLY A 153 20.49 -45.64 40.18
C GLY A 153 19.85 -46.49 39.10
N GLU A 154 18.53 -46.56 39.05
CA GLU A 154 17.87 -47.31 38.01
C GLU A 154 18.02 -46.59 36.67
N GLU A 155 18.07 -47.38 35.59
CA GLU A 155 18.22 -46.82 34.25
C GLU A 155 17.43 -47.67 33.26
N MET A 156 17.21 -47.11 32.07
CA MET A 156 16.59 -47.84 30.97
C MET A 156 17.16 -47.31 29.67
N ALA A 157 17.01 -48.11 28.61
CA ALA A 157 17.52 -47.73 27.30
C ALA A 157 16.74 -48.50 26.24
N THR A 158 16.70 -47.94 25.04
CA THR A 158 16.01 -48.59 23.94
C THR A 158 16.71 -49.89 23.58
N LYS A 159 15.94 -50.98 23.51
CA LYS A 159 16.46 -52.33 23.27
C LYS A 159 17.57 -52.70 24.26
N ALA A 160 17.56 -52.07 25.43
CA ALA A 160 18.58 -52.28 26.47
C ALA A 160 20.00 -52.10 25.93
N ASP A 161 20.14 -51.32 24.86
CA ASP A 161 21.45 -51.09 24.25
C ASP A 161 22.05 -49.81 24.83
N TYR A 162 22.61 -49.95 26.03
CA TYR A 162 23.39 -48.86 26.61
C TYR A 162 24.69 -48.73 25.84
N THR A 163 24.80 -47.68 25.02
CA THR A 163 25.93 -47.55 24.11
C THR A 163 27.26 -47.47 24.85
N LEU A 164 27.25 -46.99 26.09
CA LEU A 164 28.45 -46.91 26.89
C LEU A 164 28.71 -48.25 27.59
N ASP A 165 29.82 -48.32 28.32
CA ASP A 165 30.17 -49.53 29.05
C ASP A 165 29.90 -49.34 30.54
N GLU A 166 30.19 -50.37 31.32
CA GLU A 166 29.76 -50.41 32.72
C GLU A 166 30.41 -49.31 33.55
N GLU A 167 31.70 -49.02 33.31
CA GLU A 167 32.39 -48.08 34.19
C GLU A 167 31.92 -46.64 33.96
N SER A 168 31.60 -46.28 32.71
CA SER A 168 31.19 -44.91 32.44
C SER A 168 29.77 -44.65 32.92
N ARG A 169 28.87 -45.61 32.72
CA ARG A 169 27.53 -45.49 33.30
C ARG A 169 27.59 -45.51 34.82
N ALA A 170 28.52 -46.27 35.39
CA ALA A 170 28.72 -46.23 36.84
C ALA A 170 29.18 -44.86 37.30
N ARG A 171 30.07 -44.22 36.54
CA ARG A 171 30.48 -42.85 36.85
C ARG A 171 29.28 -41.90 36.79
N ILE A 172 28.43 -42.05 35.77
CA ILE A 172 27.26 -41.19 35.64
C ILE A 172 26.33 -41.37 36.84
N LYS A 173 26.09 -42.63 37.23
CA LYS A 173 25.22 -42.91 38.36
C LYS A 173 25.82 -42.41 39.67
N THR A 174 27.15 -42.50 39.81
CA THR A 174 27.81 -42.01 41.01
C THR A 174 27.69 -40.50 41.10
N ARG A 175 27.84 -39.79 39.99
CA ARG A 175 27.64 -38.35 39.99
C ARG A 175 26.20 -37.99 40.34
N LEU A 176 25.24 -38.74 39.80
CA LEU A 176 23.84 -38.47 40.12
C LEU A 176 23.55 -38.69 41.60
N PHE A 177 24.06 -39.79 42.17
CA PHE A 177 23.84 -40.08 43.58
C PHE A 177 24.51 -39.03 44.46
N THR A 178 25.75 -38.65 44.13
CA THR A 178 26.43 -37.61 44.89
C THR A 178 25.65 -36.30 44.85
N ILE A 179 25.13 -35.94 43.67
CA ILE A 179 24.38 -34.70 43.56
C ILE A 179 23.10 -34.77 44.37
N ARG A 180 22.40 -35.91 44.34
CA ARG A 180 21.15 -36.04 45.07
C ARG A 180 21.39 -35.99 46.58
N GLN A 181 22.49 -36.59 47.05
CA GLN A 181 22.76 -36.57 48.48
C GLN A 181 23.25 -35.19 48.92
N GLU A 182 24.00 -34.49 48.05
CA GLU A 182 24.30 -33.08 48.30
C GLU A 182 23.02 -32.26 48.40
N MET A 183 22.02 -32.60 47.58
CA MET A 183 20.73 -31.91 47.63
C MET A 183 20.04 -32.16 48.97
N ALA A 184 19.89 -33.43 49.33
CA ALA A 184 19.24 -33.80 50.59
C ALA A 184 19.98 -33.30 51.81
N SER A 185 21.28 -32.99 51.66
CA SER A 185 22.02 -32.39 52.77
C SER A 185 21.44 -31.02 53.12
N ARG A 186 21.14 -30.20 52.11
CA ARG A 186 20.50 -28.91 52.31
C ARG A 186 18.98 -28.98 52.35
N GLY A 187 18.39 -30.19 52.32
CA GLY A 187 16.95 -30.32 52.36
C GLY A 187 16.24 -29.67 51.18
N LEU A 188 16.75 -29.92 49.97
CA LEU A 188 16.23 -29.31 48.75
C LEU A 188 15.57 -30.29 47.80
N TRP A 189 15.67 -31.60 48.05
CA TRP A 189 15.29 -32.58 47.04
C TRP A 189 13.78 -32.70 46.86
N ASP A 190 12.99 -32.45 47.91
CA ASP A 190 11.57 -32.81 47.87
C ASP A 190 10.82 -32.08 46.76
N SER A 191 10.91 -30.75 46.76
CA SER A 191 10.20 -29.98 45.74
C SER A 191 10.84 -30.15 44.37
N PHE A 192 12.16 -30.32 44.32
CA PHE A 192 12.80 -30.50 43.03
C PHE A 192 12.30 -31.79 42.40
N ARG A 193 12.11 -32.83 43.24
CA ARG A 193 11.58 -34.09 42.77
C ARG A 193 10.16 -33.93 42.28
N GLN A 194 9.39 -33.06 42.95
CA GLN A 194 8.00 -32.84 42.54
C GLN A 194 7.86 -31.70 41.54
N SER A 195 8.97 -31.27 40.94
CA SER A 195 8.95 -30.17 39.97
C SER A 195 9.01 -30.63 38.52
N GLU A 196 8.81 -31.94 38.27
CA GLU A 196 8.97 -32.46 36.91
C GLU A 196 7.71 -32.37 36.06
N ARG A 197 6.53 -32.47 36.66
CA ARG A 197 5.30 -32.49 35.87
C ARG A 197 4.89 -31.13 35.34
N GLY A 198 5.67 -30.08 35.59
CA GLY A 198 5.30 -28.75 35.16
C GLY A 198 6.38 -27.96 34.44
N GLU A 199 7.58 -28.51 34.36
CA GLU A 199 8.72 -27.78 33.79
C GLU A 199 8.85 -27.95 32.27
N GLU A 200 7.93 -28.66 31.64
CA GLU A 200 7.79 -28.62 30.19
C GLU A 200 6.67 -27.68 29.77
N THR A 201 6.23 -26.79 30.66
CA THR A 201 5.28 -25.74 30.37
C THR A 201 5.91 -24.40 30.74
N ILE A 202 6.05 -23.51 29.77
CA ILE A 202 6.75 -22.24 29.96
C ILE A 202 5.73 -21.17 30.30
N GLU A 203 5.83 -20.63 31.51
CA GLU A 203 4.91 -19.61 32.00
C GLU A 203 5.51 -18.22 31.76
N GLU A 204 4.72 -17.34 31.16
CA GLU A 204 5.16 -15.99 30.84
C GLU A 204 4.86 -15.06 32.01
N ARG A 205 5.83 -14.22 32.38
CA ARG A 205 5.69 -13.29 33.49
C ARG A 205 6.00 -11.88 33.00
N PHE A 206 5.04 -10.98 33.17
CA PHE A 206 5.25 -9.56 32.92
C PHE A 206 4.60 -8.78 34.05
N GLU A 207 5.40 -8.21 34.94
CA GLU A 207 4.93 -7.56 36.15
C GLU A 207 5.12 -6.05 36.05
N ILE A 208 4.07 -5.30 36.39
CA ILE A 208 4.14 -3.84 36.50
C ILE A 208 4.49 -3.52 37.94
N THR A 209 5.75 -3.16 38.18
CA THR A 209 6.26 -2.90 39.52
C THR A 209 7.07 -1.63 39.55
N GLY A 210 7.13 -1.01 40.71
CA GLY A 210 8.02 0.13 40.93
C GLY A 210 7.52 1.39 40.26
N THR A 211 8.42 2.04 39.50
CA THR A 211 8.08 3.28 38.81
C THR A 211 6.91 3.09 37.86
N MET A 212 6.87 1.96 37.16
CA MET A 212 5.79 1.70 36.22
C MET A 212 4.46 1.51 36.94
N ARG A 213 4.47 0.89 38.12
CA ARG A 213 3.24 0.78 38.90
C ARG A 213 2.70 2.15 39.30
N ARG A 214 3.58 3.06 39.73
CA ARG A 214 3.14 4.39 40.11
C ARG A 214 2.66 5.18 38.89
N LEU A 215 3.29 4.98 37.74
CA LEU A 215 2.84 5.64 36.53
C LEU A 215 1.47 5.11 36.12
N ALA A 216 1.24 3.81 36.32
CA ALA A 216 -0.07 3.24 36.04
C ALA A 216 -1.11 3.78 37.02
N ASP A 217 -0.71 3.96 38.28
CA ASP A 217 -1.60 4.51 39.28
C ASP A 217 -1.97 5.95 38.97
N GLN A 218 -1.19 6.63 38.13
CA GLN A 218 -1.49 8.02 37.78
C GLN A 218 -1.98 8.16 36.35
N SER A 219 -2.25 7.05 35.66
CA SER A 219 -2.71 7.05 34.27
C SER A 219 -4.18 6.69 34.14
N LEU A 220 -4.97 6.94 35.17
CA LEU A 220 -6.34 6.48 35.26
C LEU A 220 -7.34 7.63 35.14
N PRO A 221 -8.63 7.32 35.04
CA PRO A 221 -9.66 8.35 35.22
C PRO A 221 -9.59 8.96 36.60
N PRO A 222 -10.23 10.13 36.81
CA PRO A 222 -10.05 10.85 38.08
C PRO A 222 -10.45 10.08 39.33
N ASN A 223 -11.48 9.23 39.26
CA ASN A 223 -12.03 8.62 40.46
C ASN A 223 -11.44 7.24 40.73
N PHE A 224 -10.18 7.00 40.34
CA PHE A 224 -9.50 5.75 40.61
C PHE A 224 -8.10 6.05 41.13
N SER A 225 -7.66 5.28 42.13
CA SER A 225 -6.38 5.50 42.78
C SER A 225 -5.31 4.48 42.39
N SER A 226 -5.71 3.30 41.92
CA SER A 226 -4.74 2.27 41.55
C SER A 226 -5.23 1.56 40.30
N LEU A 227 -4.27 1.03 39.53
CA LEU A 227 -4.61 0.31 38.32
C LEU A 227 -5.44 -0.93 38.61
N GLU A 228 -5.24 -1.55 39.78
CA GLU A 228 -5.99 -2.75 40.12
C GLU A 228 -7.46 -2.42 40.36
N ASN A 229 -7.75 -1.30 41.03
CA ASN A 229 -9.13 -0.90 41.24
C ASN A 229 -9.82 -0.60 39.92
N PHE A 230 -9.12 0.05 38.99
CA PHE A 230 -9.72 0.33 37.69
C PHE A 230 -9.94 -0.95 36.90
N ARG A 231 -9.01 -1.90 36.97
CA ARG A 231 -9.20 -3.18 36.30
C ARG A 231 -10.39 -3.93 36.87
N ALA A 232 -10.54 -3.89 38.20
CA ALA A 232 -11.69 -4.56 38.82
C ALA A 232 -12.99 -3.89 38.40
N TYR A 233 -13.00 -2.56 38.32
CA TYR A 233 -14.20 -1.85 37.86
C TYR A 233 -14.54 -2.23 36.42
N VAL A 234 -13.53 -2.30 35.56
CA VAL A 234 -13.76 -2.62 34.14
C VAL A 234 -14.24 -4.06 33.98
N ASP A 235 -13.69 -4.98 34.77
CA ASP A 235 -14.13 -6.37 34.71
C ASP A 235 -15.59 -6.51 35.12
N GLY A 236 -16.00 -5.81 36.18
CA GLY A 236 -17.38 -5.86 36.59
C GLY A 236 -18.33 -5.02 35.77
N PHE A 237 -17.82 -4.25 34.81
CA PHE A 237 -18.67 -3.31 34.09
C PHE A 237 -19.65 -4.04 33.20
N GLU A 238 -20.90 -3.59 33.22
CA GLU A 238 -21.93 -3.98 32.28
C GLU A 238 -22.65 -2.71 31.86
N PRO A 239 -23.01 -2.58 30.59
CA PRO A 239 -23.68 -1.36 30.12
C PRO A 239 -25.06 -1.24 30.75
N ASN A 240 -25.36 -0.07 31.29
CA ASN A 240 -26.72 0.21 31.78
C ASN A 240 -26.99 1.70 31.60
N GLY A 241 -27.56 2.05 30.45
CA GLY A 241 -27.95 3.40 30.14
C GLY A 241 -26.96 4.51 30.45
N CYS A 242 -25.66 4.23 30.30
CA CYS A 242 -24.66 5.28 30.52
C CYS A 242 -24.71 6.32 29.42
N ILE A 243 -24.73 5.88 28.16
CA ILE A 243 -24.77 6.82 27.04
C ILE A 243 -26.09 7.57 26.97
N GLU A 244 -27.22 6.88 27.19
CA GLU A 244 -28.50 7.59 27.15
C GLU A 244 -28.58 8.64 28.25
N GLY A 245 -28.09 8.31 29.44
CA GLY A 245 -28.09 9.29 30.52
C GLY A 245 -27.18 10.47 30.24
N LYS A 246 -25.96 10.19 29.74
CA LYS A 246 -25.06 11.28 29.42
C LYS A 246 -25.62 12.15 28.30
N LEU A 247 -26.41 11.57 27.40
CA LEU A 247 -27.02 12.34 26.33
C LEU A 247 -28.17 13.19 26.86
N SER A 248 -28.97 12.63 27.77
CA SER A 248 -30.03 13.41 28.38
C SER A 248 -29.47 14.56 29.21
N GLN A 249 -28.27 14.40 29.76
CA GLN A 249 -27.67 15.47 30.55
C GLN A 249 -27.09 16.56 29.65
N MET A 250 -26.53 16.19 28.50
CA MET A 250 -25.81 17.16 27.68
C MET A 250 -26.74 18.21 27.12
N SER A 251 -26.24 19.44 27.04
CA SER A 251 -27.05 20.58 26.62
C SER A 251 -27.47 20.44 25.16
N LYS A 252 -28.62 21.04 24.84
CA LYS A 252 -29.13 20.98 23.49
C LYS A 252 -28.37 21.88 22.53
N GLU A 253 -27.52 22.78 23.03
CA GLU A 253 -26.70 23.60 22.17
C GLU A 253 -25.58 22.80 21.51
N VAL A 254 -25.25 21.63 22.04
CA VAL A 254 -24.32 20.71 21.39
C VAL A 254 -25.14 19.92 20.38
N ASN A 255 -25.06 20.30 19.10
CA ASN A 255 -25.83 19.64 18.07
C ASN A 255 -25.15 19.86 16.73
N ALA A 256 -25.59 19.11 15.74
CA ALA A 256 -25.15 19.27 14.36
C ALA A 256 -26.40 19.55 13.52
N ARG A 257 -26.79 20.82 13.47
CA ARG A 257 -27.95 21.21 12.68
C ARG A 257 -27.56 21.33 11.23
N ILE A 258 -28.36 20.75 10.34
CA ILE A 258 -28.06 20.71 8.92
C ILE A 258 -28.63 21.97 8.28
N GLU A 259 -27.74 22.79 7.73
CA GLU A 259 -28.16 23.95 6.95
C GLU A 259 -28.38 23.52 5.51
N PRO A 260 -29.58 23.67 4.95
CA PRO A 260 -29.79 23.32 3.54
C PRO A 260 -28.91 24.17 2.63
N PHE A 261 -28.35 23.54 1.61
CA PHE A 261 -27.51 24.22 0.63
C PHE A 261 -28.34 24.35 -0.63
N LEU A 262 -28.91 25.52 -0.83
CA LEU A 262 -29.82 25.77 -1.94
C LEU A 262 -29.10 26.56 -3.04
N ARG A 263 -29.84 26.84 -4.11
CA ARG A 263 -29.28 27.61 -5.22
C ARG A 263 -28.94 29.04 -4.79
N THR A 264 -29.66 29.58 -3.82
CA THR A 264 -29.44 30.93 -3.34
C THR A 264 -28.58 30.98 -2.08
N THR A 265 -28.05 29.83 -1.64
CA THR A 265 -27.27 29.75 -0.41
C THR A 265 -25.85 30.28 -0.57
N PRO A 266 -25.05 29.79 -1.52
CA PRO A 266 -23.62 30.17 -1.52
C PRO A 266 -23.40 31.58 -2.06
N ARG A 267 -22.48 32.28 -1.39
CA ARG A 267 -22.01 33.61 -1.74
C ARG A 267 -20.66 33.51 -2.44
N PRO A 268 -20.24 34.55 -3.16
CA PRO A 268 -18.92 34.51 -3.78
C PRO A 268 -17.81 34.64 -2.75
N LEU A 269 -16.67 34.03 -3.06
CA LEU A 269 -15.50 34.17 -2.20
C LEU A 269 -15.03 35.62 -2.18
N ARG A 270 -14.47 36.02 -1.04
CA ARG A 270 -13.99 37.39 -0.86
C ARG A 270 -12.48 37.40 -1.06
N LEU A 271 -12.04 38.07 -2.13
CA LEU A 271 -10.61 38.21 -2.38
C LEU A 271 -10.04 39.35 -1.55
N PRO A 272 -8.77 39.26 -1.19
CA PRO A 272 -8.18 40.29 -0.31
C PRO A 272 -8.10 41.65 -0.98
N ASP A 273 -7.81 42.65 -0.16
CA ASP A 273 -7.63 44.02 -0.60
C ASP A 273 -6.17 44.42 -0.47
N GLY A 274 -5.78 45.40 -1.27
CA GLY A 274 -4.44 45.92 -1.22
C GLY A 274 -3.97 46.37 -2.58
N PRO A 275 -2.67 46.66 -2.71
CA PRO A 275 -2.09 46.93 -4.01
C PRO A 275 -2.25 45.73 -4.93
N PRO A 276 -2.27 45.94 -6.25
CA PRO A 276 -2.41 44.80 -7.16
C PRO A 276 -1.24 43.84 -7.06
N CYS A 277 -1.49 42.60 -7.44
CA CYS A 277 -0.46 41.58 -7.37
C CYS A 277 0.61 41.82 -8.43
N SER A 278 1.80 41.29 -8.18
CA SER A 278 2.96 41.48 -9.03
C SER A 278 3.35 40.16 -9.70
N GLN A 279 4.15 40.26 -10.75
CA GLN A 279 4.67 39.08 -11.41
C GLN A 279 5.74 38.43 -10.54
N ARG A 280 5.64 37.11 -10.37
CA ARG A 280 6.59 36.37 -9.55
C ARG A 280 7.14 35.13 -10.25
N SER A 281 6.97 35.02 -11.57
CA SER A 281 7.54 33.91 -12.31
C SER A 281 9.07 34.01 -12.34
N LYS A 282 9.72 32.86 -12.49
CA LYS A 282 11.17 32.85 -12.61
C LYS A 282 11.64 33.36 -13.96
N PHE A 283 10.73 33.52 -14.93
CA PHE A 283 11.07 34.07 -16.23
C PHE A 283 9.82 34.69 -16.84
N LEU A 284 10.03 35.53 -17.84
CA LEU A 284 8.91 36.15 -18.53
C LEU A 284 8.11 35.10 -19.30
N LEU A 285 6.80 35.30 -19.37
CA LEU A 285 5.93 34.34 -20.03
C LEU A 285 5.28 34.89 -21.29
N MET A 286 4.46 35.93 -21.17
CA MET A 286 3.78 36.50 -22.32
C MET A 286 4.49 37.71 -22.90
N ASP A 287 5.42 38.29 -22.15
CA ASP A 287 6.19 39.43 -22.61
C ASP A 287 7.58 39.03 -23.08
N ALA A 288 7.88 37.74 -23.13
CA ALA A 288 9.20 37.28 -23.51
C ALA A 288 9.44 37.53 -25.00
N LEU A 289 10.67 37.94 -25.31
CA LEU A 289 11.13 38.10 -26.68
C LEU A 289 12.40 37.31 -26.86
N LYS A 290 12.54 36.64 -27.99
CA LYS A 290 13.68 35.78 -28.26
C LYS A 290 14.40 36.23 -29.52
N LEU A 291 15.73 36.16 -29.47
CA LEU A 291 16.58 36.33 -30.63
C LEU A 291 16.90 34.94 -31.16
N SER A 292 16.53 34.66 -32.40
CA SER A 292 16.55 33.30 -32.91
C SER A 292 17.48 33.16 -34.11
N ILE A 293 18.11 32.00 -34.18
CA ILE A 293 18.83 31.56 -35.37
C ILE A 293 17.99 30.49 -36.06
N GLU A 294 17.77 30.70 -37.37
CA GLU A 294 16.87 29.88 -38.17
C GLU A 294 17.33 28.44 -38.29
N ASP A 295 18.62 28.17 -38.11
CA ASP A 295 19.10 26.80 -38.03
C ASP A 295 20.44 26.80 -37.32
N PRO A 296 20.56 26.12 -36.18
CA PRO A 296 21.88 26.02 -35.53
C PRO A 296 22.83 25.12 -36.28
N SER A 297 23.34 25.59 -37.41
CA SER A 297 24.22 24.81 -38.26
C SER A 297 25.66 25.31 -38.19
N HIS A 298 26.07 25.81 -37.03
CA HIS A 298 27.39 26.40 -36.85
C HIS A 298 28.34 25.40 -36.19
N GLU A 299 29.54 25.85 -35.87
CA GLU A 299 30.57 25.01 -35.29
C GLU A 299 30.41 24.97 -33.77
N GLY A 300 30.67 23.79 -33.20
CA GLY A 300 30.56 23.60 -31.76
C GLY A 300 29.15 23.75 -31.24
N GLU A 301 28.16 23.32 -32.02
CA GLU A 301 26.76 23.48 -31.64
C GLU A 301 26.43 22.63 -30.42
N GLY A 302 25.42 23.07 -29.69
CA GLY A 302 25.00 22.38 -28.47
C GLY A 302 25.43 23.10 -27.21
N ILE A 303 26.65 23.63 -27.20
CA ILE A 303 27.12 24.44 -26.08
C ILE A 303 26.30 25.73 -26.05
N PRO A 304 25.76 26.13 -24.89
CA PRO A 304 24.85 27.30 -24.87
C PRO A 304 25.53 28.63 -25.16
N LEU A 305 26.80 28.80 -24.83
CA LEU A 305 27.43 30.11 -25.03
C LEU A 305 27.62 30.43 -26.52
N TYR A 306 27.99 29.42 -27.31
CA TYR A 306 28.08 29.62 -28.77
C TYR A 306 26.75 30.10 -29.33
N ASP A 307 25.68 29.37 -29.03
CA ASP A 307 24.37 29.71 -29.54
C ASP A 307 23.90 31.07 -29.05
N ALA A 308 24.20 31.40 -27.80
CA ALA A 308 23.85 32.71 -27.26
C ALA A 308 24.56 33.83 -28.02
N ILE A 309 25.86 33.67 -28.25
CA ILE A 309 26.63 34.70 -28.95
C ILE A 309 26.10 34.88 -30.36
N LYS A 310 25.84 33.77 -31.05
CA LYS A 310 25.32 33.86 -32.42
C LYS A 310 23.94 34.51 -32.44
N CYS A 311 23.03 34.09 -31.55
CA CYS A 311 21.70 34.66 -31.52
C CYS A 311 21.74 36.15 -31.24
N MET A 312 22.66 36.60 -30.37
CA MET A 312 22.82 38.04 -30.18
C MET A 312 23.33 38.72 -31.44
N LYS A 313 24.25 38.09 -32.17
CA LYS A 313 24.76 38.73 -33.38
C LYS A 313 23.68 38.89 -34.44
N THR A 314 22.61 38.10 -34.41
CA THR A 314 21.52 38.26 -35.37
C THR A 314 20.75 39.56 -35.18
N PHE A 315 20.97 40.28 -34.08
CA PHE A 315 20.23 41.49 -33.79
C PHE A 315 21.12 42.71 -34.02
N PHE A 316 20.66 43.63 -34.84
CA PHE A 316 21.27 44.94 -35.04
C PHE A 316 20.28 46.00 -34.59
N GLY A 317 20.74 46.91 -33.74
CA GLY A 317 19.82 47.87 -33.15
C GLY A 317 20.09 48.14 -31.69
N TRP A 318 21.17 47.57 -31.16
CA TRP A 318 21.59 47.89 -29.80
C TRP A 318 21.80 49.39 -29.65
N LYS A 319 21.46 49.89 -28.46
CA LYS A 319 21.68 51.29 -28.09
C LYS A 319 22.53 51.32 -26.83
N GLU A 320 22.69 52.51 -26.28
CA GLU A 320 23.27 52.65 -24.95
C GLU A 320 22.18 52.41 -23.91
N PRO A 321 22.31 51.40 -23.06
CA PRO A 321 21.22 51.07 -22.13
C PRO A 321 20.98 52.19 -21.13
N ASN A 322 19.69 52.47 -20.88
CA ASN A 322 19.29 53.43 -19.88
C ASN A 322 18.07 52.90 -19.14
N ILE A 323 17.90 53.35 -17.91
CA ILE A 323 16.84 52.85 -17.05
C ILE A 323 15.52 53.48 -17.46
N ILE A 324 14.50 52.65 -17.69
CA ILE A 324 13.19 53.11 -18.11
C ILE A 324 12.16 52.97 -17.00
N LYS A 325 12.22 51.89 -16.22
CA LYS A 325 11.34 51.70 -15.08
C LYS A 325 12.18 51.14 -13.94
N PRO A 326 12.52 51.97 -12.95
CA PRO A 326 13.46 51.53 -11.92
C PRO A 326 12.82 50.59 -10.91
N HIS A 327 13.67 49.76 -10.31
CA HIS A 327 13.27 48.90 -9.20
C HIS A 327 13.30 49.75 -7.93
N GLU A 328 12.11 50.12 -7.44
CA GLU A 328 12.01 51.17 -6.43
C GLU A 328 12.69 50.82 -5.12
N LYS A 329 12.95 49.53 -4.86
CA LYS A 329 13.58 49.12 -3.62
C LYS A 329 15.02 48.67 -3.82
N GLY A 330 15.56 48.80 -5.03
CA GLY A 330 16.90 48.35 -5.34
C GLY A 330 17.80 49.48 -5.80
N ILE A 331 19.05 49.12 -6.09
CA ILE A 331 20.06 50.03 -6.61
C ILE A 331 20.15 49.75 -8.11
N ASN A 332 19.51 50.58 -8.91
CA ASN A 332 19.37 50.40 -10.35
C ASN A 332 20.69 50.58 -11.12
N PRO A 333 21.57 51.51 -10.74
CA PRO A 333 22.90 51.54 -11.37
C PRO A 333 23.61 50.20 -11.32
N ASN A 334 23.38 49.40 -10.29
CA ASN A 334 23.96 48.07 -10.25
C ASN A 334 23.41 47.19 -11.36
N TYR A 335 22.12 47.31 -11.67
CA TYR A 335 21.55 46.53 -12.77
C TYR A 335 22.11 46.98 -14.12
N LEU A 336 22.23 48.30 -14.31
CA LEU A 336 22.83 48.81 -15.54
C LEU A 336 24.26 48.30 -15.70
N LEU A 337 25.03 48.34 -14.61
CA LEU A 337 26.41 47.86 -14.65
C LEU A 337 26.47 46.36 -14.87
N THR A 338 25.51 45.61 -14.35
CA THR A 338 25.47 44.17 -14.57
C THR A 338 25.20 43.85 -16.03
N TRP A 339 24.29 44.57 -16.67
CA TRP A 339 24.07 44.35 -18.10
C TRP A 339 25.29 44.74 -18.92
N LYS A 340 25.90 45.89 -18.61
CA LYS A 340 27.13 46.27 -19.29
C LYS A 340 28.22 45.22 -19.12
N GLN A 341 28.31 44.64 -17.93
CA GLN A 341 29.33 43.62 -17.67
C GLN A 341 29.04 42.34 -18.45
N VAL A 342 27.76 41.98 -18.56
CA VAL A 342 27.39 40.81 -19.37
C VAL A 342 27.80 41.04 -20.82
N LEU A 343 27.51 42.22 -21.36
CA LEU A 343 27.92 42.53 -22.72
C LEU A 343 29.43 42.51 -22.88
N ALA A 344 30.15 43.06 -21.91
CA ALA A 344 31.61 43.14 -22.00
C ALA A 344 32.24 41.75 -21.94
N GLU A 345 31.75 40.88 -21.06
CA GLU A 345 32.32 39.54 -20.96
C GLU A 345 31.94 38.68 -22.14
N LEU A 346 30.75 38.89 -22.72
CA LEU A 346 30.41 38.20 -23.96
C LEU A 346 31.34 38.62 -25.08
N GLN A 347 31.55 39.93 -25.23
CA GLN A 347 32.52 40.41 -26.21
C GLN A 347 33.91 39.87 -25.94
N ASP A 348 34.26 39.68 -24.66
CA ASP A 348 35.57 39.15 -24.31
C ASP A 348 35.73 37.72 -24.81
N ILE A 349 34.86 36.82 -24.37
CA ILE A 349 35.02 35.42 -24.75
C ILE A 349 34.59 35.14 -26.19
N GLU A 350 34.00 36.12 -26.88
CA GLU A 350 33.81 36.00 -28.31
C GLU A 350 35.05 36.44 -29.09
N ASN A 351 35.66 37.57 -28.68
CA ASN A 351 36.92 38.01 -29.27
C ASN A 351 38.00 36.95 -29.16
N GLU A 352 37.89 36.05 -28.18
CA GLU A 352 38.85 34.97 -28.04
C GLU A 352 38.54 33.84 -29.02
N GLU A 353 37.25 33.61 -29.27
CA GLU A 353 36.77 32.42 -29.98
C GLU A 353 37.43 31.15 -29.43
N LYS A 354 37.72 31.15 -28.14
CA LYS A 354 37.95 29.95 -27.35
C LYS A 354 36.86 29.95 -26.29
N ILE A 355 35.67 29.48 -26.67
CA ILE A 355 34.45 29.71 -25.89
C ILE A 355 34.24 28.49 -25.00
N PRO A 356 34.47 28.60 -23.70
CA PRO A 356 34.31 27.44 -22.82
C PRO A 356 32.85 27.04 -22.69
N ARG A 357 32.63 25.87 -22.08
CA ARG A 357 31.27 25.44 -21.78
C ARG A 357 30.58 26.38 -20.81
N THR A 358 31.34 27.02 -19.91
CA THR A 358 30.82 27.93 -18.91
C THR A 358 31.74 29.13 -18.79
N LYS A 359 31.14 30.30 -18.59
CA LYS A 359 31.90 31.53 -18.34
C LYS A 359 31.59 32.03 -16.93
N ASN A 360 32.63 32.30 -16.17
CA ASN A 360 32.47 32.89 -14.85
C ASN A 360 32.58 34.41 -14.96
N MET A 361 31.58 35.10 -14.42
CA MET A 361 31.55 36.55 -14.41
C MET A 361 32.38 37.06 -13.24
N LYS A 362 33.13 38.13 -13.48
CA LYS A 362 33.95 38.69 -12.41
C LYS A 362 33.07 39.19 -11.28
N LYS A 363 33.47 38.87 -10.05
CA LYS A 363 32.71 39.27 -8.86
C LYS A 363 32.93 40.76 -8.62
N THR A 364 32.20 41.56 -9.37
CA THR A 364 32.25 43.01 -9.23
C THR A 364 31.35 43.45 -8.08
N SER A 365 31.33 44.76 -7.84
CA SER A 365 30.46 45.32 -6.80
C SER A 365 28.99 45.12 -7.15
N GLN A 366 28.61 45.45 -8.38
CA GLN A 366 27.21 45.34 -8.79
C GLN A 366 26.74 43.89 -8.76
N LEU A 367 27.62 42.95 -9.12
CA LEU A 367 27.27 41.54 -9.07
C LEU A 367 27.17 41.05 -7.63
N LYS A 368 28.01 41.57 -6.74
CA LYS A 368 27.92 41.21 -5.34
C LYS A 368 26.64 41.75 -4.71
N TRP A 369 26.18 42.92 -5.14
CA TRP A 369 24.93 43.45 -4.59
C TRP A 369 23.73 42.71 -5.15
N ALA A 370 23.68 42.53 -6.47
CA ALA A 370 22.49 41.93 -7.09
C ALA A 370 22.34 40.47 -6.72
N LEU A 371 23.43 39.78 -6.42
CA LEU A 371 23.37 38.38 -6.02
C LEU A 371 23.37 38.21 -4.51
N GLY A 372 23.30 39.30 -3.75
CA GLY A 372 23.16 39.23 -2.31
C GLY A 372 24.32 38.58 -1.59
N GLU A 373 25.54 38.77 -2.10
CA GLU A 373 26.70 38.23 -1.41
C GLU A 373 26.99 39.03 -0.15
N ASN A 374 27.36 38.32 0.92
CA ASN A 374 27.63 38.92 2.23
C ASN A 374 26.40 39.64 2.79
N MET A 375 25.22 39.14 2.49
CA MET A 375 23.98 39.68 3.03
C MET A 375 23.43 38.85 4.20
N ALA A 376 23.99 37.68 4.45
CA ALA A 376 23.61 36.89 5.61
C ALA A 376 24.35 37.38 6.84
N PRO A 377 23.68 37.60 7.96
CA PRO A 377 24.38 38.05 9.18
C PRO A 377 25.35 37.01 9.69
N GLU A 378 26.33 37.48 10.46
CA GLU A 378 27.32 36.58 11.04
C GLU A 378 26.69 35.76 12.15
N LYS A 379 26.91 34.44 12.11
CA LYS A 379 26.38 33.54 13.13
C LYS A 379 27.27 33.58 14.36
N VAL A 380 26.75 34.13 15.46
CA VAL A 380 27.48 34.25 16.71
C VAL A 380 26.74 33.48 17.79
N ASP A 381 27.40 33.31 18.93
CA ASP A 381 26.81 32.64 20.07
C ASP A 381 25.91 33.59 20.86
N PHE A 382 24.86 33.03 21.45
CA PHE A 382 23.92 33.85 22.19
C PHE A 382 24.55 34.55 23.39
N GLU A 383 25.59 33.95 23.97
CA GLU A 383 26.25 34.55 25.13
C GLU A 383 27.19 35.69 24.74
N ASP A 384 27.41 35.92 23.45
CA ASP A 384 28.19 37.06 22.99
C ASP A 384 27.34 38.21 22.47
N CYS A 385 26.03 38.00 22.32
CA CYS A 385 25.18 39.04 21.74
C CYS A 385 23.82 39.16 22.43
N LYS A 386 23.66 38.60 23.63
CA LYS A 386 22.39 38.69 24.33
C LYS A 386 22.04 40.12 24.74
N ASP A 387 23.04 41.00 24.85
CA ASP A 387 22.83 42.37 25.31
C ASP A 387 22.87 43.37 24.16
N VAL A 388 22.31 43.00 23.01
CA VAL A 388 22.15 43.90 21.87
C VAL A 388 20.72 44.43 21.90
N ASN A 389 20.55 45.73 21.66
CA ASN A 389 19.28 46.38 21.91
C ASN A 389 18.19 45.87 20.98
N ASP A 390 18.52 45.64 19.70
CA ASP A 390 17.52 45.28 18.71
C ASP A 390 17.54 43.80 18.37
N LEU A 391 18.25 42.97 19.15
CA LEU A 391 18.18 41.53 18.97
C LEU A 391 16.74 41.06 19.14
N LYS A 392 16.23 40.36 18.15
CA LYS A 392 14.81 40.03 18.09
C LYS A 392 14.62 38.71 17.38
N GLN A 393 13.46 38.10 17.63
CA GLN A 393 13.04 36.95 16.85
C GLN A 393 12.87 37.33 15.39
N TYR A 394 13.19 36.39 14.50
CA TYR A 394 13.06 36.62 13.07
C TYR A 394 11.65 37.10 12.73
N ASP A 395 11.56 38.01 11.76
CA ASP A 395 10.26 38.47 11.30
C ASP A 395 9.47 37.30 10.76
N SER A 396 8.30 37.06 11.34
CA SER A 396 7.43 35.95 10.99
C SER A 396 6.02 36.45 10.73
N ASP A 397 5.91 37.50 9.94
CA ASP A 397 4.63 38.13 9.69
C ASP A 397 3.81 37.32 8.68
N GLU A 398 2.51 37.54 8.71
CA GLU A 398 1.67 37.06 7.62
C GLU A 398 2.08 37.76 6.33
N PRO A 399 2.05 37.07 5.20
CA PRO A 399 2.33 37.74 3.93
C PRO A 399 1.38 38.92 3.72
N GLU A 400 1.89 39.97 3.11
CA GLU A 400 1.10 41.18 2.93
C GLU A 400 0.08 40.95 1.83
N PRO A 401 -1.19 41.28 2.06
CA PRO A 401 -2.23 40.98 1.08
C PRO A 401 -2.07 41.80 -0.19
N ARG A 402 -2.51 41.21 -1.30
CA ARG A 402 -2.53 41.88 -2.59
C ARG A 402 -3.87 41.67 -3.25
N SER A 403 -4.20 42.56 -4.18
CA SER A 403 -5.44 42.48 -4.93
C SER A 403 -5.20 41.81 -6.28
N LEU A 404 -6.27 41.21 -6.82
CA LEU A 404 -6.19 40.57 -8.12
C LEU A 404 -6.16 41.61 -9.23
N ALA A 405 -5.14 41.52 -10.08
CA ALA A 405 -4.98 42.40 -11.23
C ALA A 405 -5.25 41.63 -12.51
N CYS A 406 -5.63 42.36 -13.55
CA CYS A 406 -6.10 41.74 -14.79
C CYS A 406 -4.98 41.18 -15.65
N TRP A 407 -3.72 41.26 -15.23
CA TRP A 407 -2.64 40.76 -16.07
C TRP A 407 -2.51 39.24 -16.01
N ILE A 408 -2.93 38.62 -14.91
CA ILE A 408 -2.78 37.17 -14.79
C ILE A 408 -3.78 36.45 -15.69
N GLN A 409 -4.98 37.01 -15.85
CA GLN A 409 -5.94 36.41 -16.78
C GLN A 409 -5.46 36.54 -18.21
N SER A 410 -4.79 37.64 -18.54
CA SER A 410 -4.18 37.78 -19.86
C SER A 410 -3.04 36.78 -20.06
N GLU A 411 -2.22 36.59 -19.02
CA GLU A 411 -1.16 35.58 -19.09
C GLU A 411 -1.75 34.20 -19.35
N PHE A 412 -2.83 33.84 -18.66
CA PHE A 412 -3.43 32.53 -18.87
C PHE A 412 -4.08 32.42 -20.23
N ASN A 413 -4.74 33.48 -20.70
CA ASN A 413 -5.33 33.48 -22.03
C ASN A 413 -4.26 33.26 -23.10
N LYS A 414 -3.08 33.85 -22.90
CA LYS A 414 -2.00 33.69 -23.85
C LYS A 414 -1.34 32.33 -23.75
N ALA A 415 -1.35 31.72 -22.56
CA ALA A 415 -0.73 30.41 -22.41
C ALA A 415 -1.56 29.30 -23.05
N CYS A 416 -2.84 29.56 -23.35
CA CYS A 416 -3.70 28.58 -23.98
C CYS A 416 -3.69 28.69 -25.50
N GLU A 417 -2.94 29.63 -26.05
CA GLU A 417 -3.00 29.90 -27.48
C GLU A 417 -2.29 28.81 -28.28
N LEU A 418 -2.70 28.70 -29.54
CA LEU A 418 -2.00 27.87 -30.51
C LEU A 418 -0.85 28.67 -31.10
N THR A 419 0.30 28.02 -31.27
CA THR A 419 1.48 28.66 -31.80
C THR A 419 1.79 28.12 -33.18
N ASP A 420 2.83 28.68 -33.80
CA ASP A 420 3.28 28.26 -35.11
C ASP A 420 4.41 27.24 -35.05
N SER A 421 5.31 27.38 -34.09
CA SER A 421 6.40 26.45 -33.91
C SER A 421 5.94 25.22 -33.13
N SER A 422 6.71 24.15 -33.25
CA SER A 422 6.51 22.94 -32.46
C SER A 422 7.54 22.94 -31.34
N TRP A 423 7.07 22.83 -30.10
CA TRP A 423 7.91 23.09 -28.95
C TRP A 423 8.43 21.83 -28.27
N VAL A 424 7.93 20.66 -28.63
CA VAL A 424 8.40 19.40 -28.05
C VAL A 424 8.60 18.39 -29.18
N GLU A 425 9.76 17.75 -29.19
CA GLU A 425 10.05 16.65 -30.10
C GLU A 425 10.11 15.38 -29.27
N LEU A 426 9.04 14.60 -29.34
CA LEU A 426 8.94 13.40 -28.52
C LEU A 426 9.68 12.24 -29.17
N ASP A 427 10.19 11.34 -28.33
CA ASP A 427 11.03 10.25 -28.82
C ASP A 427 10.19 9.27 -29.64
N GLU A 428 10.89 8.26 -30.16
CA GLU A 428 10.24 7.16 -30.86
C GLU A 428 9.81 6.07 -29.90
N ILE A 429 8.73 5.38 -30.26
CA ILE A 429 8.30 4.18 -29.57
C ILE A 429 8.33 3.03 -30.56
N GLY A 430 8.19 1.82 -30.05
CA GLY A 430 8.17 0.65 -30.89
C GLY A 430 7.04 0.71 -31.91
N GLU A 431 7.14 -0.16 -32.90
CA GLU A 431 6.13 -0.19 -33.95
C GLU A 431 4.81 -0.72 -33.42
N ASP A 432 3.73 -0.25 -34.03
CA ASP A 432 2.39 -0.67 -33.63
C ASP A 432 2.08 -2.03 -34.26
N VAL A 433 1.84 -3.03 -33.41
CA VAL A 433 1.47 -4.36 -33.87
C VAL A 433 0.01 -4.67 -33.55
N ALA A 434 -0.41 -4.40 -32.33
CA ALA A 434 -1.79 -4.62 -31.93
C ALA A 434 -2.70 -3.53 -32.49
N PRO A 435 -3.95 -3.88 -32.82
CA PRO A 435 -4.90 -2.85 -33.27
C PRO A 435 -5.11 -1.73 -32.26
N ILE A 436 -5.06 -2.03 -30.97
CA ILE A 436 -5.18 -0.99 -29.97
C ILE A 436 -3.97 -0.05 -30.02
N GLU A 437 -2.81 -0.56 -30.43
CA GLU A 437 -1.66 0.32 -30.56
C GLU A 437 -1.80 1.25 -31.76
N HIS A 438 -2.43 0.81 -32.84
CA HIS A 438 -2.71 1.70 -33.95
C HIS A 438 -3.73 2.76 -33.57
N ILE A 439 -4.80 2.37 -32.87
CA ILE A 439 -5.77 3.34 -32.39
C ILE A 439 -5.10 4.35 -31.46
N ALA A 440 -4.24 3.86 -30.56
CA ALA A 440 -3.54 4.73 -29.64
C ALA A 440 -2.60 5.67 -30.36
N SER A 441 -1.96 5.19 -31.44
CA SER A 441 -1.04 6.04 -32.19
C SER A 441 -1.80 7.14 -32.92
N MET A 442 -2.97 6.83 -33.46
CA MET A 442 -3.78 7.87 -34.09
C MET A 442 -4.21 8.93 -33.07
N ARG A 443 -4.74 8.47 -31.93
CA ARG A 443 -5.16 9.41 -30.89
C ARG A 443 -3.97 10.23 -30.39
N ARG A 444 -2.80 9.60 -30.30
CA ARG A 444 -1.60 10.29 -29.85
C ARG A 444 -1.11 11.29 -30.88
N ASN A 445 -1.33 11.02 -32.17
CA ASN A 445 -1.00 12.02 -33.18
C ASN A 445 -1.88 13.26 -33.01
N TYR A 446 -3.18 13.05 -32.78
CA TYR A 446 -4.04 14.20 -32.48
C TYR A 446 -3.58 14.94 -31.23
N PHE A 447 -3.26 14.20 -30.18
CA PHE A 447 -2.82 14.80 -28.92
C PHE A 447 -1.53 15.59 -29.09
N THR A 448 -0.56 15.00 -29.79
CA THR A 448 0.72 15.66 -30.01
C THR A 448 0.57 16.90 -30.87
N ALA A 449 -0.32 16.85 -31.86
CA ALA A 449 -0.61 18.05 -32.64
C ALA A 449 -1.17 19.16 -31.76
N GLU A 450 -2.09 18.81 -30.86
CA GLU A 450 -2.67 19.82 -29.98
C GLU A 450 -1.65 20.38 -29.00
N VAL A 451 -0.76 19.52 -28.49
CA VAL A 451 0.06 19.89 -27.34
C VAL A 451 1.42 20.48 -27.75
N SER A 452 1.96 20.07 -28.90
CA SER A 452 3.26 20.58 -29.32
C SER A 452 3.17 22.00 -29.84
N HIS A 453 1.98 22.47 -30.21
CA HIS A 453 1.78 23.82 -30.73
C HIS A 453 1.02 24.70 -29.74
N CYS A 454 1.26 24.49 -28.46
CA CYS A 454 0.66 25.30 -27.40
C CYS A 454 1.73 26.16 -26.76
N ARG A 455 1.36 27.39 -26.40
CA ARG A 455 2.31 28.28 -25.73
C ARG A 455 2.75 27.72 -24.38
N ALA A 456 1.85 27.00 -23.70
CA ALA A 456 2.19 26.39 -22.42
C ALA A 456 3.30 25.36 -22.58
N THR A 457 3.37 24.70 -23.74
CA THR A 457 4.47 23.77 -23.98
C THR A 457 5.81 24.51 -24.12
N GLU A 458 5.79 25.69 -24.72
CA GLU A 458 6.99 26.51 -24.75
C GLU A 458 7.40 26.91 -23.34
N TYR A 459 6.41 27.26 -22.50
CA TYR A 459 6.73 27.54 -21.10
C TYR A 459 7.33 26.31 -20.42
N ILE A 460 6.80 25.12 -20.71
CA ILE A 460 7.33 23.90 -20.15
C ILE A 460 8.79 23.72 -20.51
N MET A 461 9.11 23.83 -21.80
CA MET A 461 10.49 23.60 -22.24
C MET A 461 11.42 24.67 -21.70
N LYS A 462 10.97 25.92 -21.67
CA LYS A 462 11.74 27.01 -21.09
C LYS A 462 12.07 26.73 -19.63
N GLY A 463 11.06 26.37 -18.85
CA GLY A 463 11.30 26.12 -17.43
C GLY A 463 12.17 24.92 -17.17
N VAL A 464 11.99 23.86 -17.96
CA VAL A 464 12.82 22.67 -17.80
C VAL A 464 14.28 23.00 -18.11
N TYR A 465 14.53 23.69 -19.21
CA TYR A 465 15.90 24.06 -19.55
C TYR A 465 16.51 24.97 -18.49
N ILE A 466 15.76 25.97 -18.03
CA ILE A 466 16.31 26.93 -17.08
C ILE A 466 16.62 26.24 -15.75
N ASN A 467 15.70 25.42 -15.26
CA ASN A 467 15.91 24.75 -13.98
C ASN A 467 17.05 23.74 -14.08
N THR A 468 17.17 23.05 -15.22
CA THR A 468 18.26 22.10 -15.40
C THR A 468 19.61 22.83 -15.42
N ALA A 469 19.69 23.92 -16.18
CA ALA A 469 20.93 24.68 -16.24
C ALA A 469 21.29 25.24 -14.88
N LEU A 470 20.30 25.73 -14.13
CA LEU A 470 20.56 26.30 -12.81
C LEU A 470 21.03 25.23 -11.83
N LEU A 471 20.40 24.05 -11.86
CA LEU A 471 20.83 22.98 -10.95
C LEU A 471 22.24 22.50 -11.29
N ASN A 472 22.53 22.33 -12.58
CA ASN A 472 23.87 21.87 -12.96
C ASN A 472 24.93 22.92 -12.61
N ALA A 473 24.61 24.20 -12.79
CA ALA A 473 25.55 25.25 -12.41
C ALA A 473 25.74 25.28 -10.89
N SER A 474 24.66 25.13 -10.13
CA SER A 474 24.76 25.17 -8.68
C SER A 474 25.60 24.00 -8.15
N CYS A 475 25.49 22.85 -8.79
CA CYS A 475 26.30 21.70 -8.37
C CYS A 475 27.76 21.85 -8.80
N ALA A 476 28.00 22.22 -10.05
CA ALA A 476 29.35 22.20 -10.59
C ALA A 476 30.20 23.37 -10.13
N ALA A 477 29.60 24.53 -9.86
CA ALA A 477 30.32 25.75 -9.49
C ALA A 477 29.63 26.38 -8.28
N MET A 478 30.06 26.00 -7.08
CA MET A 478 29.42 26.52 -5.88
C MET A 478 29.86 27.95 -5.55
N ASP A 479 31.08 28.32 -5.92
CA ASP A 479 31.65 29.60 -5.52
C ASP A 479 31.76 30.58 -6.68
N ASP A 480 31.18 30.25 -7.83
CA ASP A 480 31.35 31.05 -9.03
C ASP A 480 30.04 31.75 -9.39
N PHE A 481 30.18 32.85 -10.11
CA PHE A 481 29.04 33.53 -10.72
C PHE A 481 28.98 33.07 -12.17
N GLN A 482 28.20 32.02 -12.42
CA GLN A 482 28.17 31.45 -13.77
C GLN A 482 27.19 32.21 -14.65
N LEU A 483 27.56 32.42 -15.91
CA LEU A 483 26.68 33.06 -16.88
C LEU A 483 25.89 31.97 -17.61
N ILE A 484 24.57 32.00 -17.43
CA ILE A 484 23.70 30.97 -18.01
C ILE A 484 22.74 31.60 -19.01
N PRO A 485 22.89 31.34 -20.30
CA PRO A 485 21.91 31.84 -21.28
C PRO A 485 20.62 31.04 -21.25
N MET A 486 19.52 31.75 -21.49
CA MET A 486 18.20 31.13 -21.55
C MET A 486 17.93 30.68 -22.97
N ILE A 487 18.15 29.41 -23.24
CA ILE A 487 18.12 28.85 -24.60
C ILE A 487 16.91 27.92 -24.73
N SER A 488 16.27 27.97 -25.89
CA SER A 488 15.19 27.05 -26.20
C SER A 488 15.32 26.60 -27.65
N LYS A 489 14.83 25.40 -27.94
CA LYS A 489 14.83 24.85 -29.29
C LYS A 489 13.41 24.58 -29.75
N CYS A 490 13.13 24.89 -31.01
CA CYS A 490 11.80 24.64 -31.55
C CYS A 490 11.92 24.25 -33.01
N ARG A 491 10.78 23.93 -33.63
CA ARG A 491 10.71 23.60 -35.04
C ARG A 491 9.66 24.48 -35.67
N THR A 492 10.05 25.25 -36.69
CA THR A 492 9.13 26.18 -37.32
C THR A 492 8.03 25.44 -38.08
N LYS A 493 7.08 26.22 -38.60
CA LYS A 493 6.00 25.64 -39.38
C LYS A 493 6.53 24.97 -40.64
N GLU A 494 7.62 25.50 -41.21
CA GLU A 494 8.22 24.87 -42.38
C GLU A 494 9.01 23.62 -42.04
N GLY A 495 9.37 23.44 -40.77
CA GLY A 495 9.91 22.17 -40.30
C GLY A 495 11.38 22.14 -39.92
N ARG A 496 12.10 23.26 -39.96
CA ARG A 496 13.52 23.25 -39.64
C ARG A 496 13.74 23.71 -38.20
N ARG A 497 14.83 23.21 -37.61
CA ARG A 497 15.15 23.53 -36.23
C ARG A 497 15.52 25.00 -36.08
N LYS A 498 15.17 25.56 -34.93
CA LYS A 498 15.40 26.96 -34.64
C LYS A 498 15.85 27.08 -33.19
N THR A 499 16.87 27.90 -32.95
CA THR A 499 17.34 28.16 -31.59
C THR A 499 16.96 29.57 -31.18
N ASN A 500 16.49 29.72 -29.94
CA ASN A 500 15.98 30.97 -29.42
C ASN A 500 16.70 31.32 -28.13
N LEU A 501 17.10 32.58 -28.01
CA LEU A 501 17.67 33.14 -26.79
C LEU A 501 16.66 34.11 -26.18
N TYR A 502 16.32 33.88 -24.91
CA TYR A 502 15.42 34.78 -24.20
C TYR A 502 16.15 35.82 -23.37
N GLY A 503 17.40 35.59 -23.05
CA GLY A 503 18.15 36.44 -22.16
C GLY A 503 19.23 35.64 -21.45
N PHE A 504 19.58 36.10 -20.25
CA PHE A 504 20.72 35.55 -19.54
C PHE A 504 20.42 35.47 -18.05
N ILE A 505 21.08 34.54 -17.38
CA ILE A 505 20.97 34.36 -15.94
C ILE A 505 22.37 34.25 -15.37
N ILE A 506 22.66 35.04 -14.35
CA ILE A 506 23.89 34.90 -13.57
C ILE A 506 23.54 34.29 -12.23
N LYS A 507 24.08 33.10 -11.97
CA LYS A 507 23.86 32.42 -10.70
C LYS A 507 24.86 32.93 -9.66
N GLY A 508 24.37 33.18 -8.46
CA GLY A 508 25.22 33.55 -7.35
C GLY A 508 25.93 32.35 -6.75
N ARG A 509 26.39 32.53 -5.52
CA ARG A 509 26.98 31.42 -4.78
C ARG A 509 25.89 30.45 -4.36
N SER A 510 26.18 29.15 -4.45
CA SER A 510 25.17 28.11 -4.30
C SER A 510 25.66 27.00 -3.39
N HIS A 511 26.20 27.37 -2.22
CA HIS A 511 26.53 26.43 -1.17
C HIS A 511 25.23 26.02 -0.47
N LEU A 512 24.52 25.07 -1.08
CA LEU A 512 23.18 24.69 -0.65
C LEU A 512 23.28 23.46 0.25
N ARG A 513 23.21 23.68 1.56
CA ARG A 513 23.30 22.59 2.52
C ARG A 513 21.98 21.82 2.60
N ASN A 514 20.90 22.52 2.92
CA ASN A 514 19.57 21.95 2.93
C ASN A 514 18.99 21.95 1.52
N ASP A 515 17.75 21.50 1.40
CA ASP A 515 17.06 21.50 0.11
C ASP A 515 16.11 22.69 -0.03
N THR A 516 16.01 23.52 1.01
CA THR A 516 15.28 24.78 0.94
C THR A 516 16.22 25.97 0.88
N ASP A 517 17.53 25.76 0.87
CA ASP A 517 18.47 26.87 0.80
C ASP A 517 18.32 27.60 -0.52
N VAL A 518 18.45 28.91 -0.48
CA VAL A 518 18.21 29.74 -1.65
C VAL A 518 19.54 30.02 -2.36
N VAL A 519 19.57 29.73 -3.66
CA VAL A 519 20.56 30.28 -4.57
C VAL A 519 19.93 31.49 -5.26
N ASN A 520 20.60 32.62 -5.16
CA ASN A 520 20.18 33.85 -5.81
C ASN A 520 20.72 33.89 -7.24
N PHE A 521 19.94 34.51 -8.13
CA PHE A 521 20.40 34.72 -9.49
C PHE A 521 19.81 36.02 -10.02
N VAL A 522 20.45 36.55 -11.05
CA VAL A 522 19.99 37.74 -11.74
C VAL A 522 19.54 37.33 -13.13
N SER A 523 18.32 37.71 -13.51
CA SER A 523 17.76 37.36 -14.80
C SER A 523 17.55 38.63 -15.62
N MET A 524 18.06 38.61 -16.85
CA MET A 524 17.93 39.72 -17.81
C MET A 524 17.25 39.16 -19.04
N GLU A 525 16.03 39.61 -19.31
CA GLU A 525 15.20 38.98 -20.34
C GLU A 525 14.72 40.02 -21.33
N PHE A 526 14.91 39.72 -22.62
CA PHE A 526 14.47 40.61 -23.68
C PHE A 526 12.94 40.68 -23.73
N SER A 527 12.44 41.85 -24.09
CA SER A 527 11.01 42.03 -24.22
C SER A 527 10.73 43.19 -25.15
N LEU A 528 9.51 43.22 -25.68
CA LEU A 528 9.00 44.37 -26.41
C LEU A 528 7.86 45.05 -25.67
N THR A 529 7.58 44.61 -24.44
CA THR A 529 6.47 45.13 -23.67
C THR A 529 6.92 46.36 -22.88
N ASP A 530 6.20 47.46 -23.07
CA ASP A 530 6.47 48.69 -22.34
C ASP A 530 6.18 48.50 -20.86
N PRO A 531 7.16 48.63 -19.97
CA PRO A 531 6.90 48.40 -18.55
C PRO A 531 6.06 49.48 -17.89
N ARG A 532 5.82 50.60 -18.55
CA ARG A 532 5.03 51.69 -18.00
C ARG A 532 3.55 51.60 -18.36
N LEU A 533 3.10 50.48 -18.90
CA LEU A 533 1.68 50.28 -19.15
C LEU A 533 0.98 49.58 -18.00
N GLU A 534 1.64 48.62 -17.37
CA GLU A 534 1.14 47.94 -16.18
C GLU A 534 2.26 47.88 -15.16
N PRO A 535 2.63 49.03 -14.59
CA PRO A 535 3.82 49.06 -13.71
C PRO A 535 3.67 48.21 -12.46
N HIS A 536 2.46 48.05 -11.95
CA HIS A 536 2.26 47.25 -10.75
C HIS A 536 2.65 45.79 -10.97
N LYS A 537 2.64 45.33 -12.22
CA LYS A 537 3.09 43.98 -12.53
C LYS A 537 4.60 43.85 -12.35
N TRP A 538 5.36 44.91 -12.60
CA TRP A 538 6.80 44.86 -12.69
C TRP A 538 7.48 45.45 -11.46
N GLU A 539 6.91 45.20 -10.28
CA GLU A 539 7.44 45.80 -9.06
C GLU A 539 8.86 45.32 -8.77
N LYS A 540 9.15 44.05 -9.03
CA LYS A 540 10.44 43.47 -8.69
C LYS A 540 11.53 43.76 -9.73
N TYR A 541 11.17 44.36 -10.86
CA TYR A 541 12.08 44.50 -11.99
C TYR A 541 12.63 45.90 -12.11
N CYS A 542 13.83 46.01 -12.67
CA CYS A 542 14.36 47.26 -13.21
C CYS A 542 14.47 47.08 -14.72
N VAL A 543 13.57 47.72 -15.46
CA VAL A 543 13.47 47.55 -16.91
C VAL A 543 14.25 48.66 -17.60
N LEU A 544 15.23 48.26 -18.40
CA LEU A 544 16.04 49.13 -19.24
C LEU A 544 15.55 49.14 -20.68
N GLU A 545 15.97 50.17 -21.41
CA GLU A 545 15.78 50.24 -22.86
C GLU A 545 17.12 49.93 -23.53
N ILE A 546 17.17 48.84 -24.27
CA ILE A 546 18.44 48.37 -24.83
C ILE A 546 18.49 48.45 -26.34
N GLY A 547 17.38 48.60 -27.03
CA GLY A 547 17.49 48.68 -28.47
C GLY A 547 16.22 49.12 -29.16
N ASP A 548 16.24 49.00 -30.48
CA ASP A 548 15.06 49.17 -31.32
C ASP A 548 14.96 47.98 -32.26
N MET A 549 13.73 47.61 -32.60
CA MET A 549 13.45 46.40 -33.35
C MET A 549 12.53 46.72 -34.53
N LEU A 550 12.82 46.09 -35.66
CA LEU A 550 12.04 46.27 -36.88
C LEU A 550 11.17 45.04 -37.07
N LEU A 551 9.85 45.21 -37.01
CA LEU A 551 8.91 44.10 -37.09
C LEU A 551 7.92 44.31 -38.22
N ARG A 552 7.84 43.34 -39.11
CA ARG A 552 6.75 43.29 -40.08
C ARG A 552 5.50 42.73 -39.41
N THR A 553 4.37 43.40 -39.61
CA THR A 553 3.10 42.90 -39.12
C THR A 553 2.18 42.48 -40.27
N ALA A 554 1.82 43.40 -41.17
CA ALA A 554 1.09 43.04 -42.38
C ALA A 554 1.85 43.42 -43.65
N VAL A 555 2.19 44.70 -43.81
CA VAL A 555 2.97 45.14 -44.97
C VAL A 555 4.03 46.14 -44.51
N GLY A 556 3.81 46.76 -43.34
CA GLY A 556 4.64 47.86 -42.92
C GLY A 556 5.33 47.65 -41.59
N GLN A 557 6.64 47.88 -41.55
CA GLN A 557 7.44 47.71 -40.35
C GLN A 557 7.63 49.03 -39.63
N VAL A 558 7.65 48.97 -38.30
CA VAL A 558 7.86 50.12 -37.44
C VAL A 558 9.06 49.83 -36.55
N SER A 559 9.66 50.89 -36.04
CA SER A 559 10.76 50.78 -35.08
C SER A 559 10.15 50.78 -33.68
N ARG A 560 10.25 49.64 -32.99
CA ARG A 560 9.64 49.48 -31.68
C ARG A 560 10.72 49.31 -30.63
N PRO A 561 10.66 50.05 -29.52
CA PRO A 561 11.70 49.91 -28.49
C PRO A 561 11.75 48.51 -27.92
N MET A 562 12.98 48.04 -27.67
CA MET A 562 13.25 46.71 -27.15
C MET A 562 13.89 46.86 -25.78
N PHE A 563 13.22 46.30 -24.76
CA PHE A 563 13.56 46.47 -23.36
C PHE A 563 14.23 45.23 -22.80
N LEU A 564 14.95 45.42 -21.69
CA LEU A 564 15.56 44.34 -20.94
C LEU A 564 15.00 44.36 -19.52
N TYR A 565 14.23 43.34 -19.17
CA TYR A 565 13.69 43.20 -17.82
C TYR A 565 14.74 42.52 -16.95
N VAL A 566 15.23 43.22 -15.95
CA VAL A 566 16.29 42.73 -15.08
C VAL A 566 15.72 42.59 -13.69
N ARG A 567 16.01 41.46 -13.04
CA ARG A 567 15.57 41.33 -11.65
C ARG A 567 16.41 40.29 -10.94
N THR A 568 16.53 40.47 -9.63
CA THR A 568 17.05 39.44 -8.75
C THR A 568 15.93 38.47 -8.39
N ASN A 569 16.20 37.18 -8.49
CA ASN A 569 15.27 36.14 -8.12
C ASN A 569 16.04 35.09 -7.34
N GLY A 570 15.31 34.14 -6.77
CA GLY A 570 15.93 33.06 -6.03
C GLY A 570 15.21 31.75 -6.28
N THR A 571 15.93 30.66 -6.04
CA THR A 571 15.32 29.34 -6.11
C THR A 571 16.07 28.40 -5.19
N SER A 572 15.51 27.21 -4.99
CA SER A 572 16.12 26.18 -4.17
C SER A 572 16.24 24.90 -4.99
N LYS A 573 16.91 23.90 -4.41
CA LYS A 573 17.06 22.64 -5.13
C LYS A 573 15.71 21.94 -5.31
N ILE A 574 14.78 22.13 -4.37
CA ILE A 574 13.46 21.53 -4.50
C ILE A 574 12.68 22.19 -5.64
N LYS A 575 12.70 23.53 -5.68
CA LYS A 575 12.04 24.23 -6.77
C LYS A 575 12.66 23.89 -8.11
N MET A 576 13.99 23.75 -8.15
CA MET A 576 14.66 23.40 -9.41
C MET A 576 14.33 21.98 -9.84
N LYS A 577 14.29 21.05 -8.87
CA LYS A 577 13.92 19.68 -9.18
C LYS A 577 12.51 19.61 -9.75
N TRP A 578 11.57 20.31 -9.12
CA TRP A 578 10.20 20.29 -9.61
C TRP A 578 10.03 21.07 -10.91
N GLY A 579 10.95 22.00 -11.20
CA GLY A 579 10.96 22.67 -12.48
C GLY A 579 11.49 21.85 -13.63
N MET A 580 12.48 20.99 -13.37
CA MET A 580 12.97 20.08 -14.40
C MET A 580 11.95 18.99 -14.75
N GLU A 581 11.07 18.65 -13.82
CA GLU A 581 10.05 17.62 -14.06
C GLU A 581 8.72 18.23 -14.46
N MET A 582 8.71 19.32 -15.21
CA MET A 582 7.46 19.98 -15.59
C MET A 582 6.76 19.32 -16.77
N ARG A 583 7.37 18.33 -17.40
CA ARG A 583 6.68 17.72 -18.53
C ARG A 583 5.56 16.81 -18.08
N ARG A 584 5.43 16.60 -16.76
CA ARG A 584 4.30 15.83 -16.27
C ARG A 584 3.03 16.61 -16.43
N CYS A 585 3.13 17.93 -16.63
CA CYS A 585 1.92 18.69 -16.85
C CYS A 585 1.21 18.21 -18.10
N LEU A 586 1.99 17.82 -19.11
CA LEU A 586 1.37 17.26 -20.32
C LEU A 586 0.50 16.08 -19.97
N LEU A 587 1.01 15.16 -19.15
CA LEU A 587 0.22 13.99 -18.80
C LEU A 587 -1.04 14.39 -18.05
N GLN A 588 -0.91 15.35 -17.12
CA GLN A 588 -2.08 15.73 -16.34
C GLN A 588 -3.20 16.17 -17.24
N SER A 589 -2.88 16.93 -18.29
CA SER A 589 -3.98 17.35 -19.15
C SER A 589 -4.44 16.23 -20.06
N LEU A 590 -3.50 15.48 -20.63
CA LEU A 590 -3.90 14.53 -21.66
C LEU A 590 -4.68 13.36 -21.09
N GLN A 591 -4.35 12.93 -19.88
CA GLN A 591 -5.09 11.86 -19.25
C GLN A 591 -6.55 12.27 -19.06
N GLN A 592 -6.77 13.52 -18.67
CA GLN A 592 -8.15 13.96 -18.52
C GLN A 592 -8.85 14.02 -19.86
N ILE A 593 -8.17 14.57 -20.87
CA ILE A 593 -8.80 14.69 -22.19
C ILE A 593 -9.17 13.32 -22.74
N GLU A 594 -8.24 12.37 -22.68
CA GLU A 594 -8.55 11.05 -23.19
C GLU A 594 -9.64 10.39 -22.37
N SER A 595 -9.68 10.65 -21.06
CA SER A 595 -10.73 10.06 -20.26
C SER A 595 -12.09 10.55 -20.71
N MET A 596 -12.19 11.84 -21.03
CA MET A 596 -13.46 12.33 -21.53
C MET A 596 -13.79 11.67 -22.85
N ILE A 597 -12.80 11.57 -23.74
CA ILE A 597 -13.02 10.89 -25.01
C ILE A 597 -13.53 9.47 -24.74
N GLU A 598 -12.85 8.77 -23.84
CA GLU A 598 -13.23 7.39 -23.58
C GLU A 598 -14.60 7.32 -22.92
N ALA A 599 -14.92 8.32 -22.09
CA ALA A 599 -16.22 8.33 -21.45
C ALA A 599 -17.33 8.38 -22.47
N GLU A 600 -17.13 9.10 -23.58
CA GLU A 600 -18.16 9.09 -24.59
C GLU A 600 -18.08 7.87 -25.50
N SER A 601 -16.87 7.31 -25.69
CA SER A 601 -16.73 6.16 -26.56
C SER A 601 -17.51 4.97 -26.01
N SER A 602 -17.52 4.79 -24.70
CA SER A 602 -18.24 3.67 -24.10
C SER A 602 -19.73 3.78 -24.39
N VAL A 603 -20.26 5.01 -24.40
CA VAL A 603 -21.67 5.15 -24.73
C VAL A 603 -21.91 4.93 -26.21
N LYS A 604 -20.99 5.38 -27.06
CA LYS A 604 -21.15 5.20 -28.49
C LYS A 604 -20.65 3.85 -29.02
N GLU A 605 -19.86 3.12 -28.24
CA GLU A 605 -19.33 1.82 -28.67
C GLU A 605 -18.45 1.96 -29.91
N LYS A 606 -17.73 3.08 -30.01
CA LYS A 606 -16.85 3.35 -31.13
C LYS A 606 -15.84 4.41 -30.72
N ASP A 607 -14.68 4.37 -31.35
CA ASP A 607 -13.67 5.39 -31.11
C ASP A 607 -14.15 6.73 -31.63
N LEU A 608 -14.19 7.74 -30.76
CA LEU A 608 -14.72 9.05 -31.09
C LEU A 608 -13.64 10.12 -31.16
N THR A 609 -12.37 9.72 -31.29
CA THR A 609 -11.29 10.70 -31.34
C THR A 609 -11.42 11.59 -32.56
N LYS A 610 -11.67 10.99 -33.73
CA LYS A 610 -11.80 11.76 -34.95
C LYS A 610 -13.04 12.65 -34.92
N GLU A 611 -14.14 12.13 -34.37
CA GLU A 611 -15.36 12.93 -34.30
C GLU A 611 -15.21 14.12 -33.36
N PHE A 612 -14.36 13.99 -32.34
CA PHE A 612 -14.13 15.09 -31.41
C PHE A 612 -13.13 16.10 -31.96
N PHE A 613 -12.08 15.62 -32.63
CA PHE A 613 -11.01 16.51 -33.06
C PHE A 613 -11.26 17.14 -34.42
N GLU A 614 -11.93 16.44 -35.34
CA GLU A 614 -12.11 16.94 -36.70
C GLU A 614 -13.46 17.59 -36.93
N ASN A 615 -14.54 16.96 -36.48
CA ASN A 615 -15.87 17.52 -36.68
C ASN A 615 -16.15 18.67 -35.73
N LYS A 616 -15.66 18.57 -34.49
CA LYS A 616 -15.89 19.59 -33.46
C LYS A 616 -17.38 19.83 -33.22
N SER A 617 -18.18 18.75 -33.32
CA SER A 617 -19.59 18.85 -32.96
C SER A 617 -19.79 18.88 -31.46
N GLU A 618 -18.89 18.24 -30.71
CA GLU A 618 -18.92 18.26 -29.26
C GLU A 618 -18.07 19.43 -28.75
N THR A 619 -18.63 20.18 -27.80
CA THR A 619 -17.95 21.32 -27.20
C THR A 619 -18.07 21.23 -25.69
N TRP A 620 -17.24 22.01 -24.99
CA TRP A 620 -17.27 22.07 -23.55
C TRP A 620 -17.13 23.51 -23.08
N PRO A 621 -17.92 23.93 -22.09
CA PRO A 621 -17.77 25.29 -21.54
C PRO A 621 -16.37 25.48 -20.98
N ILE A 622 -15.64 26.43 -21.55
CA ILE A 622 -14.22 26.57 -21.24
C ILE A 622 -13.88 28.03 -20.94
N GLY A 623 -14.81 28.93 -21.15
CA GLY A 623 -14.52 30.35 -20.96
C GLY A 623 -15.78 31.16 -20.88
N GLU A 624 -15.59 32.47 -20.66
CA GLU A 624 -16.70 33.40 -20.50
C GLU A 624 -16.40 34.66 -21.28
N SER A 625 -17.44 35.23 -21.88
CA SER A 625 -17.33 36.45 -22.67
C SER A 625 -18.46 37.41 -22.26
N PRO A 626 -18.50 38.64 -22.80
CA PRO A 626 -19.68 39.48 -22.55
C PRO A 626 -20.99 38.82 -22.98
N LYS A 627 -20.95 37.95 -23.98
CA LYS A 627 -22.15 37.21 -24.37
C LYS A 627 -22.55 36.18 -23.32
N GLY A 628 -21.59 35.67 -22.55
CA GLY A 628 -21.85 34.61 -21.60
C GLY A 628 -20.82 33.51 -21.65
N VAL A 629 -21.23 32.28 -21.36
CA VAL A 629 -20.33 31.14 -21.33
C VAL A 629 -19.97 30.74 -22.74
N GLU A 630 -18.68 30.53 -22.99
CA GLU A 630 -18.18 30.13 -24.30
C GLU A 630 -17.72 28.68 -24.26
N GLU A 631 -17.97 27.96 -25.34
CA GLU A 631 -17.68 26.53 -25.44
C GLU A 631 -16.59 26.30 -26.49
N GLY A 632 -15.57 25.55 -26.10
CA GLY A 632 -14.48 25.22 -27.00
C GLY A 632 -14.41 23.76 -27.36
N SER A 633 -13.71 23.45 -28.44
CA SER A 633 -13.54 22.07 -28.88
C SER A 633 -12.61 21.32 -27.92
N ILE A 634 -12.48 20.01 -28.17
CA ILE A 634 -11.68 19.17 -27.29
C ILE A 634 -10.22 19.61 -27.30
N GLY A 635 -9.73 20.15 -28.42
CA GLY A 635 -8.36 20.64 -28.46
C GLY A 635 -8.16 21.89 -27.63
N LYS A 636 -9.14 22.79 -27.65
CA LYS A 636 -9.08 23.97 -26.80
C LYS A 636 -9.13 23.59 -25.33
N VAL A 637 -9.94 22.60 -24.98
CA VAL A 637 -10.00 22.11 -23.61
C VAL A 637 -8.66 21.50 -23.22
N CYS A 638 -8.05 20.75 -24.14
CA CYS A 638 -6.74 20.17 -23.87
C CYS A 638 -5.71 21.25 -23.59
N ARG A 639 -5.70 22.30 -24.41
CA ARG A 639 -4.73 23.38 -24.20
C ARG A 639 -5.02 24.14 -22.92
N THR A 640 -6.29 24.30 -22.55
CA THR A 640 -6.64 24.97 -21.30
C THR A 640 -6.18 24.17 -20.09
N LEU A 641 -6.41 22.86 -20.09
CA LEU A 641 -5.97 22.04 -18.97
C LEU A 641 -4.45 21.98 -18.90
N LEU A 642 -3.78 21.95 -20.06
CA LEU A 642 -2.32 22.01 -20.06
C LEU A 642 -1.82 23.31 -19.46
N ALA A 643 -2.43 24.43 -19.86
CA ALA A 643 -2.01 25.72 -19.32
C ALA A 643 -2.27 25.80 -17.82
N LYS A 644 -3.38 25.21 -17.36
CA LYS A 644 -3.66 25.22 -15.92
C LYS A 644 -2.62 24.43 -15.16
N SER A 645 -2.23 23.25 -15.67
CA SER A 645 -1.20 22.47 -15.01
C SER A 645 0.15 23.20 -15.03
N VAL A 646 0.47 23.85 -16.16
CA VAL A 646 1.74 24.57 -16.26
C VAL A 646 1.76 25.75 -15.29
N PHE A 647 0.65 26.45 -15.15
CA PHE A 647 0.60 27.58 -14.22
C PHE A 647 0.58 27.11 -12.77
N ASN A 648 0.05 25.91 -12.51
CA ASN A 648 0.23 25.30 -11.20
C ASN A 648 1.71 25.06 -10.92
N SER A 649 2.45 24.63 -11.95
CA SER A 649 3.87 24.35 -11.75
C SER A 649 4.68 25.63 -11.57
N LEU A 650 4.39 26.67 -12.36
CA LEU A 650 5.14 27.91 -12.30
C LEU A 650 4.80 28.74 -11.07
N TYR A 651 3.57 28.65 -10.60
CA TYR A 651 3.09 29.43 -9.47
C TYR A 651 2.74 28.54 -8.30
N ALA A 652 3.57 27.54 -8.03
CA ALA A 652 3.36 26.65 -6.91
C ALA A 652 3.59 27.39 -5.60
N SER A 653 2.64 27.28 -4.67
CA SER A 653 2.70 27.99 -3.42
C SER A 653 1.83 27.25 -2.40
N PRO A 654 2.12 27.42 -1.10
CA PRO A 654 1.21 26.85 -0.10
C PRO A 654 -0.20 27.41 -0.19
N GLN A 655 -0.35 28.65 -0.65
CA GLN A 655 -1.68 29.22 -0.86
C GLN A 655 -2.46 28.42 -1.87
N LEU A 656 -1.79 27.99 -2.95
CA LEU A 656 -2.47 27.19 -3.97
C LEU A 656 -2.89 25.84 -3.43
N GLU A 657 -2.03 25.19 -2.63
CA GLU A 657 -2.37 23.91 -2.04
C GLU A 657 -3.58 24.03 -1.13
N GLY A 658 -3.54 24.99 -0.20
CA GLY A 658 -4.67 25.20 0.68
C GLY A 658 -5.94 25.51 -0.06
N PHE A 659 -5.87 26.40 -1.06
CA PHE A 659 -7.08 26.78 -1.79
C PHE A 659 -7.65 25.59 -2.54
N SER A 660 -6.80 24.83 -3.23
CA SER A 660 -7.30 23.68 -3.98
C SER A 660 -7.97 22.67 -3.06
N ALA A 661 -7.30 22.32 -1.96
CA ALA A 661 -7.85 21.32 -1.06
C ALA A 661 -9.15 21.79 -0.43
N GLU A 662 -9.24 23.08 -0.07
CA GLU A 662 -10.42 23.56 0.62
C GLU A 662 -11.57 23.81 -0.35
N SER A 663 -11.30 24.28 -1.57
CA SER A 663 -12.34 24.55 -2.53
C SER A 663 -12.83 23.28 -3.23
N ARG A 664 -12.09 22.18 -3.14
CA ARG A 664 -12.60 20.92 -3.65
C ARG A 664 -13.91 20.53 -2.97
N LYS A 665 -14.02 20.82 -1.67
CA LYS A 665 -15.24 20.49 -0.93
C LYS A 665 -16.42 21.33 -1.39
N LEU A 666 -16.20 22.62 -1.62
CA LEU A 666 -17.27 23.46 -2.13
C LEU A 666 -17.68 23.06 -3.53
N LEU A 667 -16.71 22.65 -4.36
CA LEU A 667 -17.03 22.11 -5.68
C LEU A 667 -17.92 20.88 -5.56
N LEU A 668 -17.58 19.97 -4.64
CA LEU A 668 -18.37 18.75 -4.48
C LEU A 668 -19.76 19.05 -3.94
N ILE A 669 -19.90 20.06 -3.07
CA ILE A 669 -21.22 20.43 -2.56
C ILE A 669 -22.06 21.03 -3.68
N VAL A 670 -21.47 21.87 -4.51
CA VAL A 670 -22.19 22.42 -5.66
C VAL A 670 -22.60 21.31 -6.62
N GLN A 671 -21.73 20.30 -6.80
CA GLN A 671 -22.06 19.17 -7.63
C GLN A 671 -23.26 18.40 -7.07
N ALA A 672 -23.24 18.15 -5.76
CA ALA A 672 -24.38 17.49 -5.13
C ALA A 672 -25.65 18.30 -5.29
N LEU A 673 -25.54 19.63 -5.31
CA LEU A 673 -26.71 20.46 -5.55
C LEU A 673 -27.21 20.31 -6.98
N ARG A 674 -26.29 20.31 -7.96
CA ARG A 674 -26.69 20.14 -9.35
C ARG A 674 -27.23 18.74 -9.61
N ASP A 675 -26.69 17.73 -8.91
CA ASP A 675 -27.19 16.37 -8.99
C ASP A 675 -28.55 16.19 -8.32
N ASN A 676 -29.11 17.24 -7.72
CA ASN A 676 -30.37 17.17 -6.98
C ASN A 676 -30.28 16.14 -5.85
N LEU A 677 -29.16 16.17 -5.13
CA LEU A 677 -28.94 15.27 -4.01
C LEU A 677 -29.14 15.95 -2.66
N GLU A 678 -29.89 17.05 -2.64
CA GLU A 678 -30.22 17.77 -1.41
C GLU A 678 -29.01 17.98 -0.49
N PRO A 679 -27.99 18.69 -0.93
CA PRO A 679 -26.80 18.85 -0.08
C PRO A 679 -27.10 19.73 1.12
N GLY A 680 -26.50 19.36 2.24
CA GLY A 680 -26.57 20.17 3.44
C GLY A 680 -25.21 20.39 4.03
N THR A 681 -25.05 21.52 4.70
CA THR A 681 -23.81 21.88 5.35
C THR A 681 -24.02 22.00 6.85
N PHE A 682 -22.90 22.09 7.57
CA PHE A 682 -22.90 22.29 9.02
C PHE A 682 -22.29 23.63 9.41
N ASP A 683 -21.17 24.00 8.82
CA ASP A 683 -20.46 25.24 9.11
C ASP A 683 -20.00 25.90 7.81
N LEU A 684 -20.93 26.08 6.86
CA LEU A 684 -20.58 26.64 5.56
C LEU A 684 -19.74 27.91 5.69
N GLU A 685 -20.06 28.75 6.67
CA GLU A 685 -19.26 29.95 6.89
C GLU A 685 -17.84 29.60 7.31
N GLY A 686 -17.66 28.53 8.08
CA GLY A 686 -16.33 28.08 8.42
C GLY A 686 -15.55 27.60 7.21
N LEU A 687 -16.24 26.90 6.30
CA LEU A 687 -15.59 26.50 5.05
C LEU A 687 -15.18 27.70 4.22
N TYR A 688 -16.03 28.72 4.15
CA TYR A 688 -15.68 29.93 3.44
C TYR A 688 -14.49 30.63 4.08
N GLU A 689 -14.45 30.67 5.41
CA GLU A 689 -13.30 31.26 6.10
C GLU A 689 -12.02 30.49 5.80
N ALA A 690 -12.10 29.17 5.78
CA ALA A 690 -10.92 28.36 5.50
C ALA A 690 -10.46 28.53 4.05
N ILE A 691 -11.41 28.70 3.12
CA ILE A 691 -11.06 28.94 1.74
C ILE A 691 -10.40 30.31 1.57
N GLU A 692 -10.93 31.32 2.25
CA GLU A 692 -10.42 32.68 2.10
C GLU A 692 -9.14 32.92 2.88
N GLU A 693 -8.82 32.05 3.84
CA GLU A 693 -7.54 32.17 4.55
C GLU A 693 -6.36 31.98 3.61
N CYS A 694 -6.55 31.27 2.50
CA CYS A 694 -5.47 30.98 1.57
C CYS A 694 -5.27 32.07 0.52
N LEU A 695 -6.24 32.97 0.35
CA LEU A 695 -6.17 34.01 -0.66
C LEU A 695 -5.48 35.23 -0.06
N ILE A 696 -4.16 35.33 -0.25
CA ILE A 696 -3.42 36.43 0.35
C ILE A 696 -2.82 37.34 -0.71
N ASN A 697 -1.83 36.83 -1.46
CA ASN A 697 -1.15 37.65 -2.44
C ASN A 697 -0.79 36.96 -3.74
N ASP A 698 -0.89 35.64 -3.85
CA ASP A 698 -0.41 34.94 -5.03
C ASP A 698 -1.36 35.16 -6.20
N PRO A 699 -0.90 35.66 -7.34
CA PRO A 699 -1.83 35.99 -8.43
C PRO A 699 -2.54 34.78 -9.01
N TRP A 700 -1.87 33.62 -9.06
CA TRP A 700 -2.52 32.42 -9.59
C TRP A 700 -3.69 31.98 -8.72
N VAL A 701 -3.52 32.03 -7.40
CA VAL A 701 -4.59 31.62 -6.50
C VAL A 701 -5.74 32.62 -6.54
N LEU A 702 -5.42 33.91 -6.63
CA LEU A 702 -6.48 34.91 -6.76
C LEU A 702 -7.26 34.72 -8.05
N LEU A 703 -6.57 34.42 -9.15
CA LEU A 703 -7.25 34.14 -10.40
C LEU A 703 -8.13 32.90 -10.28
N ASN A 704 -7.63 31.86 -9.59
CA ASN A 704 -8.44 30.65 -9.40
C ASN A 704 -9.69 30.93 -8.56
N ALA A 705 -9.56 31.80 -7.56
CA ALA A 705 -10.72 32.16 -6.74
C ALA A 705 -11.74 32.96 -7.55
N SER A 706 -11.27 33.88 -8.40
CA SER A 706 -12.17 34.58 -9.31
C SER A 706 -12.86 33.61 -10.25
N TRP A 707 -12.12 32.61 -10.75
CA TRP A 707 -12.71 31.56 -11.58
C TRP A 707 -13.78 30.82 -10.82
N PHE A 708 -13.54 30.52 -9.55
CA PHE A 708 -14.53 29.83 -8.72
C PHE A 708 -15.79 30.67 -8.56
N ASN A 709 -15.64 31.97 -8.34
CA ASN A 709 -16.82 32.83 -8.24
C ASN A 709 -17.61 32.85 -9.54
N SER A 710 -16.92 32.92 -10.67
CA SER A 710 -17.61 32.85 -11.96
C SER A 710 -18.34 31.52 -12.12
N PHE A 711 -17.69 30.43 -11.73
CA PHE A 711 -18.32 29.11 -11.82
C PHE A 711 -19.56 29.03 -10.95
N LEU A 712 -19.50 29.59 -9.74
CA LEU A 712 -20.69 29.63 -8.88
C LEU A 712 -21.81 30.39 -9.54
N THR A 713 -21.50 31.58 -10.07
CA THR A 713 -22.50 32.38 -10.79
C THR A 713 -23.17 31.56 -11.88
N HIS A 714 -22.37 30.87 -12.71
CA HIS A 714 -22.95 30.16 -13.85
C HIS A 714 -23.64 28.86 -13.44
N ALA A 715 -23.21 28.24 -12.35
CA ALA A 715 -23.74 26.95 -11.95
C ALA A 715 -24.98 27.04 -11.09
N LEU A 716 -25.19 28.15 -10.38
CA LEU A 716 -26.39 28.25 -9.56
C LEU A 716 -27.62 28.62 -10.38
N ARG A 717 -27.46 29.52 -11.35
CA ARG A 717 -28.60 29.96 -12.16
C ARG A 717 -29.16 28.81 -12.99
N MET B 1 -12.41 36.32 -25.39
CA MET B 1 -12.79 35.27 -24.46
C MET B 1 -11.78 35.12 -23.33
N ASP B 2 -12.27 35.05 -22.11
CA ASP B 2 -11.44 34.82 -20.92
C ASP B 2 -11.55 33.35 -20.55
N VAL B 3 -10.42 32.64 -20.58
CA VAL B 3 -10.44 31.20 -20.37
C VAL B 3 -10.64 30.91 -18.89
N ASN B 4 -11.66 30.10 -18.58
CA ASN B 4 -11.98 29.68 -17.22
C ASN B 4 -12.05 28.17 -17.17
N PRO B 5 -10.98 27.49 -16.72
CA PRO B 5 -11.02 26.02 -16.65
C PRO B 5 -12.10 25.49 -15.74
N THR B 6 -12.41 26.18 -14.64
CA THR B 6 -13.44 25.70 -13.72
C THR B 6 -14.80 25.59 -14.39
N LEU B 7 -15.05 26.39 -15.43
CA LEU B 7 -16.31 26.29 -16.15
C LEU B 7 -16.50 24.93 -16.80
N LEU B 8 -15.42 24.16 -16.97
CA LEU B 8 -15.56 22.79 -17.46
C LEU B 8 -16.46 21.95 -16.57
N PHE B 9 -16.57 22.30 -15.29
CA PHE B 9 -17.44 21.55 -14.39
C PHE B 9 -18.92 21.78 -14.68
N LEU B 10 -19.26 22.77 -15.51
CA LEU B 10 -20.66 22.99 -15.86
C LEU B 10 -21.22 21.85 -16.71
N LYS B 11 -20.36 21.07 -17.36
CA LYS B 11 -20.79 19.93 -18.15
C LYS B 11 -20.22 18.61 -17.67
N VAL B 12 -18.96 18.58 -17.27
CA VAL B 12 -18.32 17.38 -16.74
C VAL B 12 -18.51 17.39 -15.22
N PRO B 13 -19.11 16.36 -14.64
CA PRO B 13 -19.27 16.34 -13.18
C PRO B 13 -17.92 16.41 -12.48
N VAL B 14 -17.92 17.01 -11.30
CA VAL B 14 -16.68 17.31 -10.59
C VAL B 14 -15.89 16.04 -10.34
N GLN B 15 -16.58 14.93 -10.04
CA GLN B 15 -15.88 13.68 -9.79
C GLN B 15 -15.14 13.20 -11.03
N ASN B 16 -15.84 13.18 -12.18
CA ASN B 16 -15.26 12.70 -13.43
C ASN B 16 -14.11 13.58 -13.93
N ALA B 17 -13.86 14.72 -13.31
CA ALA B 17 -12.71 15.56 -13.60
C ALA B 17 -11.97 15.96 -12.34
N ILE B 18 -12.10 15.17 -11.27
CA ILE B 18 -11.47 15.53 -9.99
C ILE B 18 -9.97 15.69 -10.15
N SER B 19 -9.36 14.99 -11.11
CA SER B 19 -7.92 15.10 -11.31
C SER B 19 -7.48 16.52 -11.60
N THR B 20 -8.37 17.32 -12.21
CA THR B 20 -8.04 18.72 -12.48
C THR B 20 -7.78 19.50 -11.21
N THR B 21 -8.49 19.17 -10.11
CA THR B 21 -8.40 19.94 -8.88
C THR B 21 -7.19 19.59 -8.02
N PHE B 22 -6.32 18.70 -8.47
CA PHE B 22 -5.12 18.33 -7.71
C PHE B 22 -3.88 18.92 -8.38
N PRO B 23 -3.34 20.02 -7.88
CA PRO B 23 -2.19 20.67 -8.55
C PRO B 23 -0.84 20.06 -8.15
N TYR B 24 -0.66 18.78 -8.45
CA TYR B 24 0.51 18.04 -8.00
C TYR B 24 1.65 18.07 -9.03
N THR B 25 1.70 19.08 -9.90
CA THR B 25 2.84 19.26 -10.78
C THR B 25 3.86 20.24 -10.22
N GLY B 26 3.47 21.06 -9.24
CA GLY B 26 4.40 21.98 -8.61
C GLY B 26 4.99 21.39 -7.34
N ASP B 27 6.00 22.08 -6.82
CA ASP B 27 6.68 21.62 -5.62
C ASP B 27 5.76 21.74 -4.41
N PRO B 28 5.84 20.80 -3.47
CA PRO B 28 5.04 20.89 -2.25
C PRO B 28 5.66 21.85 -1.26
N PRO B 29 4.90 22.37 -0.32
CA PRO B 29 5.48 23.32 0.64
C PRO B 29 6.36 22.62 1.65
N TYR B 30 7.49 23.25 1.96
CA TYR B 30 8.44 22.77 2.94
C TYR B 30 8.48 23.75 4.11
N SER B 31 8.99 23.26 5.24
CA SER B 31 9.34 24.14 6.34
C SER B 31 10.78 24.61 6.18
N HIS B 32 11.06 25.79 6.72
CA HIS B 32 12.36 26.43 6.55
C HIS B 32 13.14 26.53 7.85
N GLY B 33 12.49 26.90 8.93
CA GLY B 33 13.15 27.08 10.20
C GLY B 33 12.88 25.99 11.21
N THR B 34 12.69 26.39 12.46
CA THR B 34 12.45 25.49 13.56
C THR B 34 11.00 25.04 13.61
N GLY B 35 10.76 24.01 14.42
CA GLY B 35 9.41 23.52 14.68
C GLY B 35 8.95 23.79 16.09
N THR B 36 9.69 24.57 16.88
CA THR B 36 9.31 24.87 18.25
C THR B 36 7.96 25.59 18.31
N GLY B 37 7.71 26.50 17.37
CA GLY B 37 6.43 27.20 17.36
C GLY B 37 5.26 26.26 17.20
N TYR B 38 5.35 25.35 16.23
CA TYR B 38 4.25 24.41 16.00
C TYR B 38 4.09 23.45 17.16
N THR B 39 5.20 23.04 17.78
CA THR B 39 5.14 22.15 18.93
C THR B 39 4.45 22.82 20.10
N MET B 40 4.87 24.04 20.43
CA MET B 40 4.26 24.79 21.53
C MET B 40 2.78 25.04 21.24
N ASP B 41 2.44 25.38 20.00
CA ASP B 41 1.05 25.63 19.66
C ASP B 41 0.22 24.35 19.78
N THR B 42 0.79 23.21 19.40
CA THR B 42 0.09 21.93 19.56
C THR B 42 -0.17 21.62 21.02
N VAL B 43 0.85 21.80 21.86
CA VAL B 43 0.68 21.54 23.29
C VAL B 43 -0.39 22.47 23.87
N ASN B 44 -0.37 23.74 23.48
CA ASN B 44 -1.33 24.69 24.02
C ASN B 44 -2.75 24.36 23.54
N ARG B 45 -2.90 23.92 22.29
CA ARG B 45 -4.24 23.53 21.83
C ARG B 45 -4.72 22.31 22.61
N THR B 46 -3.85 21.33 22.82
CA THR B 46 -4.23 20.12 23.54
C THR B 46 -4.67 20.45 24.96
N HIS B 47 -3.96 21.36 25.61
CA HIS B 47 -4.35 21.75 26.97
C HIS B 47 -5.54 22.70 26.98
N LYS B 48 -5.82 23.36 25.87
CA LYS B 48 -7.01 24.21 25.79
C LYS B 48 -8.28 23.38 25.62
N TYR B 49 -8.21 22.32 24.82
CA TYR B 49 -9.39 21.48 24.64
C TYR B 49 -9.75 20.71 25.90
N SER B 50 -8.82 20.58 26.85
CA SER B 50 -9.03 19.83 28.08
C SER B 50 -8.86 20.70 29.32
N GLU B 51 -8.98 22.01 29.18
CA GLU B 51 -8.63 22.93 30.26
C GLU B 51 -9.53 22.76 31.48
N LYS B 52 -10.77 22.33 31.30
CA LYS B 52 -11.67 22.11 32.42
C LYS B 52 -11.42 20.79 33.12
N GLY B 53 -10.31 20.11 32.82
CA GLY B 53 -9.97 18.86 33.48
C GLY B 53 -9.27 19.11 34.81
N LYS B 54 -8.78 18.03 35.39
CA LYS B 54 -8.15 18.06 36.70
C LYS B 54 -6.63 18.09 36.55
N TRP B 55 -5.99 19.02 37.25
CA TRP B 55 -4.54 19.13 37.22
C TRP B 55 -3.93 18.33 38.36
N THR B 56 -2.86 17.62 38.07
CA THR B 56 -2.11 16.87 39.08
C THR B 56 -0.62 17.04 38.80
N THR B 57 0.20 16.67 39.77
CA THR B 57 1.64 16.62 39.60
C THR B 57 2.12 15.18 39.66
N ASN B 58 2.91 14.77 38.68
CA ASN B 58 3.40 13.41 38.60
C ASN B 58 4.46 13.17 39.66
N THR B 59 4.24 12.20 40.55
CA THR B 59 5.19 11.91 41.61
C THR B 59 6.52 11.36 41.08
N GLU B 60 6.55 10.87 39.84
CA GLU B 60 7.76 10.29 39.28
C GLU B 60 8.55 11.24 38.39
N THR B 61 7.88 12.06 37.59
CA THR B 61 8.58 13.02 36.74
C THR B 61 8.51 14.44 37.25
N GLY B 62 7.53 14.77 38.09
CA GLY B 62 7.35 16.14 38.54
C GLY B 62 6.60 17.02 37.56
N ALA B 63 5.98 16.44 36.54
CA ALA B 63 5.33 17.21 35.49
C ALA B 63 3.86 17.45 35.81
N PRO B 64 3.35 18.65 35.51
CA PRO B 64 1.91 18.90 35.64
C PRO B 64 1.15 18.17 34.54
N GLN B 65 0.19 17.35 34.94
CA GLN B 65 -0.57 16.54 34.01
C GLN B 65 -2.05 16.88 34.11
N LEU B 66 -2.70 16.98 32.95
CA LEU B 66 -4.08 17.35 32.84
C LEU B 66 -4.91 16.11 32.52
N ASN B 67 -5.99 15.90 33.27
CA ASN B 67 -6.86 14.74 33.10
C ASN B 67 -8.26 15.23 32.79
N PRO B 68 -8.68 15.20 31.53
CA PRO B 68 -10.04 15.65 31.17
C PRO B 68 -11.09 14.57 31.20
N ILE B 69 -10.77 13.37 31.67
CA ILE B 69 -11.72 12.26 31.63
C ILE B 69 -12.83 12.51 32.64
N ASP B 70 -14.07 12.23 32.24
CA ASP B 70 -15.25 12.40 33.07
C ASP B 70 -15.45 13.84 33.51
N GLY B 71 -14.80 14.78 32.81
CA GLY B 71 -14.99 16.17 33.08
C GLY B 71 -16.38 16.62 32.73
N PRO B 72 -16.63 17.92 32.86
CA PRO B 72 -17.96 18.46 32.55
C PRO B 72 -18.31 18.24 31.08
N LEU B 73 -19.53 17.78 30.85
CA LEU B 73 -20.00 17.58 29.49
C LEU B 73 -19.90 18.90 28.72
N PRO B 74 -19.54 18.85 27.44
CA PRO B 74 -19.39 20.09 26.67
C PRO B 74 -20.69 20.87 26.58
N GLU B 75 -20.56 22.19 26.54
CA GLU B 75 -21.71 23.08 26.42
C GLU B 75 -21.83 23.75 25.06
N ASP B 76 -20.76 23.76 24.27
CA ASP B 76 -20.77 24.33 22.94
C ASP B 76 -20.29 23.30 21.92
N ASN B 77 -20.06 23.73 20.69
CA ASN B 77 -19.60 22.83 19.63
C ASN B 77 -18.10 22.96 19.36
N GLU B 78 -17.36 23.57 20.27
CA GLU B 78 -15.91 23.61 20.15
C GLU B 78 -15.34 22.22 20.45
N PRO B 79 -14.14 21.92 19.94
CA PRO B 79 -13.54 20.62 20.23
C PRO B 79 -13.34 20.42 21.73
N SER B 80 -13.69 19.23 22.20
CA SER B 80 -13.62 18.91 23.62
C SER B 80 -12.88 17.59 23.81
N GLY B 81 -12.04 17.54 24.83
CA GLY B 81 -11.34 16.32 25.18
C GLY B 81 -11.94 15.60 26.36
N TYR B 82 -13.20 15.91 26.69
CA TYR B 82 -13.83 15.38 27.90
C TYR B 82 -14.61 14.10 27.57
N ALA B 83 -13.84 13.04 27.32
CA ALA B 83 -14.43 11.72 27.08
C ALA B 83 -14.87 11.10 28.40
N GLN B 84 -16.06 10.51 28.38
CA GLN B 84 -16.61 9.82 29.55
C GLN B 84 -16.25 8.34 29.49
N THR B 85 -15.65 7.83 30.57
CA THR B 85 -15.17 6.45 30.58
C THR B 85 -16.32 5.45 30.47
N ASP B 86 -17.47 5.76 31.05
CA ASP B 86 -18.60 4.84 30.98
C ASP B 86 -19.13 4.72 29.56
N CYS B 87 -19.12 5.82 28.81
CA CYS B 87 -19.58 5.78 27.43
C CYS B 87 -18.60 5.00 26.56
N VAL B 88 -17.29 5.15 26.79
CA VAL B 88 -16.31 4.37 26.05
C VAL B 88 -16.45 2.89 26.36
N LEU B 89 -16.65 2.55 27.64
CA LEU B 89 -16.81 1.16 28.02
C LEU B 89 -18.10 0.58 27.45
N GLU B 90 -19.17 1.39 27.39
CA GLU B 90 -20.40 0.94 26.76
C GLU B 90 -20.22 0.71 25.27
N ALA B 91 -19.49 1.60 24.59
CA ALA B 91 -19.21 1.39 23.17
C ALA B 91 -18.43 0.10 22.95
N MET B 92 -17.43 -0.16 23.79
CA MET B 92 -16.69 -1.42 23.68
C MET B 92 -17.59 -2.62 23.94
N ALA B 93 -18.43 -2.54 24.98
CA ALA B 93 -19.32 -3.64 25.31
C ALA B 93 -20.29 -3.93 24.17
N PHE B 94 -20.83 -2.89 23.54
CA PHE B 94 -21.78 -3.10 22.47
C PHE B 94 -21.09 -3.54 21.19
N LEU B 95 -19.85 -3.13 20.96
CA LEU B 95 -19.09 -3.67 19.85
C LEU B 95 -18.84 -5.16 20.02
N GLU B 96 -18.51 -5.59 21.25
CA GLU B 96 -18.33 -7.02 21.50
C GLU B 96 -19.65 -7.76 21.41
N GLU B 97 -20.75 -7.13 21.81
CA GLU B 97 -22.06 -7.77 21.75
C GLU B 97 -22.54 -7.91 20.31
N SER B 98 -22.20 -6.97 19.44
CA SER B 98 -22.62 -7.05 18.04
C SER B 98 -21.75 -7.98 17.22
N HIS B 99 -20.53 -8.26 17.67
CA HIS B 99 -19.61 -9.17 16.99
C HIS B 99 -19.06 -10.12 18.04
N PRO B 100 -19.84 -11.12 18.44
CA PRO B 100 -19.43 -11.97 19.57
C PRO B 100 -18.11 -12.67 19.30
N GLY B 101 -17.19 -12.52 20.24
CA GLY B 101 -15.90 -13.20 20.18
C GLY B 101 -14.80 -12.45 19.48
N ILE B 102 -15.03 -11.20 19.05
CA ILE B 102 -14.00 -10.46 18.33
C ILE B 102 -12.79 -10.21 19.22
N PHE B 103 -13.01 -9.76 20.45
CA PHE B 103 -11.90 -9.42 21.32
C PHE B 103 -11.14 -10.66 21.77
N GLU B 104 -11.85 -11.77 22.00
CA GLU B 104 -11.19 -13.00 22.41
C GLU B 104 -10.24 -13.51 21.34
N ASN B 105 -10.74 -13.60 20.10
CA ASN B 105 -9.92 -14.08 19.00
C ASN B 105 -8.75 -13.15 18.74
N SER B 106 -9.00 -11.83 18.80
CA SER B 106 -7.92 -10.87 18.61
C SER B 106 -6.85 -11.04 19.68
N CYS B 107 -7.27 -11.25 20.93
CA CYS B 107 -6.29 -11.44 22.00
C CYS B 107 -5.50 -12.73 21.84
N LEU B 108 -6.12 -13.79 21.33
CA LEU B 108 -5.35 -15.01 21.07
C LEU B 108 -4.27 -14.77 20.02
N GLU B 109 -4.66 -14.21 18.87
CA GLU B 109 -3.66 -13.94 17.83
C GLU B 109 -2.57 -12.98 18.34
N THR B 110 -2.97 -12.00 19.14
CA THR B 110 -1.99 -11.05 19.65
C THR B 110 -1.07 -11.68 20.70
N MET B 111 -1.56 -12.67 21.44
CA MET B 111 -0.69 -13.40 22.35
C MET B 111 0.38 -14.15 21.57
N GLU B 112 -0.02 -14.82 20.48
CA GLU B 112 0.98 -15.44 19.62
C GLU B 112 1.99 -14.40 19.12
N ILE B 113 1.48 -13.28 18.62
CA ILE B 113 2.37 -12.22 18.10
C ILE B 113 3.35 -11.77 19.17
N VAL B 114 2.85 -11.51 20.38
CA VAL B 114 3.69 -10.98 21.45
C VAL B 114 4.75 -12.00 21.85
N GLN B 115 4.41 -13.28 21.80
CA GLN B 115 5.39 -14.29 22.20
C GLN B 115 6.42 -14.59 21.12
N GLN B 116 6.11 -14.36 19.84
CA GLN B 116 7.06 -14.68 18.78
C GLN B 116 7.86 -13.50 18.27
N THR B 117 7.42 -12.26 18.49
CA THR B 117 8.07 -11.12 17.86
C THR B 117 9.49 -10.94 18.40
N ARG B 118 10.41 -10.67 17.49
CA ARG B 118 11.81 -10.42 17.83
C ARG B 118 12.05 -8.93 18.02
N VAL B 119 13.14 -8.62 18.73
CA VAL B 119 13.49 -7.22 18.96
C VAL B 119 13.89 -6.54 17.66
N ASP B 120 14.34 -7.31 16.66
CA ASP B 120 14.70 -6.76 15.36
C ASP B 120 13.58 -6.00 14.71
N LYS B 121 12.32 -6.31 15.06
CA LYS B 121 11.19 -5.57 14.53
C LYS B 121 11.36 -4.08 14.73
N LEU B 122 11.93 -3.68 15.87
CA LEU B 122 12.07 -2.25 16.15
C LEU B 122 12.97 -1.55 15.14
N THR B 123 13.86 -2.28 14.46
CA THR B 123 14.72 -1.68 13.46
C THR B 123 13.99 -1.33 12.18
N GLN B 124 12.70 -1.70 12.05
CA GLN B 124 11.92 -1.36 10.87
C GLN B 124 11.37 0.07 10.93
N GLY B 125 11.88 0.90 11.82
CA GLY B 125 11.42 2.26 11.95
C GLY B 125 12.30 3.25 11.19
N ARG B 126 11.76 4.44 11.02
CA ARG B 126 12.47 5.56 10.43
C ARG B 126 13.15 6.34 11.56
N GLN B 127 13.58 7.57 11.29
CA GLN B 127 14.22 8.43 12.28
C GLN B 127 13.54 8.35 13.64
N THR B 128 14.31 7.98 14.65
CA THR B 128 13.84 7.69 16.01
C THR B 128 14.57 8.59 16.99
N TYR B 129 13.84 9.07 18.00
CA TYR B 129 14.50 9.78 19.09
C TYR B 129 15.41 8.82 19.84
N ASP B 130 16.63 9.27 20.12
CA ASP B 130 17.65 8.50 20.82
C ASP B 130 17.99 9.27 22.07
N TRP B 131 17.58 8.71 23.21
CA TRP B 131 17.82 9.34 24.50
C TRP B 131 19.28 9.27 24.92
N THR B 132 20.02 8.30 24.40
CA THR B 132 21.45 8.21 24.70
C THR B 132 22.19 9.42 24.13
N LEU B 133 21.79 9.88 22.96
CA LEU B 133 22.35 11.07 22.34
C LEU B 133 21.42 12.26 22.42
N ASN B 134 20.17 12.07 22.84
CA ASN B 134 19.17 13.14 22.89
C ASN B 134 18.99 13.75 21.50
N ARG B 135 18.95 12.91 20.47
CA ARG B 135 18.87 13.38 19.10
C ARG B 135 18.18 12.33 18.25
N ASN B 136 17.74 12.74 17.07
CA ASN B 136 17.19 11.76 16.13
C ASN B 136 18.31 10.96 15.50
N GLN B 137 18.10 9.65 15.40
CA GLN B 137 19.05 8.70 14.85
C GLN B 137 18.26 7.64 14.12
N PRO B 138 18.87 6.93 13.16
CA PRO B 138 18.19 5.80 12.53
C PRO B 138 17.75 4.77 13.58
N ALA B 139 16.63 4.11 13.28
CA ALA B 139 16.01 3.23 14.27
C ALA B 139 16.97 2.12 14.71
N ALA B 140 17.72 1.55 13.77
CA ALA B 140 18.67 0.50 14.15
C ALA B 140 19.80 1.07 14.99
N THR B 141 20.26 2.29 14.67
CA THR B 141 21.31 2.92 15.47
C THR B 141 20.81 3.24 16.87
N ALA B 142 19.61 3.79 16.98
CA ALA B 142 19.04 4.08 18.29
C ALA B 142 18.87 2.80 19.11
N LEU B 143 18.38 1.73 18.47
CA LEU B 143 18.19 0.48 19.18
C LEU B 143 19.52 -0.12 19.65
N ALA B 144 20.55 -0.04 18.80
CA ALA B 144 21.87 -0.55 19.20
C ALA B 144 22.44 0.26 20.35
N ASN B 145 22.28 1.58 20.31
CA ASN B 145 22.76 2.42 21.41
C ASN B 145 22.02 2.07 22.70
N THR B 146 20.70 1.91 22.62
CA THR B 146 19.92 1.53 23.79
C THR B 146 20.38 0.19 24.35
N ILE B 147 20.61 -0.79 23.48
CA ILE B 147 21.03 -2.11 23.95
C ILE B 147 22.41 -2.04 24.58
N GLU B 148 23.31 -1.25 24.02
CA GLU B 148 24.64 -1.13 24.59
C GLU B 148 24.60 -0.47 25.97
N VAL B 149 23.81 0.60 26.11
CA VAL B 149 23.71 1.27 27.40
C VAL B 149 23.04 0.36 28.42
N PHE B 150 21.97 -0.34 28.02
CA PHE B 150 21.32 -1.28 28.93
C PHE B 150 22.28 -2.36 29.39
N ARG B 151 23.08 -2.90 28.46
CA ARG B 151 24.04 -3.93 28.83
C ARG B 151 25.10 -3.40 29.78
N SER B 152 25.60 -2.19 29.52
CA SER B 152 26.60 -1.61 30.43
C SER B 152 26.01 -1.26 31.79
N ASN B 153 24.68 -1.19 31.90
CA ASN B 153 24.00 -0.97 33.17
C ASN B 153 23.46 -2.26 33.79
N GLY B 154 23.83 -3.41 33.26
CA GLY B 154 23.44 -4.68 33.85
C GLY B 154 22.07 -5.18 33.45
N LEU B 155 21.51 -4.67 32.36
CA LEU B 155 20.20 -5.10 31.86
C LEU B 155 20.45 -5.92 30.60
N THR B 156 20.19 -7.23 30.67
CA THR B 156 20.58 -8.11 29.58
C THR B 156 19.51 -9.16 29.27
N ALA B 157 18.25 -8.87 29.57
CA ALA B 157 17.18 -9.80 29.20
C ALA B 157 16.97 -9.80 27.68
N ASN B 158 17.22 -8.67 27.02
CA ASN B 158 17.09 -8.58 25.58
C ASN B 158 17.99 -9.57 24.84
N GLU B 159 18.96 -10.16 25.52
CA GLU B 159 19.76 -11.23 24.91
C GLU B 159 18.91 -12.39 24.46
N SER B 160 17.70 -12.56 25.01
CA SER B 160 16.81 -13.59 24.51
C SER B 160 16.40 -13.36 23.07
N GLY B 161 16.54 -12.12 22.57
CA GLY B 161 16.14 -11.78 21.23
C GLY B 161 14.66 -11.51 21.06
N ARG B 162 13.85 -11.78 22.07
CA ARG B 162 12.43 -11.50 21.98
C ARG B 162 12.16 -10.05 22.34
N LEU B 163 11.15 -9.48 21.68
CA LEU B 163 10.78 -8.09 21.95
C LEU B 163 10.27 -7.93 23.37
N ILE B 164 9.51 -8.92 23.87
CA ILE B 164 8.96 -8.80 25.22
C ILE B 164 10.06 -8.84 26.27
N ASP B 165 11.17 -9.51 26.00
CA ASP B 165 12.28 -9.49 26.95
C ASP B 165 12.99 -8.14 26.94
N PHE B 166 13.08 -7.51 25.78
CA PHE B 166 13.59 -6.14 25.72
C PHE B 166 12.63 -5.18 26.44
N LEU B 167 11.33 -5.44 26.37
CA LEU B 167 10.38 -4.61 27.10
C LEU B 167 10.52 -4.81 28.61
N LYS B 168 10.78 -6.03 29.04
CA LYS B 168 11.10 -6.27 30.45
C LYS B 168 12.36 -5.51 30.85
N ASP B 169 13.37 -5.49 29.97
CA ASP B 169 14.57 -4.71 30.24
C ASP B 169 14.25 -3.22 30.37
N VAL B 170 13.35 -2.71 29.55
CA VAL B 170 12.92 -1.31 29.66
C VAL B 170 12.21 -1.06 30.98
N MET B 171 11.32 -1.98 31.36
CA MET B 171 10.61 -1.87 32.62
C MET B 171 11.58 -1.84 33.79
N ASP B 172 12.61 -2.67 33.75
CA ASP B 172 13.60 -2.72 34.82
C ASP B 172 14.52 -1.50 34.79
N SER B 173 14.79 -0.97 33.59
CA SER B 173 15.60 0.24 33.47
C SER B 173 14.90 1.44 34.06
N MET B 174 13.57 1.47 33.99
CA MET B 174 12.86 2.59 34.59
C MET B 174 12.88 2.55 36.12
N ASP B 175 13.60 1.61 36.75
CA ASP B 175 13.67 1.52 38.20
C ASP B 175 15.08 1.66 38.75
N LYS B 176 16.05 2.07 37.93
CA LYS B 176 17.44 2.14 38.39
C LYS B 176 17.75 3.50 38.99
N GLU B 177 18.70 3.51 39.93
CA GLU B 177 19.08 4.75 40.59
C GLU B 177 19.76 5.72 39.64
N GLU B 178 20.60 5.21 38.74
CA GLU B 178 21.30 6.09 37.80
C GLU B 178 21.66 5.32 36.54
N MET B 179 21.59 6.02 35.41
CA MET B 179 21.92 5.48 34.10
C MET B 179 23.26 6.00 33.63
N GLU B 180 24.11 5.10 33.19
CA GLU B 180 25.47 5.40 32.75
C GLU B 180 25.52 5.48 31.23
N ILE B 181 25.86 6.65 30.71
CA ILE B 181 26.07 6.85 29.29
C ILE B 181 27.58 6.95 29.05
N THR B 182 28.10 6.13 28.15
CA THR B 182 29.53 6.09 27.84
C THR B 182 29.72 6.53 26.39
N THR B 183 30.16 7.76 26.21
CA THR B 183 30.31 8.35 24.88
C THR B 183 31.75 8.21 24.43
N HIS B 184 32.09 8.86 23.32
CA HIS B 184 33.46 8.90 22.83
C HIS B 184 33.72 10.20 22.07
N LYS B 207 36.14 9.13 25.67
CA LYS B 207 35.24 8.42 26.56
C LYS B 207 34.81 9.32 27.72
N LYS B 208 33.66 9.97 27.56
CA LYS B 208 33.07 10.80 28.60
C LYS B 208 31.92 10.05 29.26
N LYS B 209 32.01 9.87 30.57
CA LYS B 209 31.08 9.05 31.34
C LYS B 209 30.05 9.96 32.01
N GLN B 210 28.86 10.04 31.42
CA GLN B 210 27.76 10.82 31.99
C GLN B 210 26.85 9.93 32.83
N ARG B 211 26.22 10.53 33.84
CA ARG B 211 25.32 9.81 34.75
C ARG B 211 23.98 10.55 34.87
N LEU B 212 22.95 10.01 34.23
CA LEU B 212 21.60 10.51 34.44
C LEU B 212 21.03 9.93 35.74
N ASN B 213 20.24 10.71 36.44
CA ASN B 213 19.55 10.21 37.62
C ASN B 213 18.18 9.66 37.22
N LYS B 214 17.39 9.26 38.22
CA LYS B 214 16.12 8.57 37.94
C LYS B 214 15.17 9.49 37.18
N ARG B 215 15.00 10.73 37.66
CA ARG B 215 14.02 11.62 37.04
C ARG B 215 14.46 12.03 35.64
N SER B 216 15.76 12.28 35.44
CA SER B 216 16.23 12.72 34.13
C SER B 216 16.13 11.59 33.11
N TYR B 217 16.58 10.39 33.48
CA TYR B 217 16.41 9.24 32.60
C TYR B 217 14.95 8.99 32.31
N LEU B 218 14.08 9.11 33.33
N LEU B 218 14.08 9.12 33.32
CA LEU B 218 12.66 8.88 33.14
CA LEU B 218 12.66 8.87 33.13
C LEU B 218 12.06 9.87 32.16
C LEU B 218 12.05 9.88 32.17
N ILE B 219 12.46 11.14 32.25
CA ILE B 219 11.94 12.15 31.34
C ILE B 219 12.45 11.88 29.92
N ARG B 220 13.70 11.43 29.80
CA ARG B 220 14.22 11.08 28.48
C ARG B 220 13.55 9.84 27.90
N ALA B 221 13.06 8.95 28.76
CA ALA B 221 12.44 7.72 28.28
C ALA B 221 11.01 7.93 27.85
N LEU B 222 10.33 8.94 28.39
CA LEU B 222 8.96 9.27 28.03
C LEU B 222 8.87 10.41 27.03
N THR B 223 9.97 10.74 26.36
CA THR B 223 10.02 11.89 25.47
C THR B 223 9.72 11.48 24.03
N LEU B 224 8.95 12.31 23.34
CA LEU B 224 8.79 12.20 21.90
C LEU B 224 9.39 13.44 21.25
N ASN B 225 10.43 13.23 20.44
CA ASN B 225 11.03 14.35 19.72
C ASN B 225 10.02 14.91 18.73
N THR B 226 10.04 16.23 18.54
CA THR B 226 9.10 16.87 17.65
C THR B 226 9.83 17.56 16.50
N MET B 227 9.35 17.33 15.28
CA MET B 227 9.88 17.93 14.06
C MET B 227 8.72 18.45 13.24
N THR B 228 9.02 19.28 12.25
CA THR B 228 7.96 19.81 11.40
C THR B 228 7.79 18.91 10.17
N LYS B 229 6.53 18.64 9.80
CA LYS B 229 6.23 17.79 8.66
C LYS B 229 6.50 18.55 7.35
N ASP B 230 7.38 18.00 6.52
CA ASP B 230 7.73 18.61 5.25
C ASP B 230 7.04 17.90 4.09
N ALA B 231 6.96 18.61 2.96
CA ALA B 231 6.43 18.08 1.70
C ALA B 231 5.03 17.52 1.88
N GLU B 232 4.11 18.39 2.27
CA GLU B 232 2.74 18.00 2.60
C GLU B 232 1.78 18.81 1.75
N ARG B 233 0.91 18.11 1.02
CA ARG B 233 -0.04 18.74 0.13
C ARG B 233 -1.32 19.11 0.86
N GLY B 234 -2.02 20.11 0.33
CA GLY B 234 -3.33 20.46 0.80
C GLY B 234 -3.41 21.32 2.04
N LYS B 235 -2.26 21.78 2.55
CA LYS B 235 -2.23 22.56 3.78
C LYS B 235 -1.53 23.88 3.54
N LEU B 236 -2.15 24.97 3.98
CA LEU B 236 -1.51 26.27 3.91
C LEU B 236 -0.43 26.41 4.98
N LYS B 237 -0.70 25.93 6.18
CA LYS B 237 0.19 26.11 7.32
C LYS B 237 0.85 24.79 7.70
N ARG B 238 2.07 24.89 8.24
CA ARG B 238 2.80 23.70 8.65
C ARG B 238 2.31 23.22 10.01
N ARG B 239 2.71 21.99 10.36
CA ARG B 239 2.33 21.39 11.62
C ARG B 239 3.46 20.49 12.09
N ALA B 240 3.34 20.04 13.34
CA ALA B 240 4.38 19.24 13.97
C ALA B 240 4.02 17.76 13.96
N ILE B 241 5.04 16.92 13.79
CA ILE B 241 4.98 15.48 13.93
C ILE B 241 5.89 15.09 15.08
N ALA B 242 5.65 13.91 15.64
CA ALA B 242 6.42 13.40 16.76
C ALA B 242 7.00 12.04 16.43
N THR B 243 8.16 11.75 17.03
CA THR B 243 8.79 10.44 16.93
C THR B 243 9.19 10.01 18.34
N PRO B 244 8.73 8.84 18.79
CA PRO B 244 9.08 8.39 20.15
C PRO B 244 10.42 7.69 20.16
N GLY B 245 10.91 7.45 21.37
CA GLY B 245 12.14 6.71 21.56
C GLY B 245 11.90 5.22 21.52
N MET B 246 12.96 4.47 21.81
CA MET B 246 12.90 3.01 21.75
C MET B 246 12.15 2.39 22.91
N GLN B 247 12.05 3.08 24.04
CA GLN B 247 11.31 2.56 25.19
C GLN B 247 9.80 2.56 24.95
N ILE B 248 9.31 3.30 23.97
CA ILE B 248 7.88 3.43 23.72
C ILE B 248 7.46 2.54 22.55
N ARG B 249 8.37 2.30 21.60
CA ARG B 249 7.99 1.76 20.31
C ARG B 249 7.57 0.30 20.39
N GLY B 250 8.19 -0.50 21.26
CA GLY B 250 7.77 -1.89 21.39
C GLY B 250 6.36 -2.03 21.94
N PHE B 251 6.05 -1.25 22.98
CA PHE B 251 4.71 -1.27 23.54
C PHE B 251 3.68 -0.76 22.53
N VAL B 252 4.01 0.30 21.81
CA VAL B 252 3.09 0.80 20.81
C VAL B 252 2.89 -0.22 19.70
N TYR B 253 3.93 -0.97 19.36
CA TYR B 253 3.80 -2.00 18.33
C TYR B 253 2.86 -3.11 18.78
N PHE B 254 2.98 -3.55 20.03
CA PHE B 254 2.08 -4.60 20.50
C PHE B 254 0.63 -4.11 20.55
N VAL B 255 0.41 -2.87 21.02
CA VAL B 255 -0.95 -2.33 21.07
C VAL B 255 -1.52 -2.20 19.67
N GLU B 256 -0.71 -1.74 18.72
CA GLU B 256 -1.19 -1.58 17.35
C GLU B 256 -1.44 -2.92 16.68
N ALA B 257 -0.68 -3.96 17.05
CA ALA B 257 -0.97 -5.29 16.55
C ALA B 257 -2.32 -5.79 17.05
N LEU B 258 -2.61 -5.59 18.34
CA LEU B 258 -3.93 -5.98 18.84
C LEU B 258 -5.03 -5.21 18.14
N ALA B 259 -4.86 -3.90 18.00
CA ALA B 259 -5.88 -3.09 17.35
C ALA B 259 -6.05 -3.45 15.88
N ARG B 260 -4.97 -3.87 15.21
CA ARG B 260 -5.07 -4.32 13.82
C ARG B 260 -5.84 -5.63 13.73
N SER B 261 -5.56 -6.56 14.64
CA SER B 261 -6.35 -7.80 14.66
C SER B 261 -7.83 -7.50 14.84
N ILE B 262 -8.15 -6.51 15.68
CA ILE B 262 -9.55 -6.13 15.86
C ILE B 262 -10.12 -5.50 14.60
N CYS B 263 -9.38 -4.57 13.99
CA CYS B 263 -9.87 -3.87 12.81
C CYS B 263 -10.09 -4.80 11.63
N GLU B 264 -9.31 -5.88 11.55
CA GLU B 264 -9.45 -6.82 10.45
C GLU B 264 -10.81 -7.52 10.47
N LYS B 265 -11.46 -7.61 11.62
CA LYS B 265 -12.70 -8.34 11.77
C LYS B 265 -13.93 -7.44 11.70
N LEU B 266 -13.76 -6.17 11.38
CA LEU B 266 -14.85 -5.20 11.37
C LEU B 266 -15.12 -4.76 9.94
N GLU B 267 -16.40 -4.73 9.56
CA GLU B 267 -16.77 -4.38 8.20
C GLU B 267 -16.74 -2.88 7.95
N GLN B 268 -16.79 -2.07 9.00
CA GLN B 268 -16.77 -0.63 8.84
C GLN B 268 -15.37 -0.05 8.81
N SER B 269 -14.35 -0.85 9.12
CA SER B 269 -12.99 -0.36 9.19
C SER B 269 -12.41 -0.19 7.78
N GLY B 270 -11.90 1.00 7.49
CA GLY B 270 -11.15 1.25 6.29
C GLY B 270 -9.68 0.91 6.43
N LEU B 271 -9.32 0.22 7.51
CA LEU B 271 -7.97 -0.17 7.84
C LEU B 271 -8.00 -1.60 8.35
N PRO B 272 -6.94 -2.39 8.13
CA PRO B 272 -5.71 -2.01 7.41
C PRO B 272 -5.77 -2.27 5.91
N VAL B 273 -6.96 -2.32 5.33
CA VAL B 273 -7.08 -2.51 3.88
C VAL B 273 -6.67 -1.24 3.17
N GLY B 274 -5.96 -1.39 2.05
CA GLY B 274 -5.54 -0.26 1.26
C GLY B 274 -5.60 -0.55 -0.22
N GLY B 275 -5.61 0.53 -1.00
CA GLY B 275 -5.53 0.40 -2.45
C GLY B 275 -6.78 -0.18 -3.07
N ASN B 276 -6.59 -1.10 -4.01
CA ASN B 276 -7.72 -1.71 -4.71
C ASN B 276 -8.57 -2.54 -3.77
N GLU B 277 -7.95 -3.24 -2.82
CA GLU B 277 -8.71 -4.00 -1.84
C GLU B 277 -9.56 -3.08 -0.98
N LYS B 278 -9.01 -1.93 -0.59
CA LYS B 278 -9.79 -0.96 0.18
C LYS B 278 -10.95 -0.41 -0.62
N LYS B 279 -10.73 -0.09 -1.90
CA LYS B 279 -11.82 0.40 -2.73
C LYS B 279 -12.90 -0.66 -2.88
N ALA B 280 -12.50 -1.92 -3.09
CA ALA B 280 -13.48 -2.99 -3.21
C ALA B 280 -14.27 -3.16 -1.92
N LYS B 281 -13.59 -3.14 -0.77
CA LYS B 281 -14.30 -3.29 0.50
C LYS B 281 -15.26 -2.13 0.73
N LEU B 282 -14.83 -0.90 0.48
CA LEU B 282 -15.71 0.24 0.67
C LEU B 282 -16.93 0.16 -0.25
N ALA B 283 -16.71 -0.19 -1.52
CA ALA B 283 -17.82 -0.28 -2.46
C ALA B 283 -18.79 -1.37 -2.04
N ASN B 284 -18.28 -2.54 -1.67
CA ASN B 284 -19.14 -3.64 -1.25
C ASN B 284 -19.91 -3.30 0.02
N VAL B 285 -19.26 -2.64 0.97
CA VAL B 285 -19.92 -2.34 2.24
C VAL B 285 -21.00 -1.28 2.04
N VAL B 286 -20.69 -0.24 1.26
CA VAL B 286 -21.70 0.79 0.98
C VAL B 286 -22.84 0.20 0.18
N ARG B 287 -22.53 -0.77 -0.68
CA ARG B 287 -23.54 -1.41 -1.51
C ARG B 287 -24.48 -2.22 -0.63
N LYS B 288 -23.92 -2.99 0.30
CA LYS B 288 -24.72 -3.77 1.24
C LYS B 288 -25.56 -2.86 2.12
N MET B 289 -24.98 -1.72 2.53
CA MET B 289 -25.73 -0.77 3.35
C MET B 289 -26.92 -0.20 2.60
N MET B 290 -26.74 0.10 1.30
CA MET B 290 -27.87 0.58 0.51
C MET B 290 -28.88 -0.53 0.25
N THR B 291 -28.42 -1.79 0.26
CA THR B 291 -29.34 -2.91 0.10
C THR B 291 -30.17 -3.12 1.36
N ASN B 292 -29.57 -2.97 2.54
CA ASN B 292 -30.30 -3.17 3.78
C ASN B 292 -31.37 -2.10 3.99
N SER B 293 -31.14 -0.88 3.50
CA SER B 293 -32.09 0.20 3.71
C SER B 293 -33.38 -0.07 2.95
N GLN B 294 -34.50 -0.04 3.66
CA GLN B 294 -35.79 -0.30 3.05
C GLN B 294 -36.14 0.79 2.05
N ASP B 295 -37.16 0.49 1.24
CA ASP B 295 -37.50 1.36 0.11
C ASP B 295 -38.15 2.66 0.58
N THR B 296 -39.08 2.57 1.52
CA THR B 296 -39.77 3.74 2.04
C THR B 296 -38.88 4.68 2.84
N GLU B 297 -37.62 4.32 3.08
CA GLU B 297 -36.74 5.12 3.92
C GLU B 297 -35.99 6.18 3.13
N LEU B 298 -35.70 7.28 3.82
CA LEU B 298 -34.81 8.33 3.34
C LEU B 298 -33.38 7.98 3.75
N SER B 299 -32.47 8.07 2.78
CA SER B 299 -31.07 7.72 2.99
C SER B 299 -30.20 8.92 2.68
N PHE B 300 -29.30 9.25 3.61
CA PHE B 300 -28.37 10.35 3.45
C PHE B 300 -26.98 9.84 3.80
N THR B 301 -25.97 10.53 3.27
CA THR B 301 -24.57 10.21 3.52
C THR B 301 -23.83 11.48 3.90
N ILE B 302 -23.06 11.38 4.97
CA ILE B 302 -22.19 12.43 5.46
C ILE B 302 -20.77 12.08 5.06
N THR B 303 -20.18 12.94 4.23
CA THR B 303 -18.73 12.99 4.05
C THR B 303 -18.17 13.76 5.24
N GLY B 304 -17.46 13.08 6.13
CA GLY B 304 -17.09 13.67 7.40
C GLY B 304 -15.62 13.54 7.74
N ASP B 305 -15.06 14.62 8.23
CA ASP B 305 -13.76 14.67 8.87
C ASP B 305 -13.97 14.94 10.36
N ASN B 306 -12.99 14.52 11.15
CA ASN B 306 -12.96 14.85 12.57
C ASN B 306 -11.86 15.87 12.81
N THR B 307 -12.12 16.84 13.66
CA THR B 307 -11.20 17.94 13.90
C THR B 307 -10.38 17.67 15.16
N LYS B 308 -9.09 17.99 15.08
CA LYS B 308 -8.14 17.81 16.19
C LYS B 308 -8.20 16.38 16.73
N TRP B 309 -8.05 15.42 15.82
CA TRP B 309 -8.24 14.01 16.16
C TRP B 309 -7.20 13.55 17.18
N ASN B 310 -5.92 13.74 16.88
CA ASN B 310 -4.88 13.22 17.76
C ASN B 310 -4.81 13.99 19.07
N GLU B 311 -5.19 15.27 19.08
CA GLU B 311 -5.10 16.07 20.28
C GLU B 311 -6.21 15.79 21.28
N ASN B 312 -7.29 15.12 20.85
CA ASN B 312 -8.39 14.79 21.73
C ASN B 312 -8.53 13.29 21.97
N GLN B 313 -7.63 12.47 21.43
CA GLN B 313 -7.62 11.04 21.74
C GLN B 313 -6.88 10.83 23.05
N ASN B 314 -7.60 10.46 24.09
CA ASN B 314 -6.89 10.42 25.36
C ASN B 314 -6.24 9.06 25.59
N PRO B 315 -5.01 9.03 26.07
CA PRO B 315 -4.38 7.74 26.41
C PRO B 315 -5.11 6.99 27.52
N ARG B 316 -5.78 7.70 28.43
CA ARG B 316 -6.54 7.03 29.48
C ARG B 316 -7.70 6.25 28.90
N MET B 317 -8.33 6.78 27.85
CA MET B 317 -9.41 6.04 27.20
C MET B 317 -8.87 4.86 26.40
N PHE B 318 -7.65 4.98 25.85
CA PHE B 318 -7.02 3.83 25.24
C PHE B 318 -6.73 2.74 26.27
N LEU B 319 -6.34 3.15 27.48
CA LEU B 319 -6.13 2.18 28.55
C LEU B 319 -7.44 1.50 28.95
N ALA B 320 -8.52 2.28 29.05
CA ALA B 320 -9.83 1.68 29.33
C ALA B 320 -10.24 0.70 28.24
N MET B 321 -10.05 1.08 26.98
CA MET B 321 -10.41 0.19 25.87
C MET B 321 -9.60 -1.10 25.92
N ILE B 322 -8.29 -0.99 26.17
CA ILE B 322 -7.45 -2.18 26.21
C ILE B 322 -7.83 -3.06 27.40
N THR B 323 -8.17 -2.44 28.53
CA THR B 323 -8.57 -3.21 29.70
C THR B 323 -9.88 -3.95 29.47
N TYR B 324 -10.82 -3.34 28.75
CA TYR B 324 -12.06 -4.06 28.43
C TYR B 324 -11.83 -5.14 27.38
N ILE B 325 -10.93 -4.89 26.43
CA ILE B 325 -10.68 -5.84 25.36
C ILE B 325 -9.98 -7.08 25.89
N THR B 326 -9.08 -6.90 26.86
CA THR B 326 -8.28 -7.99 27.41
C THR B 326 -8.88 -8.60 28.67
N ARG B 327 -10.19 -8.52 28.84
CA ARG B 327 -10.83 -9.18 29.97
C ARG B 327 -10.70 -10.70 29.85
N ASN B 328 -10.46 -11.36 30.98
CA ASN B 328 -10.31 -12.81 31.07
C ASN B 328 -9.08 -13.32 30.35
N GLN B 329 -8.13 -12.47 30.08
CA GLN B 329 -6.87 -12.87 29.47
C GLN B 329 -5.82 -13.08 30.57
N PRO B 330 -4.71 -13.75 30.28
CA PRO B 330 -3.63 -13.82 31.26
C PRO B 330 -3.16 -12.42 31.65
N GLU B 331 -2.67 -12.31 32.88
CA GLU B 331 -2.35 -11.00 33.43
C GLU B 331 -1.10 -10.39 32.80
N TRP B 332 -0.11 -11.22 32.45
CA TRP B 332 1.07 -10.70 31.76
C TRP B 332 0.69 -10.04 30.44
N PHE B 333 -0.28 -10.62 29.72
CA PHE B 333 -0.71 -10.07 28.45
C PHE B 333 -1.38 -8.71 28.65
N ARG B 334 -2.28 -8.62 29.63
CA ARG B 334 -2.91 -7.34 29.94
C ARG B 334 -1.89 -6.29 30.33
N ASN B 335 -0.90 -6.66 31.14
CA ASN B 335 0.12 -5.72 31.55
C ASN B 335 0.91 -5.19 30.35
N VAL B 336 1.40 -6.11 29.52
CA VAL B 336 2.24 -5.72 28.39
C VAL B 336 1.43 -4.91 27.38
N LEU B 337 0.11 -5.11 27.33
CA LEU B 337 -0.72 -4.28 26.47
C LEU B 337 -1.12 -2.97 27.11
N SER B 338 -1.06 -2.89 28.44
CA SER B 338 -1.42 -1.67 29.15
C SER B 338 -0.27 -0.69 29.27
N ILE B 339 0.96 -1.13 28.98
CA ILE B 339 2.09 -0.23 29.25
C ILE B 339 2.12 0.95 28.28
N ALA B 340 1.71 0.76 27.02
CA ALA B 340 1.76 1.86 26.06
C ALA B 340 0.81 3.00 26.40
N PRO B 341 -0.46 2.77 26.75
CA PRO B 341 -1.29 3.90 27.18
C PRO B 341 -0.78 4.58 28.44
N ILE B 342 -0.16 3.84 29.34
CA ILE B 342 0.41 4.44 30.54
C ILE B 342 1.56 5.37 30.19
N MET B 343 2.48 4.90 29.35
CA MET B 343 3.61 5.71 28.96
C MET B 343 3.16 6.93 28.16
N PHE B 344 2.12 6.78 27.34
CA PHE B 344 1.63 7.93 26.59
C PHE B 344 0.85 8.90 27.47
N SER B 345 0.28 8.43 28.58
CA SER B 345 -0.39 9.32 29.51
C SER B 345 0.61 10.20 30.26
N ASN B 346 1.86 9.76 30.38
CA ASN B 346 2.90 10.49 31.09
C ASN B 346 4.01 10.96 30.15
N LYS B 347 3.67 11.22 28.90
CA LYS B 347 4.68 11.52 27.89
C LYS B 347 5.09 12.98 27.93
N MET B 348 6.30 13.24 27.45
CA MET B 348 6.83 14.60 27.30
C MET B 348 7.12 14.86 25.83
N ALA B 349 6.82 16.06 25.37
CA ALA B 349 7.09 16.48 24.00
C ALA B 349 8.30 17.39 24.00
N ARG B 350 9.37 16.98 23.32
CA ARG B 350 10.55 17.81 23.21
C ARG B 350 10.23 19.02 22.33
N LEU B 351 10.73 20.19 22.73
CA LEU B 351 10.29 21.42 22.10
C LEU B 351 10.91 21.65 20.73
N GLY B 352 12.10 21.10 20.48
CA GLY B 352 12.71 21.17 19.16
C GLY B 352 13.98 21.98 19.18
N LYS B 353 14.25 22.65 18.06
CA LYS B 353 15.51 23.34 17.86
C LYS B 353 15.59 24.68 18.57
N GLY B 354 14.47 25.27 18.94
CA GLY B 354 14.46 26.57 19.59
C GLY B 354 14.04 27.67 18.63
N TYR B 355 14.82 28.74 18.59
CA TYR B 355 14.54 29.87 17.72
C TYR B 355 15.85 30.46 17.22
N MET B 356 15.75 31.39 16.29
CA MET B 356 16.89 32.14 15.81
C MET B 356 16.61 33.62 15.96
N PHE B 357 17.58 34.36 16.48
CA PHE B 357 17.48 35.78 16.72
C PHE B 357 18.42 36.53 15.79
N GLU B 358 17.95 37.64 15.24
CA GLU B 358 18.77 38.48 14.36
C GLU B 358 18.82 39.91 14.88
N SER B 359 20.00 40.50 14.81
CA SER B 359 20.18 41.94 14.98
C SER B 359 20.61 42.53 13.66
N LYS B 360 19.76 43.39 13.09
CA LYS B 360 20.10 44.08 11.86
C LYS B 360 21.23 45.07 12.07
N SER B 361 21.09 45.93 13.08
CA SER B 361 22.09 46.98 13.32
C SER B 361 23.48 46.38 13.50
N MET B 362 23.58 45.27 14.23
CA MET B 362 24.85 44.60 14.40
C MET B 362 25.10 43.55 13.33
N LYS B 363 24.12 43.29 12.46
CA LYS B 363 24.22 42.31 11.39
C LYS B 363 24.78 40.99 11.93
N LEU B 364 24.02 40.39 12.83
CA LEU B 364 24.42 39.10 13.38
C LEU B 364 23.18 38.26 13.64
N ARG B 365 23.38 36.95 13.70
CA ARG B 365 22.31 36.00 13.96
C ARG B 365 22.82 34.94 14.91
N THR B 366 21.93 34.44 15.75
CA THR B 366 22.30 33.47 16.77
C THR B 366 21.16 32.48 16.97
N GLN B 367 21.53 31.28 17.40
CA GLN B 367 20.58 30.22 17.70
C GLN B 367 20.34 30.18 19.21
N VAL B 368 19.07 30.21 19.60
CA VAL B 368 18.65 30.08 21.00
C VAL B 368 18.02 28.70 21.15
N PRO B 369 18.64 27.79 21.90
CA PRO B 369 18.07 26.45 22.05
C PRO B 369 16.74 26.48 22.79
N ALA B 370 15.97 25.42 22.61
CA ALA B 370 14.68 25.31 23.29
C ALA B 370 14.86 25.08 24.79
N GLU B 371 15.98 24.47 25.19
CA GLU B 371 16.19 24.16 26.60
C GLU B 371 16.30 25.42 27.46
N MET B 372 16.59 26.57 26.85
CA MET B 372 16.61 27.85 27.55
C MET B 372 15.40 28.72 27.22
N LEU B 373 14.25 28.10 26.97
CA LEU B 373 13.02 28.84 26.72
C LEU B 373 12.19 29.06 27.98
N ALA B 374 12.63 28.54 29.12
CA ALA B 374 11.95 28.78 30.39
C ALA B 374 12.64 29.85 31.23
N ASN B 375 13.94 30.04 31.04
CA ASN B 375 14.73 31.02 31.78
C ASN B 375 15.28 32.09 30.84
N ILE B 376 14.46 32.53 29.89
CA ILE B 376 14.85 33.55 28.93
C ILE B 376 13.93 34.75 29.10
N ASP B 377 14.42 35.89 28.65
CA ASP B 377 13.64 37.12 28.69
C ASP B 377 12.67 37.15 27.51
N LEU B 378 11.43 37.56 27.80
CA LEU B 378 10.39 37.60 26.79
C LEU B 378 10.47 38.82 25.87
N LYS B 379 11.42 39.72 26.10
CA LYS B 379 11.56 40.90 25.25
C LYS B 379 11.98 40.52 23.84
N TYR B 380 12.67 39.39 23.66
CA TYR B 380 13.22 39.04 22.37
C TYR B 380 12.15 38.60 21.37
N PHE B 381 10.98 38.20 21.83
CA PHE B 381 10.00 37.51 21.01
C PHE B 381 8.89 38.45 20.56
N ASN B 382 8.24 38.09 19.45
CA ASN B 382 7.09 38.85 18.99
C ASN B 382 5.88 38.50 19.86
N LYS B 383 4.71 39.02 19.50
CA LYS B 383 3.54 38.90 20.35
C LYS B 383 3.11 37.44 20.52
N SER B 384 2.83 36.76 19.40
CA SER B 384 2.25 35.43 19.46
C SER B 384 3.22 34.41 20.07
N THR B 385 4.52 34.54 19.78
CA THR B 385 5.48 33.62 20.35
C THR B 385 5.64 33.86 21.86
N ARG B 386 5.60 35.13 22.27
CA ARG B 386 5.63 35.44 23.70
C ARG B 386 4.42 34.85 24.42
N GLU B 387 3.24 34.96 23.79
CA GLU B 387 2.05 34.35 24.38
C GLU B 387 2.20 32.83 24.48
N LYS B 388 2.70 32.20 23.42
CA LYS B 388 2.92 30.75 23.45
C LYS B 388 3.82 30.36 24.61
N ILE B 389 4.95 31.06 24.76
CA ILE B 389 5.91 30.72 25.80
C ILE B 389 5.31 30.95 27.18
N GLU B 390 4.57 32.04 27.35
CA GLU B 390 3.93 32.30 28.63
C GLU B 390 2.92 31.21 28.98
N LYS B 391 2.14 30.77 27.99
CA LYS B 391 1.13 29.75 28.24
C LYS B 391 1.75 28.39 28.51
N ILE B 392 2.93 28.11 27.94
CA ILE B 392 3.52 26.77 28.05
C ILE B 392 4.58 26.67 29.15
N ARG B 393 5.02 27.78 29.73
CA ARG B 393 6.10 27.72 30.71
C ARG B 393 5.84 26.82 31.92
N PRO B 394 4.63 26.73 32.48
CA PRO B 394 4.44 25.83 33.64
C PRO B 394 4.74 24.37 33.35
N LEU B 395 4.80 23.95 32.09
CA LEU B 395 4.98 22.56 31.73
C LEU B 395 6.42 22.19 31.40
N LEU B 396 7.34 23.15 31.39
CA LEU B 396 8.69 22.92 30.86
C LEU B 396 9.57 22.24 31.89
N ILE B 397 10.11 21.07 31.53
CA ILE B 397 11.09 20.35 32.35
C ILE B 397 12.16 19.78 31.42
N ASP B 398 13.41 20.17 31.64
CA ASP B 398 14.57 19.65 30.89
C ASP B 398 14.40 19.84 29.38
N GLY B 399 13.81 20.97 28.99
CA GLY B 399 13.61 21.25 27.58
C GLY B 399 12.45 20.51 26.93
N THR B 400 11.58 19.89 27.73
CA THR B 400 10.39 19.21 27.23
C THR B 400 9.16 19.82 27.87
N ALA B 401 8.01 19.59 27.25
CA ALA B 401 6.73 20.03 27.78
C ALA B 401 5.88 18.84 28.17
N SER B 402 5.24 18.92 29.33
CA SER B 402 4.33 17.87 29.77
C SER B 402 3.09 17.88 28.89
N LEU B 403 2.79 16.73 28.28
CA LEU B 403 1.62 16.59 27.40
C LEU B 403 0.86 15.32 27.78
N SER B 404 0.04 15.40 28.83
CA SER B 404 -0.73 14.22 29.22
C SER B 404 -1.87 13.94 28.25
N PRO B 405 -2.71 14.91 27.87
CA PRO B 405 -3.78 14.61 26.92
C PRO B 405 -3.26 14.54 25.49
N GLY B 406 -4.02 13.88 24.63
CA GLY B 406 -3.66 13.77 23.23
C GLY B 406 -2.89 12.50 22.89
N MET B 407 -2.80 12.23 21.59
CA MET B 407 -2.12 11.06 21.09
C MET B 407 -0.83 11.41 20.37
N MET B 408 -0.56 12.69 20.14
CA MET B 408 0.67 13.19 19.53
C MET B 408 0.87 12.72 18.08
N MET B 409 -0.14 12.94 17.25
CA MET B 409 -0.07 12.65 15.81
C MET B 409 0.08 11.19 15.43
N GLY B 410 -1.06 10.58 15.07
CA GLY B 410 -1.17 9.21 14.61
C GLY B 410 -0.24 8.17 15.20
N MET B 411 -0.35 7.96 16.50
CA MET B 411 0.44 6.97 17.20
C MET B 411 -0.37 5.73 17.51
N PHE B 412 -1.69 5.84 17.47
CA PHE B 412 -2.62 4.74 17.71
C PHE B 412 -3.73 4.78 16.67
N ASN B 413 -3.33 4.84 15.39
CA ASN B 413 -4.28 4.90 14.29
C ASN B 413 -5.36 3.83 14.40
N MET B 414 -4.94 2.59 14.69
CA MET B 414 -5.88 1.48 14.64
C MET B 414 -6.78 1.43 15.87
N LEU B 415 -6.27 1.84 17.04
CA LEU B 415 -7.12 1.88 18.24
C LEU B 415 -8.16 3.00 18.15
N SER B 416 -7.76 4.17 17.63
CA SER B 416 -8.74 5.21 17.39
C SER B 416 -9.73 4.83 16.30
N THR B 417 -9.27 4.05 15.32
CA THR B 417 -10.19 3.46 14.36
C THR B 417 -11.22 2.56 15.04
N VAL B 418 -10.76 1.76 16.01
CA VAL B 418 -11.69 0.90 16.75
C VAL B 418 -12.70 1.73 17.51
N LEU B 419 -12.27 2.84 18.11
CA LEU B 419 -13.21 3.69 18.85
C LEU B 419 -14.25 4.29 17.91
N GLY B 420 -13.81 4.81 16.76
CA GLY B 420 -14.75 5.35 15.79
C GLY B 420 -15.71 4.29 15.25
N VAL B 421 -15.20 3.08 15.03
CA VAL B 421 -16.06 1.99 14.55
C VAL B 421 -17.05 1.58 15.62
N SER B 422 -16.67 1.66 16.90
CA SER B 422 -17.63 1.40 17.97
C SER B 422 -18.75 2.41 17.95
N ILE B 423 -18.42 3.69 17.73
CA ILE B 423 -19.48 4.69 17.65
C ILE B 423 -20.37 4.44 16.42
N LEU B 424 -19.77 4.00 15.31
CA LEU B 424 -20.57 3.63 14.15
C LEU B 424 -21.48 2.45 14.46
N ASN B 425 -20.96 1.47 15.20
CA ASN B 425 -21.71 0.28 15.54
C ASN B 425 -22.88 0.60 16.46
N LEU B 426 -22.75 1.66 17.25
CA LEU B 426 -23.85 2.11 18.09
C LEU B 426 -25.05 2.61 17.30
N GLY B 427 -25.00 2.55 15.98
CA GLY B 427 -26.05 3.08 15.14
C GLY B 427 -27.10 2.11 14.66
N GLN B 428 -27.03 0.84 15.05
CA GLN B 428 -28.07 -0.09 14.64
C GLN B 428 -29.37 0.22 15.36
N LYS B 429 -30.48 -0.28 14.80
CA LYS B 429 -31.79 0.02 15.36
C LYS B 429 -31.98 -0.59 16.74
N LYS B 430 -31.23 -1.64 17.08
CA LYS B 430 -31.31 -2.21 18.42
C LYS B 430 -30.70 -1.29 19.47
N TYR B 431 -29.91 -0.29 19.06
CA TYR B 431 -29.32 0.66 19.99
C TYR B 431 -29.92 2.06 19.89
N THR B 432 -30.26 2.52 18.69
CA THR B 432 -30.93 3.81 18.57
C THR B 432 -32.35 3.76 19.12
N LYS B 433 -32.99 2.58 19.05
CA LYS B 433 -34.35 2.38 19.57
C LYS B 433 -35.33 3.38 19.00
N THR B 434 -35.05 3.88 17.80
CA THR B 434 -35.92 4.81 17.11
C THR B 434 -36.13 4.34 15.68
N THR B 435 -36.73 5.19 14.84
CA THR B 435 -36.95 4.83 13.46
C THR B 435 -35.74 5.11 12.58
N TYR B 436 -34.82 5.95 13.03
CA TYR B 436 -33.59 6.21 12.29
C TYR B 436 -32.50 5.25 12.74
N TRP B 437 -31.51 5.07 11.88
CA TRP B 437 -30.33 4.29 12.21
C TRP B 437 -29.18 4.77 11.33
N TRP B 438 -27.98 4.30 11.63
CA TRP B 438 -26.84 4.71 10.83
C TRP B 438 -25.79 3.61 10.81
N ASP B 439 -24.97 3.64 9.77
CA ASP B 439 -23.76 2.83 9.67
C ASP B 439 -22.74 3.65 8.88
N GLY B 440 -21.62 3.03 8.51
CA GLY B 440 -20.70 3.74 7.65
C GLY B 440 -19.31 3.12 7.67
N LEU B 441 -18.34 3.96 7.33
CA LEU B 441 -16.94 3.58 7.16
C LEU B 441 -16.08 4.52 7.98
N GLN B 442 -15.07 3.97 8.65
CA GLN B 442 -14.19 4.74 9.52
C GLN B 442 -12.74 4.36 9.25
N SER B 443 -11.92 5.35 8.92
CA SER B 443 -10.48 5.17 8.71
C SER B 443 -9.81 6.18 9.63
N SER B 444 -9.48 5.73 10.84
CA SER B 444 -8.89 6.59 11.85
C SER B 444 -9.89 7.71 12.10
N ASP B 445 -9.66 8.86 11.47
CA ASP B 445 -10.45 10.05 11.70
C ASP B 445 -11.47 10.28 10.59
N ASP B 446 -11.15 9.93 9.36
CA ASP B 446 -12.08 10.10 8.25
C ASP B 446 -13.27 9.16 8.41
N PHE B 447 -14.42 9.59 7.90
CA PHE B 447 -15.58 8.73 8.04
C PHE B 447 -16.68 9.10 7.05
N ALA B 448 -17.41 8.07 6.63
CA ALA B 448 -18.56 8.20 5.76
C ALA B 448 -19.73 7.63 6.54
N LEU B 449 -20.73 8.45 6.83
CA LEU B 449 -21.84 8.04 7.67
C LEU B 449 -23.13 7.99 6.86
N ILE B 450 -23.71 6.80 6.73
CA ILE B 450 -25.00 6.62 6.06
C ILE B 450 -26.08 6.58 7.12
N VAL B 451 -27.01 7.54 7.05
CA VAL B 451 -28.12 7.66 7.97
C VAL B 451 -29.42 7.34 7.23
N ASN B 452 -30.27 6.54 7.86
CA ASN B 452 -31.56 6.16 7.29
C ASN B 452 -32.67 6.54 8.26
N ALA B 453 -33.76 7.07 7.71
CA ALA B 453 -34.88 7.53 8.53
C ALA B 453 -36.12 7.75 7.68
N PRO B 454 -37.33 7.56 8.22
CA PRO B 454 -38.54 7.71 7.40
C PRO B 454 -38.79 9.12 6.87
N ASN B 455 -38.10 10.14 7.37
CA ASN B 455 -38.28 11.49 6.84
C ASN B 455 -37.04 12.31 7.19
N HIS B 456 -37.10 13.61 6.87
CA HIS B 456 -35.95 14.48 7.07
C HIS B 456 -35.70 14.77 8.54
N GLU B 457 -36.76 14.89 9.33
CA GLU B 457 -36.60 15.10 10.76
C GLU B 457 -35.89 13.92 11.41
N GLY B 458 -36.21 12.70 10.98
CA GLY B 458 -35.49 11.55 11.49
C GLY B 458 -34.02 11.57 11.10
N ILE B 459 -33.71 12.04 9.90
CA ILE B 459 -32.32 12.16 9.46
C ILE B 459 -31.58 13.16 10.35
N GLN B 460 -32.21 14.30 10.61
CA GLN B 460 -31.61 15.29 11.49
C GLN B 460 -31.40 14.74 12.89
N ALA B 461 -32.38 13.99 13.40
CA ALA B 461 -32.26 13.43 14.73
C ALA B 461 -31.14 12.40 14.80
N GLY B 462 -31.01 11.56 13.78
CA GLY B 462 -29.92 10.59 13.76
C GLY B 462 -28.56 11.25 13.66
N VAL B 463 -28.46 12.32 12.86
CA VAL B 463 -27.19 13.03 12.75
C VAL B 463 -26.83 13.70 14.08
N ASP B 464 -27.81 14.34 14.72
CA ASP B 464 -27.57 14.94 16.02
C ASP B 464 -27.14 13.90 17.04
N ARG B 465 -27.80 12.74 17.06
CA ARG B 465 -27.47 11.71 18.03
C ARG B 465 -26.07 11.15 17.79
N PHE B 466 -25.71 10.91 16.54
CA PHE B 466 -24.35 10.46 16.23
C PHE B 466 -23.32 11.50 16.66
N TYR B 467 -23.58 12.78 16.36
CA TYR B 467 -22.64 13.83 16.73
C TYR B 467 -22.45 13.91 18.23
N ARG B 468 -23.55 13.82 19.00
CA ARG B 468 -23.45 13.93 20.44
C ARG B 468 -22.82 12.69 21.06
N THR B 469 -23.09 11.50 20.50
CA THR B 469 -22.44 10.30 20.97
C THR B 469 -20.94 10.34 20.71
N CYS B 470 -20.54 10.89 19.56
CA CYS B 470 -19.11 11.11 19.31
C CYS B 470 -18.53 12.09 20.32
N LYS B 471 -19.27 13.16 20.63
CA LYS B 471 -18.82 14.10 21.65
C LYS B 471 -18.58 13.39 22.98
N LEU B 472 -19.42 12.41 23.31
CA LEU B 472 -19.29 11.70 24.57
C LEU B 472 -17.98 10.92 24.70
N VAL B 473 -17.34 10.57 23.58
CA VAL B 473 -16.14 9.73 23.61
C VAL B 473 -14.91 10.49 23.13
N GLY B 474 -14.98 11.82 23.03
CA GLY B 474 -13.84 12.61 22.64
C GLY B 474 -13.64 12.78 21.15
N ILE B 475 -14.66 12.47 20.35
CA ILE B 475 -14.59 12.60 18.90
C ILE B 475 -15.42 13.82 18.50
N ASN B 476 -14.80 14.73 17.77
CA ASN B 476 -15.42 16.00 17.38
C ASN B 476 -15.53 16.04 15.86
N MET B 477 -16.76 15.97 15.36
CA MET B 477 -16.98 16.06 13.92
C MET B 477 -16.68 17.48 13.44
N SER B 478 -15.82 17.58 12.43
CA SER B 478 -15.49 18.87 11.84
C SER B 478 -16.70 19.37 11.06
N LYS B 479 -17.32 20.45 11.54
CA LYS B 479 -18.51 20.96 10.88
C LYS B 479 -18.18 21.69 9.58
N LYS B 480 -17.02 22.34 9.51
CA LYS B 480 -16.68 23.11 8.31
C LYS B 480 -16.16 22.22 7.18
N LYS B 481 -15.66 21.03 7.49
CA LYS B 481 -15.12 20.12 6.48
C LYS B 481 -16.09 19.01 6.09
N SER B 482 -17.21 18.86 6.80
CA SER B 482 -18.14 17.78 6.56
C SER B 482 -19.40 18.29 5.87
N TYR B 483 -20.01 17.44 5.06
CA TYR B 483 -21.27 17.79 4.42
C TYR B 483 -22.11 16.53 4.26
N ILE B 484 -23.37 16.72 3.87
CA ILE B 484 -24.33 15.63 3.79
C ILE B 484 -25.15 15.80 2.53
N ASN B 485 -25.45 14.67 1.87
CA ASN B 485 -26.30 14.69 0.69
C ASN B 485 -27.00 13.34 0.57
N ARG B 486 -27.95 13.25 -0.35
CA ARG B 486 -28.61 11.97 -0.59
C ARG B 486 -27.57 10.90 -0.92
N THR B 487 -27.82 9.69 -0.44
CA THR B 487 -26.85 8.61 -0.60
C THR B 487 -26.60 8.32 -2.07
N GLY B 488 -25.32 8.09 -2.41
CA GLY B 488 -24.94 7.83 -3.78
C GLY B 488 -23.61 8.44 -4.17
N THR B 489 -23.25 9.56 -3.56
CA THR B 489 -21.95 10.19 -3.78
C THR B 489 -21.34 10.61 -2.45
N PHE B 490 -20.04 10.42 -2.32
CA PHE B 490 -19.32 10.83 -1.11
C PHE B 490 -17.82 10.81 -1.38
N GLU B 491 -17.05 11.25 -0.39
CA GLU B 491 -15.60 11.20 -0.44
C GLU B 491 -15.11 10.52 0.83
N PHE B 492 -14.17 9.60 0.68
CA PHE B 492 -13.61 8.88 1.83
C PHE B 492 -12.13 8.66 1.58
N THR B 493 -11.29 9.26 2.42
CA THR B 493 -9.84 9.12 2.34
C THR B 493 -9.33 9.43 0.93
N SER B 494 -9.75 10.57 0.41
CA SER B 494 -9.37 11.06 -0.92
C SER B 494 -9.81 10.10 -2.03
N PHE B 495 -10.73 9.20 -1.73
CA PHE B 495 -11.39 8.38 -2.75
C PHE B 495 -12.76 8.98 -3.01
N PHE B 496 -13.00 9.36 -4.26
CA PHE B 496 -14.23 10.02 -4.63
C PHE B 496 -15.18 8.99 -5.23
N TYR B 497 -16.38 8.91 -4.68
CA TYR B 497 -17.37 7.91 -5.03
C TYR B 497 -18.56 8.62 -5.64
N ARG B 498 -18.76 8.42 -6.93
CA ARG B 498 -19.93 8.90 -7.65
C ARG B 498 -20.61 7.66 -8.21
N TYR B 499 -21.50 7.07 -7.41
CA TYR B 499 -22.13 5.78 -7.74
C TYR B 499 -21.09 4.70 -8.01
N GLY B 500 -19.91 4.87 -7.43
CA GLY B 500 -18.76 4.03 -7.71
C GLY B 500 -17.53 4.91 -7.72
N PHE B 501 -16.40 4.33 -7.34
CA PHE B 501 -15.17 5.11 -7.22
C PHE B 501 -14.63 5.48 -8.59
N VAL B 502 -14.18 6.72 -8.72
CA VAL B 502 -13.67 7.23 -9.98
C VAL B 502 -12.15 7.19 -9.94
N ALA B 503 -11.54 7.27 -11.12
CA ALA B 503 -10.09 7.34 -11.23
C ALA B 503 -9.61 8.75 -10.93
N ASN B 504 -8.49 8.84 -10.22
CA ASN B 504 -7.85 10.13 -9.92
C ASN B 504 -6.37 9.98 -10.25
N PHE B 505 -5.98 10.38 -11.46
CA PHE B 505 -4.63 10.14 -11.95
C PHE B 505 -3.62 11.11 -11.38
N SER B 506 -4.05 12.33 -11.01
CA SER B 506 -3.12 13.34 -10.57
C SER B 506 -2.38 12.92 -9.31
N MET B 507 -3.05 12.18 -8.43
CA MET B 507 -2.43 11.78 -7.16
C MET B 507 -1.21 10.91 -7.40
N GLU B 508 -1.20 10.13 -8.48
CA GLU B 508 -0.07 9.28 -8.82
C GLU B 508 0.92 9.96 -9.75
N LEU B 509 0.71 11.24 -10.05
CA LEU B 509 1.63 11.95 -10.94
C LEU B 509 3.06 12.06 -10.42
N PRO B 510 3.32 12.34 -9.14
CA PRO B 510 4.72 12.42 -8.68
C PRO B 510 5.49 11.11 -8.78
N SER B 511 4.83 9.99 -9.10
CA SER B 511 5.52 8.72 -9.26
C SER B 511 6.16 8.54 -10.64
N PHE B 512 5.85 9.42 -11.58
CA PHE B 512 6.42 9.34 -12.92
C PHE B 512 7.75 10.06 -12.95
N GLY B 513 8.75 9.44 -13.56
CA GLY B 513 10.03 10.09 -13.74
C GLY B 513 11.22 9.19 -13.46
N VAL B 514 12.42 9.75 -13.57
CA VAL B 514 13.64 9.02 -13.29
C VAL B 514 13.81 8.91 -11.77
N SER B 515 14.04 7.68 -11.29
CA SER B 515 14.08 7.43 -9.86
C SER B 515 15.43 7.69 -9.23
N GLY B 516 16.51 7.54 -9.99
CA GLY B 516 17.83 7.79 -9.48
C GLY B 516 18.49 6.64 -8.76
N ILE B 517 18.12 5.41 -9.08
CA ILE B 517 18.76 4.24 -8.50
C ILE B 517 19.97 3.89 -9.36
N ASN B 518 19.71 3.54 -10.62
CA ASN B 518 20.71 3.37 -11.66
C ASN B 518 19.94 3.20 -12.96
N GLU B 519 20.68 3.03 -14.06
CA GLU B 519 20.06 3.02 -15.38
C GLU B 519 19.06 1.88 -15.54
N SER B 520 19.47 0.67 -15.16
CA SER B 520 18.59 -0.50 -15.28
C SER B 520 17.34 -0.32 -14.44
N ALA B 521 17.51 -0.01 -13.16
CA ALA B 521 16.38 0.11 -12.25
C ALA B 521 15.47 1.25 -12.65
N ASP B 522 16.03 2.34 -13.17
CA ASP B 522 15.20 3.47 -13.58
C ASP B 522 14.36 3.13 -14.80
N MET B 523 14.94 2.43 -15.78
CA MET B 523 14.12 1.90 -16.88
C MET B 523 12.98 1.04 -16.36
N SER B 524 13.30 0.07 -15.49
CA SER B 524 12.28 -0.84 -14.99
C SER B 524 11.18 -0.08 -14.27
N VAL B 525 11.54 0.87 -13.41
CA VAL B 525 10.56 1.60 -12.63
C VAL B 525 9.69 2.47 -13.52
N GLY B 526 10.29 3.19 -14.48
CA GLY B 526 9.50 4.03 -15.36
C GLY B 526 8.46 3.23 -16.15
N VAL B 527 8.90 2.15 -16.79
CA VAL B 527 7.98 1.39 -17.63
C VAL B 527 6.92 0.71 -16.77
N THR B 528 7.31 0.18 -15.61
CA THR B 528 6.36 -0.49 -14.73
C THR B 528 5.34 0.48 -14.18
N VAL B 529 5.75 1.70 -13.86
CA VAL B 529 4.82 2.71 -13.37
C VAL B 529 3.81 3.06 -14.44
N ILE B 530 4.27 3.22 -15.69
CA ILE B 530 3.33 3.49 -16.78
C ILE B 530 2.31 2.36 -16.90
N LYS B 531 2.78 1.11 -16.89
CA LYS B 531 1.87 -0.03 -17.05
C LYS B 531 0.87 -0.11 -15.91
N ASN B 532 1.34 0.01 -14.66
CA ASN B 532 0.45 -0.08 -13.52
C ASN B 532 -0.53 1.09 -13.47
N ASN B 533 -0.16 2.24 -14.02
CA ASN B 533 -1.12 3.34 -14.10
C ASN B 533 -2.15 3.10 -15.19
N MET B 534 -1.78 2.41 -16.26
CA MET B 534 -2.79 1.96 -17.21
C MET B 534 -3.77 1.00 -16.53
N ILE B 535 -3.26 0.14 -15.65
CA ILE B 535 -4.12 -0.88 -15.05
C ILE B 535 -5.03 -0.27 -13.98
N ASN B 536 -4.49 0.59 -13.13
CA ASN B 536 -5.19 1.02 -11.91
C ASN B 536 -5.83 2.39 -12.01
N ASN B 537 -5.22 3.34 -12.72
CA ASN B 537 -5.63 4.73 -12.67
C ASN B 537 -6.20 5.24 -14.00
N ASP B 538 -6.69 4.33 -14.84
CA ASP B 538 -7.38 4.69 -16.08
C ASP B 538 -6.49 5.52 -17.01
N LEU B 539 -5.20 5.22 -17.03
CA LEU B 539 -4.28 5.87 -17.95
C LEU B 539 -4.51 5.29 -19.34
N GLY B 540 -5.05 6.11 -20.25
CA GLY B 540 -5.40 5.66 -21.59
C GLY B 540 -4.20 5.28 -22.42
N PRO B 541 -4.43 4.56 -23.52
CA PRO B 541 -3.31 4.04 -24.31
C PRO B 541 -2.49 5.13 -25.01
N ALA B 542 -3.15 6.14 -25.58
CA ALA B 542 -2.41 7.22 -26.22
C ALA B 542 -1.60 8.02 -25.21
N THR B 543 -2.22 8.35 -24.08
CA THR B 543 -1.48 9.03 -23.01
C THR B 543 -0.39 8.13 -22.45
N ALA B 544 -0.58 6.81 -22.48
CA ALA B 544 0.47 5.91 -22.05
C ALA B 544 1.65 5.94 -23.01
N GLN B 545 1.39 5.99 -24.31
CA GLN B 545 2.48 6.11 -25.28
C GLN B 545 3.22 7.44 -25.10
N MET B 546 2.48 8.52 -24.85
CA MET B 546 3.13 9.81 -24.64
C MET B 546 3.92 9.83 -23.34
N ALA B 547 3.41 9.17 -22.29
CA ALA B 547 4.15 9.05 -21.05
C ALA B 547 5.43 8.24 -21.26
N LEU B 548 5.37 7.21 -22.09
CA LEU B 548 6.57 6.46 -22.43
C LEU B 548 7.59 7.34 -23.14
N GLN B 549 7.13 8.13 -24.11
CA GLN B 549 8.04 9.04 -24.80
C GLN B 549 8.67 10.04 -23.84
N LEU B 550 7.87 10.61 -22.94
CA LEU B 550 8.39 11.60 -22.00
C LEU B 550 9.37 10.98 -21.02
N PHE B 551 9.08 9.76 -20.56
CA PHE B 551 10.03 9.08 -19.68
C PHE B 551 11.33 8.77 -20.39
N ILE B 552 11.27 8.37 -21.66
CA ILE B 552 12.51 8.09 -22.38
C ILE B 552 13.31 9.36 -22.59
N LYS B 553 12.63 10.47 -22.87
CA LYS B 553 13.33 11.77 -22.96
C LYS B 553 14.03 12.10 -21.65
N ASP B 554 13.30 12.03 -20.53
CA ASP B 554 13.88 12.39 -19.24
C ASP B 554 15.02 11.45 -18.87
N TYR B 555 14.89 10.17 -19.22
CA TYR B 555 15.92 9.18 -18.94
C TYR B 555 17.19 9.47 -19.74
N ARG B 556 17.03 9.74 -21.03
CA ARG B 556 18.19 10.04 -21.88
C ARG B 556 18.88 11.31 -21.43
N TYR B 557 18.11 12.32 -20.98
CA TYR B 557 18.72 13.53 -20.46
C TYR B 557 19.49 13.24 -19.18
N THR B 558 18.87 12.52 -18.24
CA THR B 558 19.48 12.29 -16.93
C THR B 558 20.77 11.48 -17.06
N TYR B 559 20.74 10.41 -17.85
CA TYR B 559 21.85 9.48 -17.88
C TYR B 559 22.80 9.71 -19.05
N ARG B 560 22.59 10.78 -19.81
CA ARG B 560 23.50 11.17 -20.90
C ARG B 560 23.65 10.04 -21.92
N CYS B 561 22.54 9.41 -22.27
CA CYS B 561 22.51 8.24 -23.12
C CYS B 561 21.58 8.44 -24.30
N HIS B 562 21.77 9.55 -25.01
CA HIS B 562 20.96 9.82 -26.19
C HIS B 562 21.34 8.86 -27.31
N ARG B 563 20.38 8.65 -28.22
CA ARG B 563 20.57 7.75 -29.35
C ARG B 563 21.91 7.96 -30.02
N GLY B 564 22.61 6.85 -30.29
CA GLY B 564 23.93 6.93 -30.90
C GLY B 564 24.00 7.86 -32.09
N ASP B 565 23.02 7.78 -32.98
CA ASP B 565 23.01 8.58 -34.20
C ASP B 565 22.35 9.95 -33.98
N THR B 566 22.84 10.68 -32.99
CA THR B 566 22.35 12.02 -32.73
C THR B 566 23.50 13.02 -32.69
N GLN B 567 23.21 14.24 -32.24
CA GLN B 567 24.22 15.28 -32.19
C GLN B 567 24.39 15.91 -30.81
N ILE B 568 23.55 15.55 -29.84
CA ILE B 568 23.68 16.10 -28.50
C ILE B 568 25.10 15.88 -28.01
N GLN B 569 25.72 16.96 -27.50
CA GLN B 569 27.11 16.92 -27.07
C GLN B 569 27.18 16.70 -25.56
N THR B 570 27.87 15.63 -25.16
CA THR B 570 28.07 15.31 -23.76
C THR B 570 29.37 14.54 -23.64
N ARG B 571 29.82 14.38 -22.39
CA ARG B 571 31.07 13.65 -22.15
C ARG B 571 30.95 12.20 -22.59
N ARG B 572 29.76 11.61 -22.48
CA ARG B 572 29.53 10.22 -22.84
C ARG B 572 29.31 10.02 -24.34
N ALA B 573 29.12 11.08 -25.11
CA ALA B 573 28.64 10.94 -26.49
C ALA B 573 29.68 10.28 -27.39
N PHE B 574 30.97 10.44 -27.10
CA PHE B 574 31.98 9.84 -27.96
C PHE B 574 31.97 8.32 -27.84
N GLU B 575 31.96 7.81 -26.60
CA GLU B 575 31.88 6.37 -26.39
C GLU B 575 30.60 5.80 -26.98
N LEU B 576 29.49 6.53 -26.86
CA LEU B 576 28.23 6.06 -27.40
C LEU B 576 28.27 6.01 -28.92
N LYS B 577 28.91 7.01 -29.55
CA LYS B 577 29.05 6.99 -31.01
C LYS B 577 29.94 5.85 -31.47
N LYS B 578 31.03 5.58 -30.72
CA LYS B 578 31.89 4.46 -31.05
C LYS B 578 31.14 3.14 -30.96
N LEU B 579 30.40 2.94 -29.87
CA LEU B 579 29.63 1.71 -29.70
C LEU B 579 28.55 1.60 -30.77
N TRP B 580 27.93 2.71 -31.14
CA TRP B 580 26.90 2.69 -32.17
C TRP B 580 27.48 2.27 -33.51
N GLU B 581 28.54 2.94 -33.96
CA GLU B 581 29.15 2.59 -35.24
C GLU B 581 29.76 1.20 -35.22
N GLN B 582 30.14 0.70 -34.05
CA GLN B 582 30.71 -0.64 -33.93
C GLN B 582 29.68 -1.75 -34.07
N THR B 583 28.40 -1.46 -33.85
CA THR B 583 27.38 -2.48 -33.68
C THR B 583 26.60 -2.71 -34.96
N ARG B 584 26.49 -3.97 -35.37
CA ARG B 584 25.71 -4.31 -36.55
C ARG B 584 24.21 -4.11 -36.32
N SER B 585 23.68 -4.73 -35.27
CA SER B 585 22.25 -4.66 -34.96
C SER B 585 22.04 -3.58 -33.91
N LYS B 586 21.62 -2.39 -34.36
CA LYS B 586 21.45 -1.27 -33.44
C LYS B 586 20.22 -1.45 -32.56
N ALA B 587 19.22 -2.19 -33.02
CA ALA B 587 17.99 -2.36 -32.25
C ALA B 587 18.20 -3.17 -30.99
N GLY B 588 19.34 -3.85 -30.85
CA GLY B 588 19.62 -4.62 -29.66
C GLY B 588 20.27 -3.83 -28.55
N LEU B 589 20.86 -2.68 -28.88
CA LEU B 589 21.49 -1.85 -27.87
C LEU B 589 20.47 -1.32 -26.89
N LEU B 590 20.82 -1.32 -25.61
CA LEU B 590 19.95 -0.73 -24.60
C LEU B 590 19.91 0.79 -24.77
N VAL B 591 18.82 1.39 -24.30
CA VAL B 591 18.69 2.84 -24.35
C VAL B 591 19.83 3.50 -23.59
N SER B 592 20.26 2.90 -22.48
CA SER B 592 21.42 3.41 -21.75
C SER B 592 22.71 3.28 -22.55
N ASP B 593 22.74 2.41 -23.56
CA ASP B 593 23.87 2.29 -24.47
C ASP B 593 23.64 3.05 -25.77
N GLY B 594 22.68 3.98 -25.79
CA GLY B 594 22.40 4.74 -26.98
C GLY B 594 21.56 4.01 -28.01
N GLY B 595 20.82 2.98 -27.62
CA GLY B 595 19.98 2.25 -28.52
C GLY B 595 18.60 2.88 -28.66
N PRO B 596 17.80 2.36 -29.57
CA PRO B 596 16.44 2.89 -29.76
C PRO B 596 15.48 2.36 -28.70
N ASN B 597 14.34 3.03 -28.62
CA ASN B 597 13.28 2.65 -27.68
C ASN B 597 12.30 1.74 -28.42
N LEU B 598 12.28 0.47 -28.03
CA LEU B 598 11.39 -0.52 -28.63
C LEU B 598 10.13 -0.76 -27.81
N TYR B 599 9.93 -0.01 -26.74
CA TYR B 599 8.78 -0.20 -25.87
C TYR B 599 7.51 0.34 -26.52
N ASN B 600 6.41 -0.36 -26.28
CA ASN B 600 5.07 0.09 -26.63
C ASN B 600 4.11 -0.51 -25.61
N ILE B 601 2.82 -0.34 -25.84
CA ILE B 601 1.82 -0.88 -24.92
C ILE B 601 1.96 -2.40 -24.82
N ARG B 602 2.31 -3.04 -25.93
CA ARG B 602 2.44 -4.49 -25.98
C ARG B 602 3.38 -5.04 -24.91
N ASN B 603 4.55 -4.43 -24.76
CA ASN B 603 5.66 -5.05 -24.06
C ASN B 603 6.11 -4.26 -22.83
N LEU B 604 5.19 -3.54 -22.19
CA LEU B 604 5.55 -2.80 -20.98
C LEU B 604 5.92 -3.74 -19.84
N HIS B 605 5.31 -4.93 -19.79
CA HIS B 605 5.58 -5.87 -18.71
C HIS B 605 6.90 -6.61 -18.86
N ILE B 606 7.60 -6.43 -19.97
CA ILE B 606 8.83 -7.17 -20.27
C ILE B 606 10.02 -6.27 -19.97
N PRO B 607 11.02 -6.73 -19.22
CA PRO B 607 12.22 -5.92 -18.98
C PRO B 607 12.95 -5.62 -20.28
N GLU B 608 13.91 -4.68 -20.19
CA GLU B 608 14.56 -4.18 -21.39
C GLU B 608 15.62 -5.14 -21.92
N VAL B 609 16.37 -5.78 -21.03
CA VAL B 609 17.40 -6.71 -21.48
C VAL B 609 16.78 -7.94 -22.13
N CYS B 610 15.63 -8.38 -21.61
CA CYS B 610 14.92 -9.51 -22.19
C CYS B 610 14.16 -9.12 -23.45
N LEU B 611 13.74 -7.86 -23.55
CA LEU B 611 12.97 -7.43 -24.71
C LEU B 611 13.79 -7.49 -26.00
N LYS B 612 15.07 -7.14 -25.91
CA LYS B 612 15.94 -7.08 -27.08
C LYS B 612 17.13 -8.02 -26.97
N TRP B 613 16.95 -9.14 -26.26
CA TRP B 613 18.02 -10.13 -26.17
C TRP B 613 18.28 -10.80 -27.51
N GLU B 614 17.20 -11.09 -28.26
CA GLU B 614 17.35 -11.71 -29.57
C GLU B 614 18.06 -10.81 -30.56
N LEU B 615 17.90 -9.49 -30.43
CA LEU B 615 18.43 -8.53 -31.37
C LEU B 615 19.86 -8.11 -31.07
N MET B 616 20.43 -8.56 -29.95
CA MET B 616 21.77 -8.13 -29.58
C MET B 616 22.84 -8.79 -30.43
N ASP B 617 23.90 -8.05 -30.72
CA ASP B 617 25.13 -8.63 -31.23
C ASP B 617 25.78 -9.50 -30.16
N GLU B 618 26.44 -10.57 -30.60
CA GLU B 618 26.96 -11.56 -29.66
C GLU B 618 28.03 -10.97 -28.76
N ASP B 619 28.94 -10.16 -29.31
CA ASP B 619 30.01 -9.61 -28.49
C ASP B 619 29.50 -8.52 -27.56
N TYR B 620 28.59 -7.68 -28.04
CA TYR B 620 27.96 -6.70 -27.16
C TYR B 620 27.18 -7.39 -26.05
N GLN B 621 26.47 -8.46 -26.39
CA GLN B 621 25.70 -9.20 -25.38
C GLN B 621 26.61 -9.83 -24.35
N GLY B 622 27.72 -10.42 -24.79
CA GLY B 622 28.66 -11.02 -23.87
C GLY B 622 29.49 -10.01 -23.09
N ARG B 623 29.52 -8.76 -23.53
CA ARG B 623 30.16 -7.70 -22.75
C ARG B 623 29.22 -7.11 -21.71
N LEU B 624 27.98 -6.83 -22.11
CA LEU B 624 27.01 -6.22 -21.20
C LEU B 624 26.72 -7.14 -20.03
N CYS B 625 26.64 -8.44 -20.27
CA CYS B 625 26.30 -9.43 -19.25
C CYS B 625 27.50 -10.31 -18.90
N ASN B 626 28.68 -9.72 -18.82
CA ASN B 626 29.88 -10.50 -18.57
C ASN B 626 29.91 -10.98 -17.12
N PRO B 627 30.28 -12.25 -16.89
CA PRO B 627 30.28 -12.77 -15.52
C PRO B 627 31.22 -12.03 -14.58
N MET B 628 32.28 -11.41 -15.08
CA MET B 628 33.22 -10.66 -14.24
C MET B 628 33.05 -9.15 -14.36
N ASN B 629 31.79 -8.71 -14.47
CA ASN B 629 31.33 -7.32 -14.38
C ASN B 629 31.99 -6.61 -13.21
N PRO B 630 32.73 -5.53 -13.46
CA PRO B 630 33.43 -4.83 -12.37
C PRO B 630 32.62 -3.73 -11.69
N PHE B 631 31.40 -3.44 -12.15
CA PHE B 631 30.59 -2.39 -11.57
C PHE B 631 29.59 -2.92 -10.55
N VAL B 632 29.58 -4.22 -10.31
CA VAL B 632 28.73 -4.83 -9.29
C VAL B 632 29.64 -5.58 -8.32
N SER B 633 29.10 -5.86 -7.14
CA SER B 633 29.88 -6.55 -6.12
C SER B 633 29.99 -8.03 -6.42
N HIS B 634 31.13 -8.61 -6.07
CA HIS B 634 31.41 -10.03 -6.27
C HIS B 634 31.55 -10.70 -4.91
N LYS B 635 30.96 -11.88 -4.78
CA LYS B 635 31.01 -12.63 -3.53
C LYS B 635 31.99 -13.80 -3.66
N GLU B 636 32.76 -14.03 -2.62
CA GLU B 636 33.72 -15.12 -2.61
C GLU B 636 33.02 -16.45 -2.39
N ILE B 637 33.62 -17.51 -2.92
CA ILE B 637 33.06 -18.84 -2.79
C ILE B 637 33.69 -19.56 -1.60
N SER B 654 41.54 -16.62 -4.60
CA SER B 654 40.42 -15.69 -4.57
C SER B 654 39.45 -15.96 -5.72
N MET B 655 38.63 -16.97 -5.56
CA MET B 655 37.62 -17.32 -6.55
C MET B 655 36.27 -16.73 -6.15
N GLU B 656 35.55 -16.20 -7.14
CA GLU B 656 34.32 -15.48 -6.90
C GLU B 656 33.20 -16.05 -7.76
N TYR B 657 31.97 -15.86 -7.30
CA TYR B 657 30.81 -16.23 -8.10
C TYR B 657 30.71 -15.33 -9.33
N ASP B 658 30.10 -15.86 -10.37
CA ASP B 658 29.88 -15.10 -11.59
C ASP B 658 28.76 -14.09 -11.38
N ALA B 659 28.97 -12.87 -11.86
CA ALA B 659 27.92 -11.87 -11.83
C ALA B 659 26.90 -12.15 -12.92
N VAL B 660 25.65 -11.81 -12.63
CA VAL B 660 24.55 -11.96 -13.56
C VAL B 660 24.06 -10.61 -14.09
N ALA B 661 24.06 -9.59 -13.24
CA ALA B 661 23.51 -8.31 -13.64
C ALA B 661 24.36 -7.69 -14.76
N THR B 662 23.75 -6.73 -15.45
CA THR B 662 24.46 -6.02 -16.51
C THR B 662 25.32 -4.92 -15.91
N THR B 663 26.13 -4.29 -16.77
CA THR B 663 27.01 -3.21 -16.34
C THR B 663 26.27 -1.91 -16.08
N HIS B 664 24.98 -1.85 -16.38
CA HIS B 664 24.16 -0.69 -16.07
C HIS B 664 23.61 -0.72 -14.66
N SER B 665 23.97 -1.74 -13.88
CA SER B 665 23.54 -1.87 -12.48
C SER B 665 24.60 -1.35 -11.52
N TRP B 666 25.34 -0.32 -11.92
CA TRP B 666 26.42 0.22 -11.11
C TRP B 666 25.87 0.87 -9.84
N ILE B 667 26.79 1.24 -8.95
CA ILE B 667 26.46 1.79 -7.64
C ILE B 667 26.75 3.29 -7.66
N PRO B 668 25.79 4.14 -7.33
CA PRO B 668 26.06 5.60 -7.28
C PRO B 668 26.82 5.98 -6.02
N LYS B 669 27.85 6.80 -6.18
CA LYS B 669 28.60 7.32 -5.05
C LYS B 669 27.71 8.12 -4.13
N ARG B 670 27.74 7.78 -2.84
CA ARG B 670 26.91 8.44 -1.83
C ARG B 670 27.81 9.29 -0.94
N ASN B 671 27.76 10.60 -1.13
CA ASN B 671 28.59 11.53 -0.36
C ASN B 671 28.05 11.65 1.06
N ARG B 672 28.90 11.32 2.04
CA ARG B 672 28.55 11.40 3.45
C ARG B 672 29.68 12.06 4.23
N SER B 673 30.19 13.17 3.70
CA SER B 673 31.23 13.94 4.38
C SER B 673 30.73 15.34 4.73
N ASN B 676 31.70 16.98 9.00
CA ASN B 676 31.68 18.37 9.41
C ASN B 676 31.12 18.53 10.82
N THR B 677 31.17 17.45 11.59
CA THR B 677 30.67 17.43 12.96
C THR B 677 31.60 16.58 13.82
N SER B 678 31.13 16.22 15.01
CA SER B 678 31.89 15.40 15.93
C SER B 678 31.40 13.96 15.96
N GLN B 679 30.34 13.65 15.22
CA GLN B 679 29.77 12.31 15.17
C GLN B 679 30.55 11.42 14.21
N ARG B 680 31.85 11.63 14.10
CA ARG B 680 32.69 10.84 13.22
C ARG B 680 33.29 9.62 13.93
N GLY B 681 32.97 9.45 15.22
CA GLY B 681 33.46 8.32 15.97
C GLY B 681 32.75 7.03 15.66
N ILE B 682 31.55 7.13 15.07
CA ILE B 682 30.77 5.94 14.73
C ILE B 682 31.16 5.33 13.40
N LEU B 683 31.94 6.05 12.58
CA LEU B 683 32.35 5.49 11.29
C LEU B 683 33.23 4.27 11.47
N GLU B 684 34.02 4.24 12.54
CA GLU B 684 34.91 3.10 12.77
C GLU B 684 34.14 1.96 13.40
N ASP B 685 33.23 2.27 14.33
CA ASP B 685 32.37 1.24 14.88
C ASP B 685 31.61 0.53 13.77
N GLU B 686 31.04 1.30 12.84
CA GLU B 686 30.28 0.72 11.73
C GLU B 686 31.18 -0.07 10.78
N GLN B 687 32.40 0.41 10.52
CA GLN B 687 33.32 -0.36 9.68
C GLN B 687 33.63 -1.72 10.31
N MET B 688 33.93 -1.73 11.61
CA MET B 688 34.23 -3.00 12.26
C MET B 688 33.00 -3.90 12.34
N TYR B 689 31.82 -3.30 12.53
CA TYR B 689 30.57 -4.05 12.45
C TYR B 689 30.45 -4.76 11.10
N GLN B 690 30.73 -4.03 10.02
CA GLN B 690 30.63 -4.62 8.69
C GLN B 690 31.65 -5.73 8.49
N LYS B 691 32.87 -5.54 8.99
CA LYS B 691 33.87 -6.59 8.91
C LYS B 691 33.38 -7.87 9.59
N CYS B 692 32.84 -7.71 10.81
CA CYS B 692 32.34 -8.87 11.56
C CYS B 692 31.18 -9.54 10.83
N CYS B 693 30.28 -8.75 10.24
CA CYS B 693 29.12 -9.34 9.57
C CYS B 693 29.53 -10.08 8.30
N ASN B 694 30.51 -9.56 7.57
CA ASN B 694 31.01 -10.28 6.41
C ASN B 694 31.70 -11.58 6.81
N LEU B 695 32.46 -11.56 7.91
CA LEU B 695 33.04 -12.81 8.39
C LEU B 695 31.95 -13.82 8.76
N PHE B 696 30.90 -13.35 9.45
CA PHE B 696 29.81 -14.24 9.83
C PHE B 696 29.13 -14.83 8.59
N GLU B 697 28.91 -14.02 7.56
CA GLU B 697 28.33 -14.53 6.34
C GLU B 697 29.26 -15.52 5.65
N LYS B 698 30.57 -15.35 5.79
CA LYS B 698 31.51 -16.37 5.34
C LYS B 698 31.32 -17.67 6.12
N PHE B 699 30.88 -17.59 7.38
CA PHE B 699 30.60 -18.80 8.14
C PHE B 699 29.16 -19.28 8.02
N PHE B 700 28.22 -18.41 7.64
CA PHE B 700 26.80 -18.78 7.57
C PHE B 700 26.21 -18.30 6.25
N PRO B 701 26.02 -19.20 5.29
CA PRO B 701 25.69 -18.77 3.92
C PRO B 701 24.32 -18.15 3.77
N SER B 702 23.35 -18.54 4.59
CA SER B 702 21.98 -18.08 4.44
C SER B 702 21.65 -16.89 5.33
N SER B 703 22.65 -16.28 5.95
CA SER B 703 22.37 -15.21 6.91
C SER B 703 21.85 -13.95 6.23
N SER B 704 22.19 -13.73 4.96
CA SER B 704 21.70 -12.56 4.25
C SER B 704 20.45 -12.84 3.42
N TYR B 705 20.05 -14.11 3.29
CA TYR B 705 18.79 -14.46 2.66
C TYR B 705 17.63 -14.43 3.64
N ARG B 706 17.83 -14.99 4.83
CA ARG B 706 16.88 -14.95 5.94
C ARG B 706 17.58 -14.43 7.18
N ARG B 707 16.81 -13.80 8.05
CA ARG B 707 17.37 -13.25 9.28
C ARG B 707 17.82 -14.39 10.20
N PRO B 708 19.08 -14.39 10.64
CA PRO B 708 19.53 -15.45 11.53
C PRO B 708 19.02 -15.24 12.95
N VAL B 709 18.86 -16.35 13.66
CA VAL B 709 18.39 -16.36 15.03
C VAL B 709 19.44 -17.04 15.91
N GLY B 710 19.56 -16.56 17.15
CA GLY B 710 20.44 -17.23 18.09
C GLY B 710 20.87 -16.38 19.27
N ILE B 711 20.91 -16.98 20.46
CA ILE B 711 21.37 -16.30 21.66
C ILE B 711 22.88 -16.37 21.81
N SER B 712 23.55 -17.24 21.06
CA SER B 712 24.99 -17.37 21.17
C SER B 712 25.67 -16.16 20.55
N SER B 713 26.88 -15.87 21.04
CA SER B 713 27.67 -14.78 20.48
C SER B 713 28.13 -15.16 19.07
N MET B 714 28.73 -14.19 18.39
CA MET B 714 29.17 -14.42 17.01
C MET B 714 30.33 -15.40 16.95
N VAL B 715 31.32 -15.21 17.83
CA VAL B 715 32.50 -16.08 17.82
C VAL B 715 32.11 -17.52 18.18
N GLU B 716 31.20 -17.68 19.14
CA GLU B 716 30.80 -19.02 19.54
C GLU B 716 30.08 -19.74 18.40
N ALA B 717 29.14 -19.05 17.75
CA ALA B 717 28.42 -19.66 16.63
C ALA B 717 29.37 -19.99 15.48
N MET B 718 30.28 -19.08 15.16
CA MET B 718 31.21 -19.30 14.05
C MET B 718 32.16 -20.45 14.35
N VAL B 719 32.64 -20.56 15.59
CA VAL B 719 33.56 -21.64 15.94
C VAL B 719 32.84 -22.97 15.92
N SER B 720 31.62 -23.04 16.46
CA SER B 720 30.89 -24.29 16.44
C SER B 720 30.56 -24.71 15.02
N ARG B 721 30.20 -23.74 14.16
CA ARG B 721 29.94 -24.06 12.76
C ARG B 721 31.19 -24.57 12.06
N ALA B 722 32.34 -23.91 12.30
CA ALA B 722 33.58 -24.38 11.71
C ALA B 722 33.91 -25.78 12.17
N ARG B 723 33.68 -26.09 13.44
CA ARG B 723 34.00 -27.41 13.97
C ARG B 723 33.11 -28.47 13.35
N ILE B 724 31.80 -28.25 13.33
CA ILE B 724 30.91 -29.27 12.78
C ILE B 724 31.11 -29.42 11.28
N ASP B 725 31.44 -28.33 10.57
CA ASP B 725 31.68 -28.41 9.14
C ASP B 725 32.96 -29.18 8.85
N ALA B 726 34.04 -28.89 9.59
CA ALA B 726 35.27 -29.65 9.44
C ALA B 726 35.05 -31.12 9.74
N ARG B 727 34.20 -31.41 10.73
CA ARG B 727 33.91 -32.81 11.06
C ARG B 727 33.20 -33.52 9.91
N ILE B 728 32.09 -32.95 9.42
CA ILE B 728 31.35 -33.62 8.36
C ILE B 728 32.08 -33.59 7.03
N ASP B 729 33.12 -32.76 6.91
CA ASP B 729 33.93 -32.74 5.69
C ASP B 729 35.03 -33.79 5.77
N PHE B 730 35.73 -33.87 6.90
CA PHE B 730 36.72 -34.93 7.05
C PHE B 730 36.06 -36.29 6.95
N GLU B 731 34.88 -36.44 7.57
CA GLU B 731 34.12 -37.68 7.47
C GLU B 731 33.78 -37.96 6.02
N SER B 732 33.03 -37.05 5.37
CA SER B 732 32.62 -37.31 3.99
C SER B 732 33.79 -37.33 3.03
N GLY B 733 34.91 -36.69 3.38
CA GLY B 733 36.15 -36.85 2.63
C GLY B 733 36.57 -35.69 1.74
N ARG B 734 36.41 -34.46 2.22
CA ARG B 734 36.93 -33.30 1.51
C ARG B 734 38.22 -32.77 2.10
N ILE B 735 38.56 -33.13 3.34
CA ILE B 735 39.80 -32.73 3.97
C ILE B 735 40.46 -33.95 4.61
N LYS B 736 41.75 -33.83 4.87
CA LYS B 736 42.55 -34.95 5.37
C LYS B 736 42.78 -34.80 6.87
N LYS B 737 43.63 -35.67 7.41
CA LYS B 737 44.06 -35.59 8.80
C LYS B 737 44.55 -34.21 9.17
N GLU B 738 45.56 -33.72 8.45
CA GLU B 738 46.32 -32.55 8.89
C GLU B 738 45.49 -31.28 8.84
N GLU B 739 44.68 -31.11 7.79
CA GLU B 739 43.84 -29.93 7.71
C GLU B 739 42.78 -29.93 8.80
N PHE B 740 42.22 -31.09 9.12
CA PHE B 740 41.27 -31.19 10.21
C PHE B 740 41.93 -30.83 11.54
N ALA B 741 43.13 -31.36 11.78
CA ALA B 741 43.87 -31.02 13.00
C ALA B 741 44.13 -29.52 13.07
N GLU B 742 44.52 -28.91 11.95
CA GLU B 742 44.81 -27.48 11.94
C GLU B 742 43.56 -26.65 12.23
N ILE B 743 42.42 -27.05 11.64
CA ILE B 743 41.18 -26.33 11.88
C ILE B 743 40.77 -26.45 13.34
N MET B 744 40.88 -27.65 13.91
CA MET B 744 40.53 -27.84 15.31
C MET B 744 41.47 -27.07 16.23
N LYS B 745 42.74 -26.94 15.84
CA LYS B 745 43.69 -26.20 16.65
C LYS B 745 43.42 -24.71 16.60
N ILE B 746 43.09 -24.18 15.43
CA ILE B 746 42.71 -22.77 15.33
C ILE B 746 41.44 -22.49 16.11
N CYS B 747 40.49 -23.43 16.08
CA CYS B 747 39.27 -23.28 16.86
C CYS B 747 39.56 -23.26 18.36
N SER B 748 40.43 -24.16 18.82
CA SER B 748 40.80 -24.16 20.24
C SER B 748 41.52 -22.88 20.62
N THR B 749 42.38 -22.37 19.73
CA THR B 749 43.07 -21.11 20.00
C THR B 749 42.07 -19.96 20.13
N ILE B 750 41.10 -19.89 19.22
CA ILE B 750 40.10 -18.83 19.30
C ILE B 750 39.27 -18.97 20.58
N GLU B 751 38.98 -20.21 20.99
CA GLU B 751 38.15 -20.40 22.17
C GLU B 751 38.91 -20.04 23.45
N GLU B 752 40.21 -20.31 23.49
CA GLU B 752 40.98 -19.84 24.64
C GLU B 752 41.21 -18.34 24.58
N LEU B 753 41.18 -17.73 23.39
CA LEU B 753 41.27 -16.27 23.35
C LEU B 753 39.98 -15.62 23.80
N ARG B 754 38.83 -16.22 23.48
CA ARG B 754 37.56 -15.63 23.92
C ARG B 754 37.38 -15.81 25.42
N ARG B 755 37.85 -16.93 25.98
CA ARG B 755 37.79 -17.08 27.43
C ARG B 755 38.88 -16.26 28.12
N GLN B 756 40.00 -16.03 27.45
CA GLN B 756 41.18 -15.39 28.04
C GLN B 756 41.65 -14.30 27.08
N LYS B 757 41.11 -13.11 27.23
CA LYS B 757 41.48 -11.99 26.38
C LYS B 757 42.90 -11.51 26.58
N MET C 1 39.14 -22.95 6.27
CA MET C 1 40.56 -22.75 6.53
C MET C 1 40.90 -21.26 6.45
N GLU C 2 40.60 -20.64 5.31
CA GLU C 2 40.74 -19.19 5.18
C GLU C 2 39.96 -18.46 6.24
N ARG C 3 38.67 -18.80 6.39
CA ARG C 3 37.78 -18.09 7.29
C ARG C 3 38.17 -18.24 8.75
N ILE C 4 38.70 -19.40 9.14
CA ILE C 4 39.06 -19.58 10.55
C ILE C 4 40.30 -18.75 10.89
N LYS C 5 41.26 -18.66 9.97
CA LYS C 5 42.40 -17.77 10.16
C LYS C 5 41.95 -16.32 10.20
N GLU C 6 41.01 -15.96 9.32
CA GLU C 6 40.43 -14.62 9.33
C GLU C 6 39.82 -14.30 10.69
N LEU C 7 39.05 -15.24 11.23
CA LEU C 7 38.39 -15.04 12.52
C LEU C 7 39.42 -14.89 13.63
N ARG C 8 40.49 -15.69 13.56
CA ARG C 8 41.54 -15.58 14.58
C ARG C 8 42.23 -14.23 14.50
N ASP C 9 42.43 -13.72 13.27
CA ASP C 9 43.00 -12.38 13.13
C ASP C 9 42.13 -11.32 13.78
N LEU C 10 40.82 -11.35 13.53
CA LEU C 10 39.96 -10.36 14.21
C LEU C 10 39.91 -10.56 15.72
N MET C 11 40.05 -11.79 16.20
CA MET C 11 40.01 -11.96 17.64
C MET C 11 41.33 -11.62 18.31
N SER C 12 42.42 -11.54 17.54
CA SER C 12 43.70 -11.16 18.13
C SER C 12 43.67 -9.73 18.65
N GLN C 13 42.94 -8.85 17.95
CA GLN C 13 42.80 -7.46 18.36
C GLN C 13 41.87 -7.36 19.57
N SER C 14 41.62 -6.14 20.02
CA SER C 14 40.86 -5.89 21.23
C SER C 14 39.41 -5.51 20.97
N ARG C 15 39.16 -4.55 20.07
CA ARG C 15 37.81 -4.06 19.86
C ARG C 15 36.96 -5.06 19.08
N THR C 16 37.53 -5.66 18.03
CA THR C 16 36.81 -6.69 17.29
C THR C 16 36.51 -7.90 18.16
N ARG C 17 37.38 -8.23 19.11
CA ARG C 17 37.09 -9.33 20.03
C ARG C 17 35.91 -8.99 20.92
N GLU C 18 35.89 -7.78 21.47
CA GLU C 18 34.78 -7.35 22.30
C GLU C 18 33.48 -7.33 21.51
N ILE C 19 33.56 -7.01 20.22
CA ILE C 19 32.35 -7.02 19.38
C ILE C 19 31.88 -8.45 19.16
N LEU C 20 32.80 -9.35 18.79
CA LEU C 20 32.43 -10.72 18.49
C LEU C 20 31.90 -11.44 19.72
N THR C 21 32.39 -11.10 20.90
CA THR C 21 31.97 -11.78 22.12
C THR C 21 30.70 -11.17 22.73
N LYS C 22 30.59 -9.85 22.73
CA LYS C 22 29.47 -9.18 23.40
C LYS C 22 28.35 -8.83 22.44
N THR C 23 28.16 -9.64 21.40
CA THR C 23 27.08 -9.44 20.44
C THR C 23 26.53 -10.82 20.07
N THR C 24 25.29 -11.09 20.47
CA THR C 24 24.67 -12.36 20.10
C THR C 24 24.33 -12.36 18.61
N VAL C 25 23.88 -13.52 18.13
CA VAL C 25 23.50 -13.63 16.72
C VAL C 25 22.26 -12.82 16.42
N ASP C 26 21.34 -12.72 17.40
CA ASP C 26 20.12 -11.95 17.20
C ASP C 26 20.42 -10.46 17.05
N HIS C 27 21.38 -9.94 17.81
CA HIS C 27 21.77 -8.54 17.74
C HIS C 27 22.71 -8.26 16.57
N MET C 28 23.18 -9.31 15.89
CA MET C 28 24.04 -9.11 14.73
C MET C 28 23.28 -8.42 13.61
N ALA C 29 22.01 -8.73 13.44
CA ALA C 29 21.22 -8.03 12.42
C ALA C 29 21.06 -6.56 12.77
N ILE C 30 20.91 -6.23 14.06
CA ILE C 30 20.81 -4.84 14.47
C ILE C 30 22.10 -4.09 14.15
N ILE C 31 23.23 -4.66 14.56
CA ILE C 31 24.50 -4.01 14.25
C ILE C 31 24.80 -4.06 12.75
N LYS C 32 24.14 -4.92 12.00
CA LYS C 32 24.31 -4.95 10.54
C LYS C 32 23.56 -3.81 9.87
N LYS C 33 22.35 -3.50 10.34
CA LYS C 33 21.62 -2.35 9.83
C LYS C 33 22.17 -1.04 10.34
N TYR C 34 23.09 -1.09 11.31
CA TYR C 34 23.60 0.10 11.97
C TYR C 34 24.29 1.00 10.94
N THR C 35 23.78 2.22 10.80
CA THR C 35 24.31 3.19 9.85
C THR C 35 24.68 4.48 10.55
N SER C 36 25.67 5.17 9.99
CA SER C 36 26.14 6.45 10.51
C SER C 36 26.18 7.46 9.37
N GLY C 37 25.66 8.65 9.63
CA GLY C 37 25.63 9.72 8.67
C GLY C 37 24.29 10.42 8.72
N ARG C 38 23.99 11.16 7.64
CA ARG C 38 22.74 11.89 7.52
C ARG C 38 21.71 11.16 6.68
N GLN C 39 21.81 9.83 6.62
CA GLN C 39 20.92 8.97 5.87
C GLN C 39 20.88 9.45 4.41
N GLU C 40 19.71 9.50 3.80
CA GLU C 40 19.55 9.93 2.42
C GLU C 40 18.08 10.25 2.20
N LYS C 41 17.81 11.10 1.21
CA LYS C 41 16.43 11.48 0.91
C LYS C 41 16.36 12.10 -0.48
N ASN C 42 15.26 11.78 -1.19
CA ASN C 42 14.98 12.27 -2.52
C ASN C 42 16.14 11.93 -3.46
N PRO C 43 16.31 10.66 -3.82
CA PRO C 43 17.47 10.27 -4.63
C PRO C 43 17.36 10.67 -6.10
N ALA C 44 16.17 11.00 -6.59
CA ALA C 44 16.04 11.47 -7.97
C ALA C 44 16.75 12.81 -8.15
N LEU C 45 16.53 13.74 -7.21
CA LEU C 45 17.25 15.00 -7.25
C LEU C 45 18.75 14.77 -7.14
N ARG C 46 19.16 13.83 -6.29
CA ARG C 46 20.58 13.51 -6.17
C ARG C 46 21.14 13.02 -7.49
N MET C 47 20.39 12.15 -8.19
CA MET C 47 20.88 11.61 -9.44
C MET C 47 21.01 12.69 -10.50
N LYS C 48 19.99 13.55 -10.61
CA LYS C 48 20.10 14.69 -11.53
C LYS C 48 21.24 15.63 -11.11
N TRP C 49 21.57 15.66 -9.82
CA TRP C 49 22.59 16.55 -9.28
C TRP C 49 24.00 15.95 -9.33
N MET C 50 24.14 14.67 -9.67
CA MET C 50 25.44 14.03 -9.76
C MET C 50 25.82 13.53 -11.15
N MET C 51 24.87 13.40 -12.08
CA MET C 51 25.21 12.93 -13.40
C MET C 51 25.97 13.96 -14.22
N ALA C 52 25.87 15.24 -13.85
CA ALA C 52 26.69 16.26 -14.49
C ALA C 52 28.11 16.28 -13.97
N MET C 53 28.39 15.62 -12.85
CA MET C 53 29.73 15.54 -12.29
C MET C 53 30.62 14.66 -13.17
N LYS C 54 31.87 14.50 -12.74
CA LYS C 54 32.84 13.72 -13.50
C LYS C 54 32.80 12.25 -13.17
N TYR C 55 32.73 11.90 -11.88
CA TYR C 55 32.72 10.50 -11.43
C TYR C 55 31.60 10.30 -10.44
N PRO C 56 30.40 9.92 -10.91
CA PRO C 56 29.28 9.65 -10.01
C PRO C 56 29.16 8.21 -9.52
N ILE C 57 29.99 7.30 -9.99
CA ILE C 57 29.87 5.87 -9.68
C ILE C 57 30.98 5.46 -8.73
N THR C 58 30.68 4.54 -7.82
CA THR C 58 31.69 3.90 -6.99
C THR C 58 31.88 2.46 -7.42
N ALA C 59 33.13 2.04 -7.59
CA ALA C 59 33.44 0.67 -7.98
C ALA C 59 34.60 0.15 -7.16
N ASP C 60 34.82 -1.16 -7.23
CA ASP C 60 35.96 -1.78 -6.58
C ASP C 60 37.26 -1.43 -7.31
N LYS C 61 38.35 -1.35 -6.53
CA LYS C 61 39.65 -0.99 -7.10
C LYS C 61 40.14 -1.99 -8.14
N ARG C 62 39.57 -3.20 -8.18
CA ARG C 62 39.95 -4.16 -9.22
C ARG C 62 39.81 -3.57 -10.61
N ILE C 63 38.89 -2.61 -10.78
CA ILE C 63 38.66 -2.01 -12.08
C ILE C 63 39.88 -1.30 -12.65
N MET C 64 40.88 -0.99 -11.80
CA MET C 64 42.12 -0.43 -12.34
C MET C 64 42.72 -1.34 -13.39
N GLU C 65 42.67 -2.65 -13.16
CA GLU C 65 43.30 -3.57 -14.09
C GLU C 65 42.37 -3.95 -15.23
N MET C 66 41.10 -3.56 -15.18
CA MET C 66 40.18 -3.88 -16.25
C MET C 66 39.85 -2.71 -17.16
N ILE C 67 39.70 -1.51 -16.62
CA ILE C 67 39.35 -0.32 -17.39
C ILE C 67 40.55 0.61 -17.40
N PRO C 68 41.01 1.06 -18.57
CA PRO C 68 42.10 2.04 -18.61
C PRO C 68 41.67 3.39 -18.06
N GLU C 69 42.65 4.15 -17.58
CA GLU C 69 42.38 5.45 -17.00
C GLU C 69 41.88 6.45 -18.03
N ARG C 70 42.20 6.25 -19.31
CA ARG C 70 41.84 7.22 -20.33
C ARG C 70 41.49 6.50 -21.62
N ASN C 71 40.55 7.06 -22.38
CA ASN C 71 40.19 6.50 -23.67
C ASN C 71 41.00 7.18 -24.77
N GLU C 72 40.68 6.90 -26.03
CA GLU C 72 41.39 7.48 -27.16
C GLU C 72 41.12 8.96 -27.35
N GLN C 73 40.31 9.59 -26.50
CA GLN C 73 40.07 11.03 -26.54
C GLN C 73 40.59 11.74 -25.30
N GLY C 74 41.30 11.03 -24.43
CA GLY C 74 41.81 11.63 -23.22
C GLY C 74 40.79 11.88 -22.14
N GLN C 75 39.59 11.33 -22.26
CA GLN C 75 38.59 11.47 -21.21
C GLN C 75 38.83 10.43 -20.13
N THR C 76 38.88 10.87 -18.87
CA THR C 76 39.21 9.99 -17.77
C THR C 76 38.04 9.08 -17.44
N LEU C 77 38.31 7.77 -17.35
CA LEU C 77 37.28 6.80 -17.01
C LEU C 77 37.23 6.44 -15.54
N TRP C 78 38.33 6.64 -14.80
CA TRP C 78 38.31 6.46 -13.36
C TRP C 78 39.42 7.32 -12.76
N SER C 79 39.22 7.68 -11.50
CA SER C 79 40.16 8.53 -10.76
C SER C 79 40.32 7.97 -9.35
N LYS C 80 41.57 7.81 -8.91
CA LYS C 80 41.80 7.28 -7.57
C LYS C 80 41.23 8.24 -6.53
N THR C 81 40.68 7.68 -5.46
CA THR C 81 40.09 8.44 -4.38
C THR C 81 40.81 8.10 -3.08
N ASN C 82 41.29 9.13 -2.40
CA ASN C 82 42.00 8.98 -1.14
C ASN C 82 41.23 8.13 -0.12
N SER C 86 42.01 3.15 0.61
CA SER C 86 40.73 2.45 0.54
C SER C 86 40.64 1.63 -0.74
N ASP C 87 39.61 0.79 -0.83
CA ASP C 87 39.38 -0.05 -1.99
C ASP C 87 38.38 0.53 -2.98
N ARG C 88 37.63 1.56 -2.61
CA ARG C 88 36.66 2.14 -3.53
C ARG C 88 37.38 3.06 -4.54
N VAL C 89 36.70 3.28 -5.66
CA VAL C 89 37.25 4.13 -6.73
C VAL C 89 36.10 4.80 -7.48
N MET C 90 36.21 6.11 -7.65
CA MET C 90 35.19 6.86 -8.37
C MET C 90 35.34 6.66 -9.87
N VAL C 91 34.21 6.52 -10.56
CA VAL C 91 34.13 6.04 -11.93
C VAL C 91 33.05 6.84 -12.66
N SER C 92 33.28 7.08 -13.95
CA SER C 92 32.34 7.77 -14.84
C SER C 92 31.52 6.78 -15.64
N PRO C 93 30.34 7.17 -16.12
CA PRO C 93 29.57 6.28 -17.01
C PRO C 93 30.29 5.98 -18.32
N LEU C 94 31.23 6.84 -18.71
CA LEU C 94 32.07 6.54 -19.87
C LEU C 94 32.81 5.22 -19.68
N ALA C 95 33.15 4.87 -18.43
CA ALA C 95 33.74 3.57 -18.17
C ALA C 95 32.77 2.44 -18.49
N VAL C 96 31.49 2.63 -18.15
CA VAL C 96 30.49 1.62 -18.46
C VAL C 96 30.37 1.43 -19.96
N THR C 97 30.31 2.54 -20.70
CA THR C 97 30.20 2.43 -22.15
C THR C 97 31.48 1.86 -22.77
N TRP C 98 32.64 2.17 -22.18
CA TRP C 98 33.89 1.63 -22.70
C TRP C 98 33.97 0.13 -22.47
N TRP C 99 33.49 -0.35 -21.32
CA TRP C 99 33.39 -1.79 -21.12
C TRP C 99 32.42 -2.41 -22.12
N ASN C 100 31.28 -1.75 -22.34
CA ASN C 100 30.26 -2.32 -23.23
C ASN C 100 30.73 -2.39 -24.66
N ARG C 101 31.68 -1.53 -25.07
CA ARG C 101 32.17 -1.56 -26.44
C ARG C 101 33.54 -2.22 -26.60
N ASN C 102 34.33 -2.34 -25.54
CA ASN C 102 35.69 -2.85 -25.62
C ASN C 102 36.03 -3.90 -24.58
N GLY C 103 35.11 -4.19 -23.64
CA GLY C 103 35.41 -5.13 -22.59
C GLY C 103 35.54 -6.55 -23.12
N PRO C 104 36.18 -7.41 -22.32
CA PRO C 104 36.29 -8.83 -22.70
C PRO C 104 34.92 -9.46 -22.84
N THR C 105 34.65 -10.01 -24.03
CA THR C 105 33.38 -10.65 -24.29
C THR C 105 33.47 -12.16 -24.04
N THR C 106 32.30 -12.80 -23.99
CA THR C 106 32.23 -14.21 -23.68
C THR C 106 30.98 -14.79 -24.32
N SER C 107 30.95 -16.11 -24.42
CA SER C 107 29.80 -16.84 -24.94
C SER C 107 28.99 -17.50 -23.83
N THR C 108 29.34 -17.27 -22.57
CA THR C 108 28.66 -17.88 -21.43
C THR C 108 28.11 -16.77 -20.54
N VAL C 109 26.85 -16.41 -20.78
CA VAL C 109 26.15 -15.43 -19.95
C VAL C 109 25.06 -16.15 -19.17
N HIS C 110 24.81 -15.68 -17.95
CA HIS C 110 23.86 -16.30 -17.05
C HIS C 110 22.48 -15.65 -17.08
N TYR C 111 22.33 -14.52 -17.80
CA TYR C 111 21.06 -13.79 -17.76
C TYR C 111 19.86 -14.63 -18.23
N PRO C 112 19.92 -15.38 -19.34
CA PRO C 112 18.72 -16.14 -19.74
C PRO C 112 18.28 -17.18 -18.72
N LYS C 113 19.21 -17.79 -17.99
CA LYS C 113 18.84 -18.82 -17.03
C LYS C 113 18.31 -18.20 -15.73
N VAL C 114 18.99 -17.18 -15.22
CA VAL C 114 18.58 -16.56 -13.96
C VAL C 114 17.23 -15.88 -14.12
N TYR C 115 16.90 -15.40 -15.31
CA TYR C 115 15.66 -14.67 -15.53
C TYR C 115 14.76 -15.38 -16.54
N LYS C 116 14.59 -16.69 -16.37
CA LYS C 116 13.83 -17.49 -17.32
C LYS C 116 12.38 -17.03 -17.43
N THR C 117 11.78 -16.54 -16.34
CA THR C 117 10.38 -16.18 -16.39
C THR C 117 10.13 -14.98 -17.29
N TYR C 118 11.08 -14.03 -17.33
CA TYR C 118 10.93 -12.90 -18.21
C TYR C 118 11.02 -13.33 -19.68
N PHE C 119 11.90 -14.28 -19.98
CA PHE C 119 11.96 -14.82 -21.33
C PHE C 119 10.71 -15.63 -21.66
N GLU C 120 10.07 -16.22 -20.65
CA GLU C 120 8.78 -16.87 -20.90
C GLU C 120 7.71 -15.85 -21.25
N LYS C 121 7.72 -14.70 -20.57
CA LYS C 121 6.84 -13.61 -20.97
C LYS C 121 7.12 -13.17 -22.41
N VAL C 122 8.40 -13.07 -22.76
CA VAL C 122 8.78 -12.68 -24.12
C VAL C 122 8.23 -13.68 -25.13
N GLU C 123 8.39 -14.98 -24.85
CA GLU C 123 7.91 -16.00 -25.78
C GLU C 123 6.39 -16.01 -25.87
N ARG C 124 5.71 -15.74 -24.75
CA ARG C 124 4.26 -15.68 -24.77
C ARG C 124 3.77 -14.52 -25.63
N LEU C 125 4.49 -13.39 -25.58
CA LEU C 125 4.09 -12.25 -26.39
C LEU C 125 4.43 -12.48 -27.86
N LYS C 126 5.57 -13.12 -28.14
CA LYS C 126 6.00 -13.32 -29.51
C LYS C 126 5.02 -14.19 -30.29
N HIS C 127 4.48 -15.24 -29.66
CA HIS C 127 3.57 -16.16 -30.30
C HIS C 127 2.11 -15.87 -29.97
N GLY C 128 1.81 -14.68 -29.45
CA GLY C 128 0.43 -14.33 -29.20
C GLY C 128 -0.32 -13.97 -30.47
N THR C 129 -1.66 -14.02 -30.37
CA THR C 129 -2.55 -13.74 -31.49
C THR C 129 -3.44 -12.57 -31.12
N PHE C 130 -3.48 -11.56 -31.98
CA PHE C 130 -4.27 -10.36 -31.75
C PHE C 130 -5.54 -10.40 -32.59
N GLY C 131 -6.69 -10.19 -31.94
CA GLY C 131 -7.93 -10.04 -32.64
C GLY C 131 -8.30 -8.59 -32.81
N PRO C 132 -9.56 -8.30 -33.08
CA PRO C 132 -10.01 -6.92 -33.22
C PRO C 132 -10.17 -6.24 -31.86
N VAL C 133 -10.27 -4.92 -31.91
CA VAL C 133 -10.61 -4.10 -30.75
C VAL C 133 -12.09 -3.78 -30.82
N HIS C 134 -12.80 -3.99 -29.71
CA HIS C 134 -14.21 -3.68 -29.62
C HIS C 134 -14.40 -2.60 -28.57
N PHE C 135 -15.01 -1.49 -28.96
CA PHE C 135 -15.34 -0.43 -28.01
C PHE C 135 -16.69 -0.73 -27.39
N ARG C 136 -16.73 -0.73 -26.06
CA ARG C 136 -17.87 -1.25 -25.33
C ARG C 136 -17.91 -0.63 -23.95
N ASN C 137 -19.06 -0.75 -23.30
CA ASN C 137 -19.20 -0.35 -21.90
C ASN C 137 -18.49 -1.39 -21.03
N GLN C 138 -17.36 -1.00 -20.45
CA GLN C 138 -16.52 -1.93 -19.71
C GLN C 138 -16.88 -1.92 -18.23
N VAL C 139 -17.00 -3.11 -17.65
CA VAL C 139 -17.26 -3.26 -16.22
C VAL C 139 -16.07 -4.03 -15.63
N LYS C 140 -15.15 -3.31 -15.01
CA LYS C 140 -14.01 -3.91 -14.34
C LYS C 140 -14.33 -4.10 -12.86
N ILE C 141 -14.11 -5.30 -12.34
CA ILE C 141 -14.39 -5.62 -10.95
C ILE C 141 -13.06 -5.87 -10.25
N ARG C 142 -12.92 -5.32 -9.05
CA ARG C 142 -11.67 -5.46 -8.30
C ARG C 142 -11.66 -6.81 -7.57
N ARG C 143 -10.70 -7.65 -7.90
CA ARG C 143 -10.60 -8.95 -7.26
C ARG C 143 -9.14 -9.36 -7.15
N ARG C 144 -8.89 -10.41 -6.38
CA ARG C 144 -7.55 -10.95 -6.20
C ARG C 144 -7.21 -11.89 -7.34
N VAL C 145 -6.07 -11.65 -7.98
CA VAL C 145 -5.61 -12.45 -9.12
C VAL C 145 -4.13 -12.78 -8.92
N ASP C 146 -3.63 -13.66 -9.79
CA ASP C 146 -2.24 -14.10 -9.71
C ASP C 146 -1.38 -13.17 -10.57
N ILE C 147 -0.37 -12.57 -9.94
CA ILE C 147 0.63 -11.81 -10.67
C ILE C 147 1.76 -12.72 -11.13
N ASN C 148 2.16 -13.64 -10.26
CA ASN C 148 3.09 -14.71 -10.56
C ASN C 148 2.38 -16.03 -10.33
N PRO C 149 2.33 -16.93 -11.31
CA PRO C 149 1.59 -18.17 -11.12
C PRO C 149 2.28 -19.14 -10.18
N GLY C 150 3.60 -19.15 -10.15
CA GLY C 150 4.31 -20.10 -9.32
C GLY C 150 4.15 -21.51 -9.84
N HIS C 151 4.61 -22.46 -9.03
CA HIS C 151 4.43 -23.87 -9.35
C HIS C 151 3.00 -24.29 -9.03
N ALA C 152 2.41 -25.08 -9.94
CA ALA C 152 1.02 -25.48 -9.76
C ALA C 152 0.84 -26.33 -8.52
N ASP C 153 1.76 -27.26 -8.28
CA ASP C 153 1.65 -28.14 -7.12
C ASP C 153 1.88 -27.37 -5.82
N LEU C 154 3.00 -26.67 -5.72
CA LEU C 154 3.40 -26.07 -4.45
C LEU C 154 2.55 -24.84 -4.13
N SER C 155 2.42 -24.58 -2.84
CA SER C 155 1.93 -23.31 -2.33
C SER C 155 3.14 -22.43 -1.97
N ALA C 156 2.85 -21.16 -1.63
CA ALA C 156 3.93 -20.23 -1.34
C ALA C 156 4.80 -20.73 -0.19
N LYS C 157 4.18 -21.22 0.88
CA LYS C 157 4.94 -21.77 2.00
C LYS C 157 5.77 -22.97 1.56
N GLU C 158 5.14 -23.91 0.83
CA GLU C 158 5.85 -25.09 0.36
C GLU C 158 6.94 -24.73 -0.63
N ALA C 159 6.70 -23.73 -1.49
CA ALA C 159 7.72 -23.30 -2.42
C ALA C 159 8.92 -22.70 -1.70
N GLN C 160 8.67 -21.91 -0.66
CA GLN C 160 9.77 -21.35 0.12
C GLN C 160 10.54 -22.45 0.83
N ASP C 161 9.84 -23.46 1.34
CA ASP C 161 10.51 -24.59 1.98
C ASP C 161 11.40 -25.33 0.98
N VAL C 162 10.87 -25.58 -0.23
CA VAL C 162 11.66 -26.22 -1.28
C VAL C 162 12.90 -25.40 -1.60
N ILE C 163 12.74 -24.08 -1.71
CA ILE C 163 13.86 -23.22 -2.06
C ILE C 163 14.93 -23.28 -0.98
N MET C 164 14.51 -23.22 0.29
CA MET C 164 15.47 -23.31 1.39
C MET C 164 16.20 -24.65 1.38
N GLU C 165 15.46 -25.74 1.14
CA GLU C 165 16.11 -27.05 1.11
C GLU C 165 17.07 -27.20 -0.06
N VAL C 166 16.76 -26.56 -1.19
CA VAL C 166 17.61 -26.70 -2.38
C VAL C 166 18.86 -25.85 -2.24
N VAL C 167 18.71 -24.58 -1.88
CA VAL C 167 19.84 -23.65 -1.91
C VAL C 167 20.66 -23.77 -0.63
N PHE C 168 19.99 -23.81 0.54
CA PHE C 168 20.65 -23.84 1.84
C PHE C 168 20.24 -25.11 2.58
N PRO C 169 20.83 -26.25 2.25
CA PRO C 169 20.37 -27.52 2.86
C PRO C 169 20.57 -27.58 4.36
N ASN C 170 21.73 -27.16 4.86
CA ASN C 170 22.04 -27.27 6.29
C ASN C 170 21.50 -26.12 7.12
N GLU C 171 20.59 -25.30 6.58
CA GLU C 171 20.05 -24.17 7.34
C GLU C 171 18.53 -24.17 7.37
N VAL C 172 17.90 -25.32 7.15
CA VAL C 172 16.44 -25.38 7.15
C VAL C 172 15.86 -25.44 8.55
N GLY C 173 16.65 -25.78 9.56
CA GLY C 173 16.14 -25.87 10.90
C GLY C 173 15.30 -27.11 11.14
N ALA C 174 14.23 -26.97 11.92
CA ALA C 174 13.37 -28.11 12.25
C ALA C 174 12.51 -28.54 11.07
N ARG C 175 12.51 -27.79 9.97
CA ARG C 175 11.53 -27.98 8.91
C ARG C 175 11.82 -29.25 8.11
N ILE C 176 10.75 -29.91 7.68
CA ILE C 176 10.82 -31.13 6.88
C ILE C 176 9.86 -31.01 5.71
N LEU C 177 10.32 -31.38 4.51
CA LEU C 177 9.47 -31.37 3.33
C LEU C 177 8.52 -32.56 3.38
N THR C 178 7.22 -32.29 3.43
CA THR C 178 6.25 -33.36 3.60
C THR C 178 5.68 -33.87 2.29
N SER C 179 5.46 -32.98 1.31
CA SER C 179 4.75 -33.36 0.10
C SER C 179 5.67 -34.09 -0.87
N GLU C 180 5.06 -34.99 -1.65
CA GLU C 180 5.82 -35.69 -2.70
C GLU C 180 6.19 -34.76 -3.83
N SER C 181 5.34 -33.79 -4.15
CA SER C 181 5.70 -32.79 -5.14
C SER C 181 6.87 -31.95 -4.65
N GLN C 182 6.88 -31.61 -3.36
CA GLN C 182 8.00 -30.88 -2.79
C GLN C 182 9.29 -31.66 -2.97
N LEU C 183 9.27 -32.95 -2.67
CA LEU C 183 10.47 -33.77 -2.79
C LEU C 183 10.91 -33.93 -4.24
N THR C 184 9.96 -34.08 -5.16
CA THR C 184 10.30 -34.22 -6.57
C THR C 184 10.95 -32.95 -7.10
N ILE C 185 10.35 -31.79 -6.80
CA ILE C 185 10.90 -30.53 -7.28
C ILE C 185 12.24 -30.25 -6.62
N THR C 186 12.39 -30.60 -5.34
CA THR C 186 13.68 -30.44 -4.69
C THR C 186 14.75 -31.29 -5.36
N LYS C 187 14.41 -32.54 -5.69
CA LYS C 187 15.37 -33.39 -6.38
C LYS C 187 15.76 -32.82 -7.73
N GLU C 188 14.77 -32.35 -8.49
CA GLU C 188 15.06 -31.84 -9.84
C GLU C 188 15.87 -30.55 -9.78
N LYS C 189 15.59 -29.69 -8.80
CA LYS C 189 16.33 -28.43 -8.70
C LYS C 189 17.75 -28.66 -8.20
N LYS C 190 17.93 -29.58 -7.26
CA LYS C 190 19.28 -29.89 -6.80
C LYS C 190 20.09 -30.58 -7.90
N LYS C 191 19.44 -31.40 -8.73
CA LYS C 191 20.15 -31.99 -9.86
C LYS C 191 20.52 -30.93 -10.89
N GLU C 192 19.62 -29.98 -11.15
CA GLU C 192 19.81 -28.97 -12.17
C GLU C 192 20.80 -27.88 -11.76
N LEU C 193 21.20 -27.82 -10.48
CA LEU C 193 21.96 -26.69 -9.97
C LEU C 193 23.32 -27.11 -9.41
N GLN C 194 23.81 -28.29 -9.75
CA GLN C 194 25.16 -28.65 -9.33
C GLN C 194 26.18 -27.99 -10.25
N ASP C 195 27.31 -27.61 -9.66
CA ASP C 195 28.36 -26.85 -10.35
C ASP C 195 27.82 -25.50 -10.84
N CYS C 196 26.95 -24.88 -10.05
CA CYS C 196 26.41 -23.58 -10.38
C CYS C 196 27.38 -22.48 -9.98
N LYS C 197 27.69 -21.59 -10.92
CA LYS C 197 28.62 -20.50 -10.69
C LYS C 197 27.92 -19.22 -10.25
N ILE C 198 26.66 -19.30 -9.87
CA ILE C 198 25.89 -18.16 -9.40
C ILE C 198 25.82 -18.19 -7.87
N ALA C 199 25.88 -17.00 -7.26
CA ALA C 199 25.80 -16.90 -5.81
C ALA C 199 24.49 -17.47 -5.30
N PRO C 200 24.49 -18.11 -4.13
CA PRO C 200 23.26 -18.75 -3.62
C PRO C 200 22.09 -17.80 -3.40
N LEU C 201 22.35 -16.52 -3.10
CA LEU C 201 21.26 -15.56 -2.95
C LEU C 201 20.49 -15.39 -4.25
N MET C 202 21.21 -15.16 -5.34
CA MET C 202 20.56 -14.97 -6.64
C MET C 202 19.92 -16.24 -7.13
N VAL C 203 20.48 -17.41 -6.78
CA VAL C 203 19.82 -18.68 -7.10
C VAL C 203 18.50 -18.79 -6.34
N ALA C 204 18.50 -18.41 -5.06
CA ALA C 204 17.27 -18.44 -4.28
C ALA C 204 16.22 -17.50 -4.87
N TYR C 205 16.64 -16.33 -5.35
CA TYR C 205 15.66 -15.40 -5.91
C TYR C 205 15.15 -15.86 -7.28
N MET C 206 16.01 -16.50 -8.07
CA MET C 206 15.56 -17.13 -9.31
C MET C 206 14.52 -18.21 -9.02
N LEU C 207 14.76 -19.03 -7.99
CA LEU C 207 13.78 -20.04 -7.63
C LEU C 207 12.52 -19.43 -7.07
N GLU C 208 12.61 -18.27 -6.40
CA GLU C 208 11.41 -17.59 -5.95
C GLU C 208 10.58 -17.10 -7.13
N ARG C 209 11.25 -16.60 -8.17
CA ARG C 209 10.52 -16.22 -9.38
C ARG C 209 9.90 -17.43 -10.06
N GLU C 210 10.59 -18.58 -10.03
CA GLU C 210 10.09 -19.76 -10.73
C GLU C 210 8.95 -20.45 -9.99
N LEU C 211 9.00 -20.51 -8.66
CA LEU C 211 8.15 -21.40 -7.88
C LEU C 211 7.12 -20.70 -7.02
N VAL C 212 7.43 -19.54 -6.47
CA VAL C 212 6.59 -18.95 -5.43
C VAL C 212 5.43 -18.21 -6.07
N ARG C 213 4.22 -18.55 -5.65
CA ARG C 213 3.01 -17.91 -6.15
C ARG C 213 2.79 -16.57 -5.46
N LYS C 214 2.31 -15.58 -6.22
CA LYS C 214 2.11 -14.24 -5.73
C LYS C 214 0.83 -13.66 -6.30
N THR C 215 0.04 -13.00 -5.45
CA THR C 215 -1.27 -12.50 -5.83
C THR C 215 -1.40 -11.02 -5.45
N ARG C 216 -2.30 -10.34 -6.14
CA ARG C 216 -2.58 -8.93 -5.89
C ARG C 216 -4.04 -8.65 -6.19
N PHE C 217 -4.59 -7.61 -5.56
CA PHE C 217 -5.91 -7.11 -5.87
C PHE C 217 -5.82 -6.13 -7.03
N LEU C 218 -6.51 -6.43 -8.12
CA LEU C 218 -6.50 -5.58 -9.31
C LEU C 218 -7.90 -5.45 -9.85
N PRO C 219 -8.21 -4.34 -10.53
CA PRO C 219 -9.47 -4.22 -11.28
C PRO C 219 -9.35 -4.96 -12.60
N VAL C 220 -10.12 -6.04 -12.74
CA VAL C 220 -9.96 -6.99 -13.83
C VAL C 220 -11.23 -7.01 -14.66
N ALA C 221 -11.05 -7.13 -15.97
CA ALA C 221 -12.07 -7.62 -16.89
C ALA C 221 -11.43 -8.72 -17.72
N GLY C 222 -12.25 -9.64 -18.22
CA GLY C 222 -11.68 -10.78 -18.91
C GLY C 222 -11.05 -11.78 -17.95
N GLY C 223 -10.12 -12.56 -18.49
CA GLY C 223 -9.58 -13.68 -17.75
C GLY C 223 -8.69 -13.25 -16.60
N THR C 224 -8.80 -13.97 -15.49
CA THR C 224 -8.01 -13.71 -14.29
C THR C 224 -6.78 -14.59 -14.16
N SER C 225 -6.54 -15.50 -15.10
CA SER C 225 -5.33 -16.30 -15.07
C SER C 225 -4.10 -15.40 -15.24
N SER C 226 -2.96 -15.90 -14.76
CA SER C 226 -1.75 -15.09 -14.74
C SER C 226 -1.28 -14.75 -16.15
N VAL C 227 -1.57 -15.61 -17.14
CA VAL C 227 -1.16 -15.31 -18.50
C VAL C 227 -1.99 -14.18 -19.09
N TYR C 228 -3.18 -13.94 -18.54
CA TYR C 228 -4.00 -12.81 -18.94
C TYR C 228 -3.84 -11.59 -18.04
N ILE C 229 -3.31 -11.78 -16.83
CA ILE C 229 -3.08 -10.65 -15.93
C ILE C 229 -1.79 -9.94 -16.31
N GLU C 230 -0.82 -10.66 -16.84
CA GLU C 230 0.45 -10.06 -17.23
C GLU C 230 0.31 -9.11 -18.40
N VAL C 231 -0.77 -9.22 -19.18
CA VAL C 231 -0.99 -8.36 -20.33
C VAL C 231 -2.28 -7.57 -20.11
N LEU C 232 -2.65 -7.36 -18.84
CA LEU C 232 -3.90 -6.69 -18.54
C LEU C 232 -3.93 -5.26 -19.05
N HIS C 233 -2.77 -4.59 -19.05
CA HIS C 233 -2.70 -3.23 -19.58
C HIS C 233 -2.99 -3.19 -21.07
N LEU C 234 -2.71 -4.27 -21.79
CA LEU C 234 -2.85 -4.29 -23.23
C LEU C 234 -4.24 -4.71 -23.69
N THR C 235 -4.90 -5.60 -22.96
CA THR C 235 -6.15 -6.21 -23.43
C THR C 235 -7.40 -5.47 -22.96
N GLN C 236 -7.38 -4.87 -21.78
CA GLN C 236 -8.56 -4.28 -21.17
C GLN C 236 -8.35 -2.80 -20.92
N GLY C 237 -9.26 -1.98 -21.44
CA GLY C 237 -9.21 -0.55 -21.21
C GLY C 237 -10.43 -0.01 -20.51
N THR C 238 -10.60 1.31 -20.54
CA THR C 238 -11.77 1.93 -19.94
C THR C 238 -13.00 1.74 -20.82
N CYS C 239 -12.81 1.75 -22.14
CA CYS C 239 -13.93 1.67 -23.06
C CYS C 239 -13.68 0.69 -24.20
N TRP C 240 -12.68 -0.18 -24.10
CA TRP C 240 -12.30 -1.03 -25.21
C TRP C 240 -11.76 -2.35 -24.69
N GLU C 241 -11.98 -3.40 -25.48
CA GLU C 241 -11.42 -4.71 -25.24
C GLU C 241 -10.59 -5.10 -26.45
N GLN C 242 -9.35 -5.47 -26.23
CA GLN C 242 -8.46 -5.95 -27.28
C GLN C 242 -8.43 -7.47 -27.22
N MET C 243 -8.98 -8.13 -28.22
CA MET C 243 -8.94 -9.58 -28.29
C MET C 243 -7.51 -10.06 -28.44
N TYR C 244 -7.08 -10.93 -27.54
CA TYR C 244 -5.70 -11.39 -27.52
C TYR C 244 -5.65 -12.79 -26.93
N THR C 245 -4.70 -13.58 -27.41
CA THR C 245 -4.48 -14.94 -26.91
C THR C 245 -2.99 -15.12 -26.70
N PRO C 246 -2.54 -15.46 -25.48
CA PRO C 246 -1.10 -15.66 -25.24
C PRO C 246 -0.57 -16.85 -26.04
N GLY C 247 0.76 -16.92 -26.09
CA GLY C 247 1.43 -17.82 -27.02
C GLY C 247 1.70 -19.22 -26.52
N GLY C 248 1.92 -19.39 -25.22
CA GLY C 248 2.30 -20.68 -24.70
C GLY C 248 1.17 -21.70 -24.69
N GLU C 249 1.29 -22.70 -23.82
CA GLU C 249 0.26 -23.73 -23.65
C GLU C 249 -0.62 -23.35 -22.46
N VAL C 250 -1.92 -23.60 -22.60
CA VAL C 250 -2.86 -23.26 -21.54
C VAL C 250 -2.85 -24.37 -20.49
N ARG C 251 -3.02 -23.97 -19.23
CA ARG C 251 -3.22 -24.96 -18.17
C ARG C 251 -4.61 -25.56 -18.28
N ASN C 252 -4.68 -26.89 -18.11
CA ASN C 252 -5.96 -27.57 -18.26
C ASN C 252 -6.93 -27.18 -17.16
N ASP C 253 -6.43 -26.86 -15.97
CA ASP C 253 -7.28 -26.41 -14.88
C ASP C 253 -8.01 -25.12 -15.24
N ASP C 254 -7.30 -24.16 -15.82
CA ASP C 254 -7.91 -22.89 -16.20
C ASP C 254 -8.94 -23.10 -17.30
N VAL C 255 -8.66 -24.02 -18.23
CA VAL C 255 -9.62 -24.32 -19.28
C VAL C 255 -10.88 -24.93 -18.69
N ASP C 256 -10.72 -25.85 -17.74
CA ASP C 256 -11.89 -26.46 -17.10
C ASP C 256 -12.72 -25.41 -16.36
N GLN C 257 -12.06 -24.52 -15.62
CA GLN C 257 -12.76 -23.49 -14.87
C GLN C 257 -13.54 -22.56 -15.80
N SER C 258 -12.87 -22.07 -16.86
CA SER C 258 -13.54 -21.16 -17.78
C SER C 258 -14.65 -21.84 -18.54
N LEU C 259 -14.50 -23.13 -18.86
CA LEU C 259 -15.57 -23.87 -19.50
C LEU C 259 -16.78 -23.97 -18.58
N ILE C 260 -16.55 -24.23 -17.29
CA ILE C 260 -17.66 -24.28 -16.35
C ILE C 260 -18.36 -22.92 -16.28
N ILE C 261 -17.58 -21.84 -16.21
CA ILE C 261 -18.17 -20.50 -16.12
C ILE C 261 -19.04 -20.22 -17.35
N ALA C 262 -18.48 -20.45 -18.54
CA ALA C 262 -19.22 -20.17 -19.77
C ALA C 262 -20.45 -21.04 -19.89
N ALA C 263 -20.35 -22.32 -19.54
CA ALA C 263 -21.50 -23.21 -19.62
C ALA C 263 -22.61 -22.78 -18.67
N ARG C 264 -22.25 -22.36 -17.46
CA ARG C 264 -23.27 -21.90 -16.51
C ARG C 264 -23.96 -20.63 -17.02
N ASN C 265 -23.18 -19.67 -17.51
CA ASN C 265 -23.79 -18.47 -18.06
C ASN C 265 -24.73 -18.80 -19.23
N ILE C 266 -24.28 -19.70 -20.12
CA ILE C 266 -25.07 -20.02 -21.30
C ILE C 266 -26.36 -20.72 -20.91
N VAL C 267 -26.30 -21.68 -19.99
CA VAL C 267 -27.51 -22.39 -19.59
C VAL C 267 -28.48 -21.43 -18.89
N ARG C 268 -27.96 -20.56 -18.01
CA ARG C 268 -28.83 -19.62 -17.32
C ARG C 268 -29.53 -18.69 -18.31
N ARG C 269 -28.80 -18.19 -19.31
CA ARG C 269 -29.45 -17.32 -20.28
C ARG C 269 -30.41 -18.08 -21.18
N ALA C 270 -30.11 -19.36 -21.45
CA ALA C 270 -30.97 -20.15 -22.34
C ALA C 270 -32.30 -20.48 -21.69
N THR C 271 -32.32 -20.68 -20.36
CA THR C 271 -33.56 -21.04 -19.69
C THR C 271 -34.67 -20.02 -19.91
N VAL C 272 -34.30 -18.76 -20.17
CA VAL C 272 -35.31 -17.72 -20.34
C VAL C 272 -35.92 -17.75 -21.74
N SER C 273 -35.17 -18.22 -22.74
CA SER C 273 -35.64 -18.22 -24.12
C SER C 273 -36.89 -19.10 -24.28
N ALA C 274 -37.65 -18.81 -25.34
CA ALA C 274 -38.81 -19.63 -25.66
C ALA C 274 -38.41 -20.96 -26.28
N ASP C 275 -37.17 -21.08 -26.76
CA ASP C 275 -36.63 -22.33 -27.28
C ASP C 275 -35.23 -22.49 -26.69
N PRO C 276 -35.14 -22.95 -25.44
CA PRO C 276 -33.83 -22.99 -24.77
C PRO C 276 -32.80 -23.86 -25.47
N LEU C 277 -33.23 -24.90 -26.19
CA LEU C 277 -32.27 -25.80 -26.83
C LEU C 277 -31.56 -25.12 -27.98
N ALA C 278 -32.32 -24.51 -28.89
CA ALA C 278 -31.71 -23.82 -30.04
C ALA C 278 -30.88 -22.63 -29.57
N SER C 279 -31.38 -21.90 -28.57
CA SER C 279 -30.62 -20.78 -28.03
C SER C 279 -29.30 -21.26 -27.45
N LEU C 280 -29.33 -22.34 -26.67
CA LEU C 280 -28.11 -22.86 -26.07
C LEU C 280 -27.11 -23.30 -27.12
N LEU C 281 -27.60 -23.99 -28.16
CA LEU C 281 -26.71 -24.45 -29.22
C LEU C 281 -26.08 -23.27 -29.95
N GLU C 282 -26.87 -22.23 -30.25
CA GLU C 282 -26.33 -21.04 -30.88
C GLU C 282 -25.24 -20.41 -30.03
N MET C 283 -25.45 -20.35 -28.71
CA MET C 283 -24.44 -19.72 -27.85
C MET C 283 -23.15 -20.55 -27.81
N CYS C 284 -23.27 -21.87 -27.69
CA CYS C 284 -22.05 -22.67 -27.64
C CYS C 284 -21.35 -22.68 -28.99
N HIS C 285 -22.09 -22.47 -30.08
CA HIS C 285 -21.46 -22.35 -31.38
C HIS C 285 -20.81 -20.98 -31.58
N SER C 286 -21.22 -19.98 -30.81
CA SER C 286 -20.71 -18.62 -30.97
C SER C 286 -19.82 -18.20 -29.82
N THR C 287 -19.20 -19.15 -29.12
CA THR C 287 -18.41 -18.88 -27.93
C THR C 287 -17.01 -19.44 -28.08
N GLN C 288 -16.00 -18.66 -27.67
CA GLN C 288 -14.62 -19.08 -27.60
C GLN C 288 -14.12 -18.92 -26.17
N ILE C 289 -13.19 -19.79 -25.77
CA ILE C 289 -12.64 -19.79 -24.42
C ILE C 289 -11.12 -19.80 -24.56
N GLY C 290 -10.49 -18.65 -24.32
CA GLY C 290 -9.06 -18.53 -24.52
C GLY C 290 -8.63 -18.67 -25.95
N GLY C 291 -9.46 -18.25 -26.90
CA GLY C 291 -9.16 -18.38 -28.30
C GLY C 291 -9.64 -19.66 -28.94
N VAL C 292 -9.89 -20.69 -28.14
CA VAL C 292 -10.33 -21.99 -28.66
C VAL C 292 -11.85 -22.03 -28.65
N ARG C 293 -12.41 -22.55 -29.74
CA ARG C 293 -13.86 -22.64 -29.88
C ARG C 293 -14.46 -23.51 -28.79
N MET C 294 -15.63 -23.10 -28.29
CA MET C 294 -16.24 -23.80 -27.17
C MET C 294 -16.66 -25.22 -27.54
N VAL C 295 -17.17 -25.41 -28.76
CA VAL C 295 -17.59 -26.74 -29.18
C VAL C 295 -16.39 -27.67 -29.28
N ASP C 296 -15.25 -27.15 -29.73
CA ASP C 296 -14.04 -27.97 -29.82
C ASP C 296 -13.52 -28.34 -28.44
N ILE C 297 -13.71 -27.47 -27.45
CA ILE C 297 -13.36 -27.81 -26.07
C ILE C 297 -14.31 -28.85 -25.53
N LEU C 298 -15.61 -28.69 -25.75
CA LEU C 298 -16.61 -29.61 -25.25
C LEU C 298 -16.45 -31.03 -25.81
N ARG C 299 -15.84 -31.17 -26.99
CA ARG C 299 -15.64 -32.47 -27.59
C ARG C 299 -14.39 -33.19 -27.07
N GLN C 300 -13.55 -32.52 -26.27
CA GLN C 300 -12.30 -33.13 -25.84
C GLN C 300 -11.98 -32.80 -24.38
N ASN C 301 -12.98 -32.44 -23.57
CA ASN C 301 -12.75 -32.05 -22.19
C ASN C 301 -13.55 -32.96 -21.25
N PRO C 302 -12.89 -33.66 -20.32
CA PRO C 302 -13.60 -34.54 -19.39
C PRO C 302 -13.96 -33.84 -18.07
N THR C 303 -14.71 -32.74 -18.17
CA THR C 303 -15.08 -31.96 -17.00
C THR C 303 -16.44 -32.41 -16.50
N GLU C 304 -16.52 -32.67 -15.19
CA GLU C 304 -17.75 -33.11 -14.55
C GLU C 304 -18.43 -31.91 -13.90
N GLU C 305 -19.54 -31.48 -14.49
CA GLU C 305 -20.30 -30.33 -14.00
C GLU C 305 -21.67 -30.39 -14.65
N GLN C 306 -22.67 -29.87 -13.93
CA GLN C 306 -24.06 -29.98 -14.39
C GLN C 306 -24.28 -29.23 -15.71
N ALA C 307 -23.85 -27.97 -15.77
CA ALA C 307 -24.10 -27.17 -16.97
C ALA C 307 -23.18 -27.60 -18.11
N VAL C 308 -21.96 -28.03 -17.81
CA VAL C 308 -21.10 -28.57 -18.86
C VAL C 308 -21.69 -29.84 -19.44
N ASP C 309 -22.32 -30.66 -18.59
CA ASP C 309 -22.98 -31.87 -19.06
C ASP C 309 -24.23 -31.54 -19.87
N ILE C 310 -24.96 -30.49 -19.50
CA ILE C 310 -26.11 -30.07 -20.31
C ILE C 310 -25.64 -29.61 -21.68
N CYS C 311 -24.55 -28.84 -21.72
CA CYS C 311 -23.99 -28.39 -22.99
C CYS C 311 -23.56 -29.58 -23.85
N LYS C 312 -22.91 -30.57 -23.23
CA LYS C 312 -22.48 -31.76 -23.96
C LYS C 312 -23.68 -32.55 -24.47
N ALA C 313 -24.74 -32.64 -23.67
CA ALA C 313 -25.91 -33.41 -24.07
C ALA C 313 -26.65 -32.75 -25.23
N ALA C 314 -26.72 -31.41 -25.23
CA ALA C 314 -27.43 -30.72 -26.30
C ALA C 314 -26.76 -30.91 -27.66
N MET C 315 -25.47 -31.21 -27.68
CA MET C 315 -24.74 -31.46 -28.91
C MET C 315 -24.46 -32.94 -29.13
N GLY C 316 -25.25 -33.81 -28.52
CA GLY C 316 -25.16 -35.25 -28.77
C GLY C 316 -23.87 -35.90 -28.34
N LEU C 317 -23.35 -35.55 -27.17
CA LEU C 317 -22.15 -36.16 -26.61
C LEU C 317 -22.48 -36.98 -25.37
N ARG C 318 -21.54 -37.85 -24.99
CA ARG C 318 -21.66 -38.60 -23.76
C ARG C 318 -21.32 -37.74 -22.56
N ILE C 319 -22.16 -37.79 -21.53
CA ILE C 319 -21.98 -36.99 -20.33
C ILE C 319 -21.62 -37.92 -19.18
N SER C 320 -21.14 -37.31 -18.09
CA SER C 320 -20.81 -38.06 -16.88
C SER C 320 -21.97 -38.11 -15.90
N SER C 321 -22.87 -37.12 -15.95
CA SER C 321 -23.97 -37.00 -15.00
C SER C 321 -23.45 -36.98 -13.56
N SER C 322 -22.32 -36.31 -13.37
CA SER C 322 -21.64 -36.27 -12.08
C SER C 322 -21.16 -34.86 -11.83
N PHE C 323 -20.74 -34.58 -10.59
CA PHE C 323 -20.23 -33.27 -10.23
C PHE C 323 -19.09 -33.44 -9.24
N SER C 324 -18.58 -32.32 -8.73
CA SER C 324 -17.44 -32.32 -7.83
C SER C 324 -17.79 -31.59 -6.53
N PHE C 325 -17.19 -32.05 -5.44
CA PHE C 325 -17.40 -31.43 -4.13
C PHE C 325 -16.27 -31.87 -3.20
N GLY C 326 -15.57 -30.90 -2.63
CA GLY C 326 -14.52 -31.19 -1.67
C GLY C 326 -13.43 -32.10 -2.18
N GLY C 327 -13.11 -32.02 -3.47
CA GLY C 327 -12.11 -32.87 -4.05
C GLY C 327 -12.59 -34.25 -4.45
N PHE C 328 -13.85 -34.57 -4.18
CA PHE C 328 -14.42 -35.87 -4.48
C PHE C 328 -15.41 -35.74 -5.62
N THR C 329 -15.46 -36.77 -6.48
CA THR C 329 -16.42 -36.82 -7.57
C THR C 329 -17.69 -37.49 -7.08
N PHE C 330 -18.81 -36.79 -7.16
CA PHE C 330 -20.09 -37.30 -6.71
C PHE C 330 -20.93 -37.71 -7.91
N LYS C 331 -21.56 -38.88 -7.80
CA LYS C 331 -22.46 -39.38 -8.84
C LYS C 331 -23.74 -39.87 -8.18
N ARG C 332 -24.85 -39.18 -8.43
CA ARG C 332 -26.12 -39.57 -7.83
C ARG C 332 -26.65 -40.82 -8.51
N THR C 333 -26.90 -41.86 -7.70
CA THR C 333 -27.38 -43.13 -8.22
C THR C 333 -28.90 -43.24 -8.17
N SER C 334 -29.54 -42.63 -7.18
CA SER C 334 -30.99 -42.65 -7.09
C SER C 334 -31.45 -41.48 -6.22
N GLY C 335 -32.66 -41.02 -6.47
CA GLY C 335 -33.25 -39.93 -5.72
C GLY C 335 -33.35 -38.67 -6.56
N SER C 336 -33.90 -37.64 -5.92
CA SER C 336 -34.06 -36.32 -6.50
C SER C 336 -33.78 -35.29 -5.43
N SER C 337 -33.94 -34.01 -5.77
CA SER C 337 -33.78 -32.93 -4.81
C SER C 337 -34.17 -31.62 -5.47
N VAL C 338 -34.55 -30.66 -4.65
CA VAL C 338 -34.67 -29.27 -5.04
C VAL C 338 -33.73 -28.46 -4.15
N LYS C 339 -33.58 -27.19 -4.47
CA LYS C 339 -32.69 -26.31 -3.74
C LYS C 339 -33.48 -25.11 -3.23
N ARG C 340 -33.37 -24.84 -1.94
CA ARG C 340 -34.02 -23.70 -1.32
C ARG C 340 -33.03 -22.99 -0.41
N GLU C 341 -33.25 -21.69 -0.20
CA GLU C 341 -32.37 -20.90 0.64
C GLU C 341 -32.79 -21.03 2.10
N GLU C 342 -31.84 -21.39 2.96
CA GLU C 342 -32.13 -21.58 4.39
C GLU C 342 -31.12 -20.81 5.22
N GLU C 343 -31.61 -19.92 6.08
CA GLU C 343 -30.77 -19.21 7.03
C GLU C 343 -30.45 -20.10 8.22
N VAL C 344 -29.17 -20.20 8.57
CA VAL C 344 -28.71 -21.00 9.70
C VAL C 344 -27.78 -20.18 10.55
N LEU C 345 -27.71 -20.54 11.83
CA LEU C 345 -26.77 -19.96 12.78
C LEU C 345 -25.66 -20.97 13.05
N THR C 346 -24.41 -20.53 12.96
CA THR C 346 -23.28 -21.42 13.12
C THR C 346 -22.81 -21.47 14.59
N GLY C 347 -21.80 -22.30 14.84
CA GLY C 347 -21.23 -22.44 16.17
C GLY C 347 -20.51 -21.21 16.68
N ASN C 348 -20.15 -20.29 15.80
CA ASN C 348 -19.51 -19.04 16.20
C ASN C 348 -20.46 -17.85 16.06
N LEU C 349 -21.77 -18.12 16.05
CA LEU C 349 -22.80 -17.09 16.05
C LEU C 349 -22.74 -16.22 14.80
N GLN C 350 -22.52 -16.87 13.66
CA GLN C 350 -22.54 -16.22 12.35
C GLN C 350 -23.75 -16.73 11.58
N THR C 351 -24.72 -15.86 11.32
CA THR C 351 -25.88 -16.24 10.54
C THR C 351 -25.57 -16.16 9.06
N LEU C 352 -26.04 -17.15 8.31
CA LEU C 352 -25.72 -17.20 6.89
C LEU C 352 -26.70 -18.14 6.17
N LYS C 353 -26.98 -17.83 4.91
CA LYS C 353 -27.89 -18.61 4.10
C LYS C 353 -27.12 -19.66 3.29
N ILE C 354 -27.62 -20.91 3.33
CA ILE C 354 -27.04 -22.00 2.57
C ILE C 354 -28.10 -22.52 1.62
N ARG C 355 -27.65 -22.96 0.45
CA ARG C 355 -28.49 -23.64 -0.52
C ARG C 355 -28.70 -25.06 -0.01
N VAL C 356 -29.86 -25.31 0.58
CA VAL C 356 -30.20 -26.61 1.14
C VAL C 356 -30.92 -27.43 0.09
N HIS C 357 -30.52 -28.69 -0.05
CA HIS C 357 -31.15 -29.61 -0.99
C HIS C 357 -32.19 -30.45 -0.25
N GLU C 358 -33.45 -30.31 -0.66
CA GLU C 358 -34.54 -31.11 -0.12
C GLU C 358 -34.74 -32.35 -0.97
N GLY C 359 -34.86 -33.50 -0.30
CA GLY C 359 -35.15 -34.75 -0.97
C GLY C 359 -34.14 -35.84 -0.62
N TYR C 360 -34.62 -37.07 -0.56
CA TYR C 360 -33.74 -38.20 -0.32
C TYR C 360 -32.94 -38.51 -1.57
N GLU C 361 -31.66 -38.83 -1.39
CA GLU C 361 -30.82 -39.17 -2.53
C GLU C 361 -29.65 -40.05 -2.07
N GLU C 362 -29.00 -40.67 -3.05
CA GLU C 362 -27.88 -41.56 -2.83
C GLU C 362 -26.78 -41.23 -3.83
N PHE C 363 -25.53 -41.32 -3.38
CA PHE C 363 -24.38 -40.90 -4.16
C PHE C 363 -23.24 -41.90 -4.04
N THR C 364 -22.49 -42.04 -5.12
CA THR C 364 -21.17 -42.65 -5.11
C THR C 364 -20.15 -41.52 -5.10
N MET C 365 -19.33 -41.48 -4.05
CA MET C 365 -18.36 -40.42 -3.82
C MET C 365 -16.97 -41.02 -4.00
N VAL C 366 -16.33 -40.71 -5.12
CA VAL C 366 -15.04 -41.31 -5.49
C VAL C 366 -13.95 -40.26 -5.33
N GLY C 367 -12.98 -40.56 -4.47
CA GLY C 367 -11.71 -39.87 -4.46
C GLY C 367 -10.61 -40.72 -5.06
N ARG C 368 -9.37 -40.23 -4.91
CA ARG C 368 -8.24 -41.02 -5.40
C ARG C 368 -7.71 -41.95 -4.32
N ARG C 369 -7.62 -41.48 -3.07
CA ARG C 369 -7.22 -42.31 -1.95
C ARG C 369 -8.39 -42.79 -1.10
N ALA C 370 -9.62 -42.46 -1.50
CA ALA C 370 -10.80 -42.90 -0.76
C ALA C 370 -11.97 -43.08 -1.72
N THR C 371 -13.04 -43.68 -1.21
CA THR C 371 -14.25 -43.94 -1.95
C THR C 371 -15.34 -44.24 -0.93
N ALA C 372 -16.59 -43.93 -1.28
CA ALA C 372 -17.67 -44.05 -0.32
C ALA C 372 -19.01 -44.12 -1.02
N ILE C 373 -19.97 -44.71 -0.31
CA ILE C 373 -21.38 -44.68 -0.69
C ILE C 373 -22.11 -43.84 0.34
N LEU C 374 -22.85 -42.85 -0.12
CA LEU C 374 -23.54 -41.92 0.76
C LEU C 374 -25.05 -42.00 0.49
N ARG C 375 -25.83 -41.93 1.55
CA ARG C 375 -27.28 -41.79 1.44
C ARG C 375 -27.69 -40.68 2.39
N LYS C 376 -28.50 -39.75 1.90
CA LYS C 376 -28.82 -38.57 2.70
C LYS C 376 -30.23 -38.09 2.39
N ALA C 377 -30.75 -37.29 3.33
CA ALA C 377 -32.05 -36.65 3.18
C ALA C 377 -31.89 -35.15 3.38
N THR C 378 -32.99 -34.43 3.54
CA THR C 378 -32.93 -32.98 3.71
C THR C 378 -32.22 -32.67 5.03
N ARG C 379 -30.97 -32.26 4.93
CA ARG C 379 -30.12 -31.95 6.08
C ARG C 379 -30.05 -33.12 7.06
N ARG C 380 -29.58 -34.26 6.55
CA ARG C 380 -29.45 -35.46 7.36
C ARG C 380 -28.54 -36.45 6.66
N LEU C 381 -27.51 -36.92 7.35
CA LEU C 381 -26.61 -37.96 6.84
C LEU C 381 -27.19 -39.31 7.24
N ILE C 382 -27.90 -39.95 6.31
CA ILE C 382 -28.56 -41.21 6.64
C ILE C 382 -27.54 -42.34 6.74
N GLN C 383 -26.58 -42.40 5.83
CA GLN C 383 -25.65 -43.52 5.79
C GLN C 383 -24.40 -43.13 5.03
N LEU C 384 -23.24 -43.55 5.52
CA LEU C 384 -21.97 -43.31 4.86
C LEU C 384 -21.07 -44.52 5.03
N ILE C 385 -20.83 -45.25 3.95
CA ILE C 385 -19.93 -46.40 3.94
C ILE C 385 -18.67 -45.99 3.20
N VAL C 386 -17.61 -45.70 3.94
CA VAL C 386 -16.33 -45.28 3.35
C VAL C 386 -15.43 -46.49 3.17
N SER C 387 -14.58 -46.44 2.15
CA SER C 387 -13.72 -47.55 1.77
C SER C 387 -12.31 -47.05 1.43
N GLY C 388 -11.81 -46.08 2.18
CA GLY C 388 -10.55 -45.47 1.86
C GLY C 388 -9.36 -46.38 2.13
N LYS C 389 -8.19 -45.93 1.68
CA LYS C 389 -6.96 -46.68 1.87
C LYS C 389 -6.36 -46.42 3.25
N ASP C 390 -5.98 -45.18 3.53
CA ASP C 390 -5.37 -44.79 4.79
C ASP C 390 -6.39 -44.08 5.67
N GLU C 391 -6.11 -44.05 6.97
CA GLU C 391 -7.06 -43.43 7.89
C GLU C 391 -7.14 -41.92 7.74
N GLN C 392 -6.09 -41.29 7.20
CA GLN C 392 -6.19 -39.87 6.88
C GLN C 392 -7.13 -39.65 5.70
N SER C 393 -7.08 -40.51 4.69
CA SER C 393 -8.02 -40.44 3.59
C SER C 393 -9.43 -40.78 4.05
N ILE C 394 -9.56 -41.75 4.96
CA ILE C 394 -10.86 -42.05 5.55
C ILE C 394 -11.41 -40.82 6.26
N ALA C 395 -10.56 -40.13 7.02
CA ALA C 395 -11.01 -38.94 7.73
C ALA C 395 -11.39 -37.82 6.77
N GLU C 396 -10.62 -37.65 5.70
CA GLU C 396 -10.95 -36.68 4.67
C GLU C 396 -12.34 -36.95 4.11
N ALA C 397 -12.61 -38.20 3.74
CA ALA C 397 -13.90 -38.53 3.14
C ALA C 397 -15.03 -38.35 4.14
N ILE C 398 -14.80 -38.72 5.41
CA ILE C 398 -15.82 -38.53 6.43
C ILE C 398 -16.13 -37.04 6.61
N ILE C 399 -15.10 -36.20 6.69
CA ILE C 399 -15.33 -34.76 6.84
C ILE C 399 -16.11 -34.22 5.66
N VAL C 400 -15.73 -34.64 4.45
CA VAL C 400 -16.43 -34.16 3.26
C VAL C 400 -17.89 -34.57 3.30
N ALA C 401 -18.17 -35.80 3.75
CA ALA C 401 -19.56 -36.26 3.80
C ALA C 401 -20.36 -35.54 4.88
N MET C 402 -19.75 -35.25 6.03
CA MET C 402 -20.47 -34.50 7.06
C MET C 402 -20.79 -33.09 6.60
N VAL C 403 -19.85 -32.45 5.89
CA VAL C 403 -20.14 -31.13 5.36
C VAL C 403 -21.20 -31.21 4.26
N PHE C 404 -21.12 -32.23 3.41
CA PHE C 404 -22.08 -32.40 2.32
C PHE C 404 -23.49 -32.64 2.85
N SER C 405 -23.61 -33.33 3.98
CA SER C 405 -24.93 -33.66 4.52
C SER C 405 -25.70 -32.42 4.96
N GLN C 406 -25.01 -31.31 5.25
CA GLN C 406 -25.63 -30.08 5.74
C GLN C 406 -26.38 -30.33 7.05
N GLU C 407 -25.70 -30.98 7.98
CA GLU C 407 -26.29 -31.30 9.28
C GLU C 407 -26.13 -30.13 10.23
N ASP C 408 -27.14 -29.95 11.09
CA ASP C 408 -27.07 -28.86 12.06
C ASP C 408 -25.97 -29.10 13.08
N CYS C 409 -25.65 -30.37 13.34
CA CYS C 409 -24.47 -30.68 14.15
C CYS C 409 -23.21 -30.10 13.52
N MET C 410 -23.07 -30.28 12.21
CA MET C 410 -21.92 -29.75 11.50
C MET C 410 -21.89 -28.22 11.56
N ILE C 411 -23.04 -27.58 11.38
CA ILE C 411 -23.11 -26.13 11.38
C ILE C 411 -22.80 -25.57 12.77
N LYS C 412 -23.21 -26.28 13.82
CA LYS C 412 -22.94 -25.83 15.19
C LYS C 412 -21.55 -26.20 15.68
N ALA C 413 -20.82 -27.05 14.97
CA ALA C 413 -19.47 -27.43 15.37
C ALA C 413 -18.43 -26.36 15.02
N VAL C 414 -18.84 -25.25 14.41
CA VAL C 414 -17.89 -24.21 14.02
C VAL C 414 -17.36 -23.50 15.27
N ARG C 415 -16.04 -23.45 15.41
CA ARG C 415 -15.40 -22.77 16.51
C ARG C 415 -14.25 -21.92 15.99
N GLY C 416 -14.01 -20.80 16.68
CA GLY C 416 -12.89 -19.94 16.38
C GLY C 416 -13.27 -18.75 15.52
N ASP C 417 -12.27 -18.23 14.82
CA ASP C 417 -12.43 -17.05 13.96
C ASP C 417 -12.59 -17.48 12.51
N LEU C 418 -13.71 -18.14 12.24
CA LEU C 418 -14.04 -18.56 10.88
C LEU C 418 -14.86 -17.46 10.22
N ASN C 419 -14.26 -16.81 9.23
CA ASN C 419 -14.92 -15.75 8.48
C ASN C 419 -15.67 -16.33 7.29
N PHE C 420 -16.87 -15.81 7.05
CA PHE C 420 -17.66 -16.19 5.88
C PHE C 420 -17.74 -15.07 4.86
N VAL C 421 -16.81 -14.12 4.91
CA VAL C 421 -16.74 -13.02 3.95
C VAL C 421 -15.28 -12.87 3.53
N ASN C 422 -15.08 -12.18 2.42
CA ASN C 422 -13.75 -11.90 1.94
C ASN C 422 -13.12 -10.77 2.75
N ARG C 423 -11.83 -10.55 2.52
CA ARG C 423 -11.18 -9.38 3.12
C ARG C 423 -11.74 -8.09 2.56
N ALA C 424 -12.15 -8.10 1.28
CA ALA C 424 -12.89 -7.00 0.68
C ALA C 424 -14.39 -7.11 0.93
N ASN C 425 -14.80 -7.94 1.89
CA ASN C 425 -16.20 -8.06 2.30
C ASN C 425 -17.06 -8.64 1.18
N GLN C 426 -16.50 -9.55 0.39
CA GLN C 426 -17.23 -10.27 -0.63
C GLN C 426 -17.71 -11.61 -0.10
N ARG C 427 -18.90 -12.02 -0.52
CA ARG C 427 -19.47 -13.27 -0.05
C ARG C 427 -18.65 -14.45 -0.53
N LEU C 428 -18.26 -15.31 0.41
CA LEU C 428 -17.60 -16.58 0.12
C LEU C 428 -18.63 -17.70 0.13
N ASN C 429 -18.28 -18.80 -0.54
CA ASN C 429 -19.16 -19.96 -0.56
C ASN C 429 -19.17 -20.59 0.83
N PRO C 430 -20.33 -20.67 1.50
CA PRO C 430 -20.36 -21.21 2.87
C PRO C 430 -19.88 -22.65 2.96
N MET C 431 -20.23 -23.49 1.99
CA MET C 431 -19.82 -24.89 2.01
C MET C 431 -18.32 -25.01 1.90
N HIS C 432 -17.70 -24.21 1.02
CA HIS C 432 -16.24 -24.22 0.90
C HIS C 432 -15.58 -23.74 2.19
N GLN C 433 -16.19 -22.75 2.85
CA GLN C 433 -15.64 -22.25 4.10
C GLN C 433 -15.72 -23.30 5.20
N LEU C 434 -16.84 -24.01 5.30
CA LEU C 434 -16.96 -25.07 6.28
C LEU C 434 -15.97 -26.20 6.00
N LEU C 435 -15.79 -26.56 4.72
CA LEU C 435 -14.82 -27.59 4.38
C LEU C 435 -13.41 -27.16 4.75
N ARG C 436 -13.05 -25.92 4.44
CA ARG C 436 -11.71 -25.43 4.77
C ARG C 436 -11.50 -25.38 6.28
N HIS C 437 -12.55 -25.01 7.02
CA HIS C 437 -12.44 -24.93 8.47
C HIS C 437 -12.25 -26.31 9.09
N PHE C 438 -13.02 -27.30 8.63
CA PHE C 438 -12.96 -28.62 9.23
C PHE C 438 -11.79 -29.46 8.70
N GLN C 439 -11.16 -29.05 7.59
CA GLN C 439 -10.01 -29.80 7.09
C GLN C 439 -8.73 -29.46 7.82
N LYS C 440 -8.71 -28.35 8.57
CA LYS C 440 -7.57 -28.05 9.42
C LYS C 440 -7.66 -28.78 10.75
N ASP C 441 -8.86 -28.85 11.32
CA ASP C 441 -9.10 -29.64 12.53
C ASP C 441 -10.59 -29.87 12.68
N ALA C 442 -11.02 -31.14 12.70
CA ALA C 442 -12.43 -31.48 12.83
C ALA C 442 -12.68 -32.24 14.13
N LYS C 443 -11.90 -31.93 15.17
CA LYS C 443 -12.09 -32.57 16.45
C LYS C 443 -13.48 -32.29 17.02
N VAL C 444 -13.86 -31.02 17.08
CA VAL C 444 -15.16 -30.64 17.64
C VAL C 444 -16.29 -31.24 16.82
N LEU C 445 -16.13 -31.29 15.50
CA LEU C 445 -17.15 -31.91 14.65
C LEU C 445 -17.30 -33.38 14.98
N PHE C 446 -16.18 -34.08 15.19
CA PHE C 446 -16.24 -35.50 15.50
C PHE C 446 -16.85 -35.74 16.88
N GLN C 447 -16.58 -34.84 17.84
CA GLN C 447 -17.20 -34.98 19.15
C GLN C 447 -18.70 -34.73 19.09
N ASN C 448 -19.12 -33.66 18.42
CA ASN C 448 -20.53 -33.31 18.41
C ASN C 448 -21.33 -34.06 17.36
N TRP C 449 -20.71 -34.94 16.58
CA TRP C 449 -21.47 -35.74 15.62
C TRP C 449 -22.34 -36.76 16.33
N GLY C 450 -21.75 -37.59 17.18
CA GLY C 450 -22.52 -38.62 17.87
C GLY C 450 -22.00 -40.02 17.62
N ILE C 451 -22.37 -40.96 18.49
CA ILE C 451 -21.94 -42.34 18.38
C ILE C 451 -23.14 -43.26 18.55
N GLU C 452 -22.98 -44.49 18.08
CA GLU C 452 -24.04 -45.49 18.13
C GLU C 452 -23.40 -46.87 18.08
N PRO C 453 -24.00 -47.88 18.71
CA PRO C 453 -23.41 -49.21 18.73
C PRO C 453 -23.55 -49.92 17.39
N ILE C 454 -22.56 -50.78 17.11
CA ILE C 454 -22.50 -51.53 15.86
C ILE C 454 -22.99 -52.95 16.08
N ASP C 455 -23.68 -53.49 15.08
CA ASP C 455 -24.08 -54.89 15.08
C ASP C 455 -23.05 -55.80 14.42
N ASN C 456 -21.95 -55.25 13.94
CA ASN C 456 -20.86 -56.02 13.31
C ASN C 456 -21.39 -56.89 12.17
N VAL C 457 -21.94 -56.23 11.15
CA VAL C 457 -22.43 -56.89 9.96
C VAL C 457 -21.34 -56.94 8.89
N MET C 458 -21.39 -57.97 8.05
CA MET C 458 -20.56 -58.09 6.86
C MET C 458 -19.06 -58.14 7.15
N GLY C 459 -18.68 -58.15 8.43
CA GLY C 459 -17.29 -58.14 8.81
C GLY C 459 -16.64 -56.77 8.88
N MET C 460 -17.36 -55.71 8.50
CA MET C 460 -16.83 -54.37 8.55
C MET C 460 -16.72 -53.89 10.00
N ILE C 461 -16.00 -52.79 10.19
CA ILE C 461 -15.74 -52.24 11.51
C ILE C 461 -15.94 -50.73 11.47
N GLY C 462 -16.52 -50.18 12.54
CA GLY C 462 -16.79 -48.77 12.60
C GLY C 462 -15.68 -47.99 13.29
N ILE C 463 -15.63 -46.70 12.98
CA ILE C 463 -14.56 -45.83 13.47
C ILE C 463 -15.13 -44.88 14.52
N LEU C 464 -14.28 -44.48 15.46
CA LEU C 464 -14.66 -43.62 16.56
C LEU C 464 -14.05 -42.23 16.42
N PRO C 465 -14.62 -41.21 17.11
CA PRO C 465 -14.10 -39.84 17.00
C PRO C 465 -12.60 -39.68 17.23
N ASP C 466 -11.96 -40.68 17.83
CA ASP C 466 -10.51 -40.66 18.00
C ASP C 466 -9.78 -41.32 16.84
N MET C 467 -10.47 -41.58 15.73
CA MET C 467 -9.89 -42.17 14.53
C MET C 467 -9.34 -43.57 14.82
N THR C 468 -9.93 -44.26 15.79
CA THR C 468 -9.60 -45.62 16.15
C THR C 468 -10.68 -46.60 15.71
N PRO C 469 -10.32 -47.76 15.18
CA PRO C 469 -11.34 -48.75 14.79
C PRO C 469 -11.92 -49.43 16.02
N SER C 470 -13.24 -49.55 16.05
CA SER C 470 -13.93 -50.19 17.16
C SER C 470 -15.03 -51.08 16.64
N THR C 471 -15.14 -52.29 17.19
CA THR C 471 -16.16 -53.23 16.78
C THR C 471 -17.49 -52.99 17.47
N GLU C 472 -17.49 -52.21 18.57
CA GLU C 472 -18.70 -51.99 19.35
C GLU C 472 -19.49 -50.75 18.92
N MET C 473 -18.85 -49.59 18.86
CA MET C 473 -19.53 -48.35 18.53
C MET C 473 -18.84 -47.66 17.35
N SER C 474 -19.54 -46.69 16.77
CA SER C 474 -19.01 -45.88 15.68
C SER C 474 -19.75 -44.55 15.67
N LEU C 475 -19.44 -43.73 14.67
CA LEU C 475 -20.16 -42.48 14.46
C LEU C 475 -21.60 -42.75 14.02
N ARG C 476 -22.44 -41.72 14.10
CA ARG C 476 -23.87 -41.87 13.88
C ARG C 476 -24.19 -42.06 12.41
N GLY C 477 -23.77 -43.19 11.83
CA GLY C 477 -24.13 -43.50 10.46
C GLY C 477 -22.93 -43.83 9.58
N VAL C 478 -21.73 -43.80 10.17
CA VAL C 478 -20.50 -44.00 9.42
C VAL C 478 -20.04 -45.45 9.62
N ARG C 479 -19.64 -46.09 8.52
CA ARG C 479 -19.09 -47.44 8.56
C ARG C 479 -17.92 -47.51 7.59
N VAL C 480 -16.85 -48.15 8.02
CA VAL C 480 -15.68 -48.34 7.18
C VAL C 480 -15.84 -49.65 6.41
N SER C 481 -15.03 -49.83 5.37
CA SER C 481 -15.01 -51.07 4.62
C SER C 481 -13.62 -51.29 4.04
N LYS C 482 -13.34 -52.55 3.70
CA LYS C 482 -12.03 -52.97 3.23
C LYS C 482 -12.05 -53.08 1.70
N MET C 483 -11.62 -52.02 1.03
CA MET C 483 -11.42 -52.05 -0.41
C MET C 483 -10.12 -51.31 -0.76
N GLU C 492 -17.97 -43.63 -16.08
CA GLU C 492 -18.71 -44.25 -17.18
C GLU C 492 -19.66 -43.25 -17.83
N ARG C 493 -19.38 -42.90 -19.08
CA ARG C 493 -20.15 -41.91 -19.82
C ARG C 493 -21.32 -42.60 -20.51
N VAL C 494 -22.53 -42.13 -20.23
CA VAL C 494 -23.76 -42.74 -20.72
C VAL C 494 -24.34 -41.89 -21.85
N VAL C 495 -24.92 -42.55 -22.84
CA VAL C 495 -25.66 -41.86 -23.88
C VAL C 495 -26.96 -41.33 -23.30
N VAL C 496 -27.28 -40.08 -23.62
CA VAL C 496 -28.44 -39.39 -23.04
C VAL C 496 -29.19 -38.65 -24.15
N SER C 497 -30.38 -38.19 -23.80
CA SER C 497 -31.19 -37.34 -24.65
C SER C 497 -31.35 -35.97 -23.99
N ILE C 498 -31.98 -35.05 -24.71
CA ILE C 498 -32.29 -33.73 -24.19
C ILE C 498 -33.45 -33.17 -25.01
N ASP C 499 -34.39 -32.52 -24.32
CA ASP C 499 -35.59 -32.03 -24.97
C ASP C 499 -35.50 -30.51 -25.19
N ARG C 500 -36.61 -29.94 -25.65
CA ARG C 500 -36.64 -28.51 -25.96
C ARG C 500 -36.34 -27.65 -24.75
N PHE C 501 -36.65 -28.14 -23.54
CA PHE C 501 -36.46 -27.38 -22.32
C PHE C 501 -35.25 -27.85 -21.51
N LEU C 502 -34.27 -28.45 -22.18
CA LEU C 502 -32.97 -28.78 -21.59
C LEU C 502 -33.07 -29.79 -20.44
N ARG C 503 -34.05 -30.69 -20.51
CA ARG C 503 -34.14 -31.78 -19.55
C ARG C 503 -33.44 -33.01 -20.12
N VAL C 504 -32.50 -33.55 -19.35
CA VAL C 504 -31.59 -34.59 -19.85
C VAL C 504 -32.12 -35.93 -19.34
N ARG C 505 -32.82 -36.65 -20.21
CA ARG C 505 -33.26 -38.01 -19.93
C ARG C 505 -32.17 -39.02 -20.25
N ASP C 506 -32.32 -40.21 -19.69
CA ASP C 506 -31.41 -41.31 -19.93
C ASP C 506 -31.97 -42.22 -21.04
N GLN C 507 -31.31 -43.36 -21.25
CA GLN C 507 -31.84 -44.34 -22.20
C GLN C 507 -33.13 -44.96 -21.70
N ARG C 508 -33.34 -44.99 -20.38
CA ARG C 508 -34.57 -45.53 -19.82
C ARG C 508 -35.70 -44.52 -19.93
N GLY C 509 -35.44 -43.27 -19.54
CA GLY C 509 -36.45 -42.23 -19.63
C GLY C 509 -36.60 -41.40 -18.38
N ASN C 510 -35.70 -41.60 -17.41
CA ASN C 510 -35.72 -40.84 -16.17
C ASN C 510 -34.77 -39.66 -16.27
N VAL C 511 -35.19 -38.52 -15.69
CA VAL C 511 -34.41 -37.30 -15.79
C VAL C 511 -33.08 -37.46 -15.06
N LEU C 512 -31.99 -37.12 -15.74
CA LEU C 512 -30.65 -37.17 -15.17
C LEU C 512 -30.15 -35.80 -14.75
N LEU C 513 -30.49 -34.75 -15.51
CA LEU C 513 -30.09 -33.39 -15.21
C LEU C 513 -31.22 -32.45 -15.62
N SER C 514 -31.08 -31.19 -15.18
CA SER C 514 -32.04 -30.14 -15.47
C SER C 514 -31.35 -28.82 -15.20
N PRO C 515 -31.77 -27.74 -15.86
CA PRO C 515 -31.16 -26.43 -15.56
C PRO C 515 -31.29 -26.05 -14.09
N GLU C 516 -32.31 -26.56 -13.40
CA GLU C 516 -32.46 -26.30 -11.97
C GLU C 516 -31.31 -26.85 -11.15
N GLU C 517 -30.57 -27.81 -11.68
CA GLU C 517 -29.40 -28.35 -11.00
C GLU C 517 -28.15 -27.51 -11.22
N VAL C 518 -28.20 -26.53 -12.12
CA VAL C 518 -27.03 -25.71 -12.41
C VAL C 518 -26.80 -24.73 -11.26
N SER C 519 -25.55 -24.60 -10.84
CA SER C 519 -25.21 -23.72 -9.73
C SER C 519 -25.45 -22.26 -10.10
N GLU C 520 -26.09 -21.53 -9.20
CA GLU C 520 -26.46 -20.14 -9.42
C GLU C 520 -25.32 -19.16 -9.15
N THR C 521 -24.19 -19.63 -8.62
CA THR C 521 -23.07 -18.75 -8.34
C THR C 521 -22.52 -18.15 -9.63
N GLN C 522 -22.41 -16.83 -9.67
CA GLN C 522 -21.88 -16.12 -10.83
C GLN C 522 -20.40 -15.91 -10.60
N GLY C 523 -19.56 -16.73 -11.26
CA GLY C 523 -18.13 -16.67 -11.11
C GLY C 523 -17.46 -15.89 -12.23
N THR C 524 -16.13 -15.89 -12.19
CA THR C 524 -15.32 -15.17 -13.15
C THR C 524 -14.34 -16.13 -13.82
N GLU C 525 -14.23 -16.02 -15.14
CA GLU C 525 -13.42 -16.95 -15.92
C GLU C 525 -11.93 -16.75 -15.67
N LYS C 526 -11.18 -17.84 -15.78
CA LYS C 526 -9.73 -17.74 -15.72
C LYS C 526 -9.14 -17.31 -17.05
N LEU C 527 -9.68 -17.84 -18.15
CA LEU C 527 -9.30 -17.42 -19.50
C LEU C 527 -10.44 -16.63 -20.13
N THR C 528 -10.08 -15.63 -20.93
CA THR C 528 -11.07 -14.72 -21.46
C THR C 528 -12.06 -15.44 -22.36
N ILE C 529 -13.35 -15.20 -22.10
CA ILE C 529 -14.44 -15.76 -22.89
C ILE C 529 -14.86 -14.75 -23.92
N THR C 530 -14.87 -15.15 -25.19
CA THR C 530 -15.23 -14.29 -26.31
C THR C 530 -16.56 -14.75 -26.89
N TYR C 531 -17.53 -13.84 -26.97
CA TYR C 531 -18.85 -14.13 -27.52
C TYR C 531 -19.05 -13.29 -28.76
N SER C 532 -19.49 -13.92 -29.85
CA SER C 532 -19.69 -13.25 -31.13
C SER C 532 -21.15 -13.36 -31.54
N SER C 533 -21.90 -12.26 -31.40
CA SER C 533 -23.28 -12.20 -31.86
C SER C 533 -23.70 -10.74 -31.93
N SER C 534 -25.00 -10.52 -32.15
CA SER C 534 -25.54 -9.16 -32.17
C SER C 534 -25.25 -8.43 -30.87
N MET C 535 -25.31 -9.15 -29.75
CA MET C 535 -25.00 -8.61 -28.43
C MET C 535 -23.76 -9.33 -27.90
N MET C 536 -22.61 -8.67 -27.93
CA MET C 536 -21.42 -9.32 -27.42
C MET C 536 -21.45 -9.50 -25.91
N TRP C 537 -22.47 -8.95 -25.25
CA TRP C 537 -22.63 -8.98 -23.81
C TRP C 537 -23.69 -9.98 -23.34
N GLU C 538 -24.21 -10.81 -24.26
CA GLU C 538 -25.37 -11.63 -23.93
C GLU C 538 -25.08 -12.64 -22.83
N ILE C 539 -23.84 -13.12 -22.74
CA ILE C 539 -23.50 -14.12 -21.73
C ILE C 539 -22.48 -13.54 -20.76
N ASN C 540 -22.56 -12.23 -20.54
CA ASN C 540 -21.67 -11.53 -19.63
C ASN C 540 -22.21 -11.57 -18.20
N GLY C 541 -21.39 -11.06 -17.28
CA GLY C 541 -21.78 -10.96 -15.89
C GLY C 541 -22.96 -10.03 -15.69
N PRO C 542 -23.51 -10.02 -14.48
CA PRO C 542 -24.77 -9.29 -14.26
C PRO C 542 -24.65 -7.78 -14.42
N GLU C 543 -23.56 -7.18 -13.94
CA GLU C 543 -23.39 -5.74 -14.07
C GLU C 543 -23.30 -5.33 -15.54
N SER C 544 -22.51 -6.07 -16.32
CA SER C 544 -22.41 -5.80 -17.75
C SER C 544 -23.77 -5.98 -18.42
N VAL C 545 -24.52 -7.01 -18.03
CA VAL C 545 -25.81 -7.26 -18.65
C VAL C 545 -26.77 -6.12 -18.37
N LEU C 546 -26.81 -5.64 -17.13
CA LEU C 546 -27.70 -4.53 -16.80
C LEU C 546 -27.33 -3.26 -17.55
N VAL C 547 -26.06 -2.89 -17.49
CA VAL C 547 -25.60 -1.68 -18.18
C VAL C 547 -25.92 -1.77 -19.67
N ASN C 548 -25.60 -2.91 -20.29
CA ASN C 548 -25.77 -3.03 -21.73
C ASN C 548 -27.23 -3.13 -22.13
N THR C 549 -28.08 -3.72 -21.29
CA THR C 549 -29.51 -3.73 -21.58
C THR C 549 -30.06 -2.31 -21.60
N TYR C 550 -29.73 -1.51 -20.60
CA TYR C 550 -30.27 -0.14 -20.58
C TYR C 550 -29.64 0.72 -21.68
N GLN C 551 -28.36 0.48 -21.97
CA GLN C 551 -27.70 1.20 -23.06
C GLN C 551 -28.32 0.86 -24.40
N TRP C 552 -28.67 -0.41 -24.62
CA TRP C 552 -29.37 -0.78 -25.85
C TRP C 552 -30.73 -0.12 -25.91
N ILE C 553 -31.45 -0.09 -24.78
CA ILE C 553 -32.79 0.49 -24.78
C ILE C 553 -32.74 1.96 -25.16
N ILE C 554 -31.81 2.72 -24.58
CA ILE C 554 -31.80 4.15 -24.88
C ILE C 554 -31.09 4.46 -26.19
N ARG C 555 -30.19 3.59 -26.65
CA ARG C 555 -29.56 3.80 -27.95
C ARG C 555 -30.57 3.61 -29.09
N ASN C 556 -31.52 2.69 -28.92
CA ASN C 556 -32.57 2.43 -29.90
C ASN C 556 -33.89 3.06 -29.51
N TRP C 557 -33.84 4.16 -28.75
CA TRP C 557 -35.05 4.70 -28.14
C TRP C 557 -36.06 5.21 -29.17
N GLU C 558 -35.64 5.54 -30.38
CA GLU C 558 -36.59 6.01 -31.39
C GLU C 558 -37.55 4.90 -31.80
N ASN C 559 -37.00 3.81 -32.35
CA ASN C 559 -37.85 2.70 -32.77
C ASN C 559 -38.52 2.03 -31.57
N VAL C 560 -37.81 1.95 -30.44
CA VAL C 560 -38.39 1.35 -29.25
C VAL C 560 -39.58 2.16 -28.76
N LYS C 561 -39.48 3.49 -28.82
CA LYS C 561 -40.59 4.34 -28.38
C LYS C 561 -41.74 4.29 -29.36
N ILE C 562 -41.46 4.22 -30.66
CA ILE C 562 -42.54 4.10 -31.63
C ILE C 562 -43.23 2.75 -31.50
N GLN C 563 -42.49 1.71 -31.13
CA GLN C 563 -43.07 0.38 -31.01
C GLN C 563 -43.82 0.20 -29.69
N TRP C 564 -43.39 0.90 -28.63
CA TRP C 564 -44.03 0.77 -27.33
C TRP C 564 -45.48 1.21 -27.36
N SER C 565 -45.88 1.98 -28.38
CA SER C 565 -47.24 2.48 -28.50
C SER C 565 -48.05 1.71 -29.53
N GLN C 566 -47.43 1.32 -30.64
CA GLN C 566 -48.15 0.64 -31.71
C GLN C 566 -48.40 -0.83 -31.37
N ASP C 567 -47.33 -1.60 -31.19
CA ASP C 567 -47.42 -3.02 -30.84
C ASP C 567 -46.51 -3.30 -29.65
N PRO C 568 -46.99 -3.08 -28.43
CA PRO C 568 -46.15 -3.34 -27.26
C PRO C 568 -45.77 -4.80 -27.09
N THR C 569 -46.63 -5.73 -27.51
CA THR C 569 -46.32 -7.16 -27.36
C THR C 569 -45.10 -7.53 -28.19
N MET C 570 -44.96 -6.94 -29.38
CA MET C 570 -43.76 -7.17 -30.18
C MET C 570 -42.52 -6.66 -29.46
N LEU C 571 -42.64 -5.53 -28.77
CA LEU C 571 -41.47 -4.98 -28.07
C LEU C 571 -41.09 -5.85 -26.87
N TYR C 572 -42.08 -6.31 -26.11
CA TYR C 572 -41.79 -7.11 -24.93
C TYR C 572 -41.13 -8.44 -25.28
N ASN C 573 -41.38 -8.95 -26.49
CA ASN C 573 -40.89 -10.26 -26.91
C ASN C 573 -39.49 -10.22 -27.50
N LYS C 574 -38.83 -9.07 -27.49
CA LYS C 574 -37.52 -8.97 -28.12
C LYS C 574 -36.47 -9.74 -27.34
N MET C 575 -35.51 -10.34 -28.07
CA MET C 575 -34.45 -11.10 -27.44
C MET C 575 -33.59 -10.23 -26.54
N GLU C 576 -33.56 -8.93 -26.81
CA GLU C 576 -32.64 -8.02 -26.14
C GLU C 576 -32.86 -7.95 -24.65
N PHE C 577 -34.06 -8.30 -24.18
CA PHE C 577 -34.39 -8.28 -22.77
C PHE C 577 -34.20 -9.62 -22.06
N GLU C 578 -33.77 -10.65 -22.79
CA GLU C 578 -33.67 -11.98 -22.18
C GLU C 578 -32.44 -12.14 -21.29
N PRO C 579 -31.27 -11.60 -21.64
CA PRO C 579 -30.17 -11.59 -20.66
C PRO C 579 -30.53 -10.87 -19.37
N PHE C 580 -31.36 -9.84 -19.45
CA PHE C 580 -31.85 -9.18 -18.24
C PHE C 580 -32.73 -10.10 -17.43
N GLN C 581 -33.63 -10.84 -18.08
CA GLN C 581 -34.60 -11.67 -17.38
C GLN C 581 -33.94 -12.82 -16.62
N SER C 582 -32.75 -13.24 -17.03
CA SER C 582 -32.05 -14.28 -16.29
C SER C 582 -31.53 -13.78 -14.93
N LEU C 583 -31.47 -12.46 -14.76
CA LEU C 583 -31.10 -11.88 -13.48
C LEU C 583 -32.29 -11.65 -12.57
N VAL C 584 -33.50 -11.64 -13.12
CA VAL C 584 -34.69 -11.53 -12.28
C VAL C 584 -34.92 -12.85 -11.57
N PRO C 585 -35.28 -12.86 -10.28
CA PRO C 585 -35.65 -14.11 -9.63
C PRO C 585 -36.85 -14.75 -10.32
N LYS C 586 -36.80 -16.08 -10.45
CA LYS C 586 -37.77 -16.79 -11.28
C LYS C 586 -39.19 -16.58 -10.77
N ALA C 587 -39.41 -16.85 -9.48
CA ALA C 587 -40.75 -16.76 -8.91
C ALA C 587 -41.35 -15.37 -9.06
N ALA C 588 -40.51 -14.34 -9.22
CA ALA C 588 -40.99 -12.98 -9.36
C ALA C 588 -41.36 -12.62 -10.80
N ARG C 589 -40.70 -13.22 -11.78
CA ARG C 589 -40.72 -12.75 -13.17
C ARG C 589 -42.13 -12.41 -13.65
N GLY C 590 -43.00 -13.42 -13.71
CA GLY C 590 -44.37 -13.20 -14.18
C GLY C 590 -45.07 -12.06 -13.48
N GLN C 591 -45.06 -12.07 -12.15
CA GLN C 591 -45.65 -11.00 -11.36
C GLN C 591 -45.12 -9.62 -11.76
N TYR C 592 -43.79 -9.47 -11.71
CA TYR C 592 -43.13 -8.24 -12.16
C TYR C 592 -43.64 -7.81 -13.52
N SER C 593 -43.58 -8.73 -14.48
CA SER C 593 -44.04 -8.45 -15.85
C SER C 593 -45.46 -7.91 -15.84
N GLY C 594 -46.38 -8.65 -15.21
CA GLY C 594 -47.76 -8.19 -15.12
C GLY C 594 -47.85 -6.77 -14.60
N PHE C 595 -47.25 -6.52 -13.43
CA PHE C 595 -47.22 -5.19 -12.84
C PHE C 595 -46.82 -4.14 -13.86
N VAL C 596 -45.62 -4.31 -14.44
CA VAL C 596 -45.06 -3.34 -15.37
C VAL C 596 -46.01 -3.13 -16.55
N ARG C 597 -46.53 -4.21 -17.11
CA ARG C 597 -47.41 -4.11 -18.28
C ARG C 597 -48.67 -3.32 -17.94
N VAL C 598 -49.29 -3.60 -16.80
CA VAL C 598 -50.45 -2.84 -16.38
C VAL C 598 -50.10 -1.37 -16.27
N LEU C 599 -48.96 -1.06 -15.65
CA LEU C 599 -48.48 0.31 -15.60
C LEU C 599 -48.45 0.95 -16.98
N PHE C 600 -47.77 0.28 -17.92
CA PHE C 600 -47.63 0.81 -19.29
C PHE C 600 -49.00 1.03 -19.94
N GLN C 601 -49.94 0.10 -19.71
CA GLN C 601 -51.26 0.24 -20.31
C GLN C 601 -51.99 1.45 -19.73
N GLN C 602 -51.95 1.61 -18.40
CA GLN C 602 -52.55 2.79 -17.78
C GLN C 602 -51.74 4.05 -18.05
N MET C 603 -50.58 3.91 -18.69
CA MET C 603 -49.80 5.03 -19.19
C MET C 603 -50.23 5.45 -20.59
N ARG C 604 -50.66 4.49 -21.42
CA ARG C 604 -51.13 4.82 -22.76
C ARG C 604 -52.56 5.33 -22.75
N ASP C 605 -53.27 5.17 -21.63
CA ASP C 605 -54.65 5.61 -21.52
C ASP C 605 -54.79 7.02 -20.98
N VAL C 606 -53.84 7.48 -20.17
CA VAL C 606 -53.87 8.80 -19.57
C VAL C 606 -53.00 9.73 -20.42
N LEU C 607 -53.63 10.64 -21.15
CA LEU C 607 -52.91 11.55 -22.02
C LEU C 607 -52.30 12.67 -21.19
N GLY C 608 -51.04 12.98 -21.47
CA GLY C 608 -50.26 13.95 -20.72
C GLY C 608 -49.25 13.30 -19.81
N THR C 609 -49.49 12.06 -19.40
CA THR C 609 -48.57 11.31 -18.56
C THR C 609 -47.67 10.47 -19.46
N PHE C 610 -46.50 11.01 -19.79
CA PHE C 610 -45.49 10.26 -20.53
C PHE C 610 -44.15 10.55 -19.90
N ASP C 611 -43.54 9.52 -19.31
CA ASP C 611 -42.23 9.61 -18.70
C ASP C 611 -41.31 8.61 -19.41
N THR C 612 -40.35 9.13 -20.18
CA THR C 612 -39.43 8.28 -20.91
C THR C 612 -38.54 7.50 -19.95
N VAL C 613 -38.18 8.09 -18.82
CA VAL C 613 -37.33 7.41 -17.86
C VAL C 613 -38.05 6.23 -17.24
N GLN C 614 -39.35 6.38 -16.95
CA GLN C 614 -40.11 5.27 -16.36
C GLN C 614 -40.19 4.09 -17.32
N ILE C 615 -40.52 4.37 -18.59
CA ILE C 615 -40.60 3.30 -19.58
C ILE C 615 -39.25 2.60 -19.72
N ILE C 616 -38.18 3.38 -19.86
CA ILE C 616 -36.85 2.78 -19.99
C ILE C 616 -36.51 1.96 -18.75
N LYS C 617 -36.92 2.42 -17.58
CA LYS C 617 -36.61 1.73 -16.34
C LYS C 617 -37.33 0.40 -16.24
N LEU C 618 -38.61 0.36 -16.63
CA LEU C 618 -39.43 -0.82 -16.42
C LEU C 618 -39.52 -1.72 -17.65
N LEU C 619 -38.95 -1.31 -18.78
CA LEU C 619 -39.13 -2.08 -20.00
C LEU C 619 -38.54 -3.49 -19.94
N PRO C 620 -37.34 -3.72 -19.39
CA PRO C 620 -36.88 -5.12 -19.31
C PRO C 620 -37.79 -6.02 -18.50
N PHE C 621 -38.35 -5.52 -17.39
CA PHE C 621 -39.17 -6.35 -16.52
C PHE C 621 -40.47 -6.81 -17.18
N ALA C 622 -40.86 -6.23 -18.31
CA ALA C 622 -42.04 -6.65 -19.04
C ALA C 622 -41.77 -7.76 -20.05
N ALA C 623 -40.59 -8.36 -20.02
CA ALA C 623 -40.20 -9.37 -21.00
C ALA C 623 -40.63 -10.78 -20.60
N ALA C 624 -41.38 -10.94 -19.52
CA ALA C 624 -41.81 -12.23 -19.05
C ALA C 624 -43.30 -12.43 -19.30
N PRO C 625 -43.76 -13.69 -19.39
CA PRO C 625 -45.20 -13.95 -19.44
C PRO C 625 -45.89 -13.40 -18.21
N PRO C 626 -46.81 -12.45 -18.38
CA PRO C 626 -47.35 -11.70 -17.24
C PRO C 626 -48.34 -12.54 -16.44
N GLU C 627 -48.07 -12.68 -15.15
CA GLU C 627 -49.00 -13.31 -14.21
C GLU C 627 -49.83 -12.23 -13.52
N GLN C 628 -51.11 -12.51 -13.35
CA GLN C 628 -51.99 -11.57 -12.69
C GLN C 628 -51.65 -11.50 -11.20
N SER C 629 -51.81 -10.31 -10.62
CA SER C 629 -51.61 -10.12 -9.19
C SER C 629 -52.17 -8.77 -8.79
N ARG C 630 -52.51 -8.64 -7.51
CA ARG C 630 -52.98 -7.38 -6.94
C ARG C 630 -51.92 -6.70 -6.09
N MET C 631 -50.67 -7.15 -6.18
CA MET C 631 -49.60 -6.55 -5.39
C MET C 631 -49.11 -5.26 -6.06
N GLN C 632 -48.79 -4.27 -5.24
CA GLN C 632 -48.15 -3.05 -5.69
C GLN C 632 -46.70 -3.10 -5.27
N PHE C 633 -45.79 -2.98 -6.23
CA PHE C 633 -44.36 -3.07 -5.98
C PHE C 633 -43.77 -1.66 -5.89
N SER C 634 -43.02 -1.41 -4.83
CA SER C 634 -42.23 -0.20 -4.73
C SER C 634 -40.83 -0.39 -5.32
N SER C 635 -40.45 -1.61 -5.63
CA SER C 635 -39.16 -1.92 -6.22
C SER C 635 -39.25 -3.27 -6.91
N LEU C 636 -38.29 -3.54 -7.78
CA LEU C 636 -38.17 -4.82 -8.47
C LEU C 636 -36.75 -5.33 -8.33
N THR C 637 -36.61 -6.62 -8.03
CA THR C 637 -35.32 -7.20 -7.67
C THR C 637 -34.62 -7.80 -8.88
N VAL C 638 -33.31 -7.54 -8.98
CA VAL C 638 -32.41 -8.24 -9.90
C VAL C 638 -31.27 -8.83 -9.09
N ASN C 639 -30.92 -10.08 -9.38
CA ASN C 639 -29.88 -10.78 -8.63
C ASN C 639 -28.52 -10.41 -9.21
N VAL C 640 -27.73 -9.69 -8.44
CA VAL C 640 -26.37 -9.33 -8.81
C VAL C 640 -25.44 -9.95 -7.78
N ARG C 641 -24.65 -10.93 -8.21
CA ARG C 641 -23.59 -11.54 -7.40
C ARG C 641 -24.11 -11.99 -6.04
N GLY C 642 -25.24 -12.67 -6.06
CA GLY C 642 -25.79 -13.24 -4.84
C GLY C 642 -26.61 -12.31 -3.98
N SER C 643 -26.75 -11.04 -4.38
CA SER C 643 -27.55 -10.09 -3.61
C SER C 643 -28.64 -9.49 -4.48
N GLY C 644 -29.81 -9.29 -3.90
CA GLY C 644 -30.92 -8.75 -4.64
C GLY C 644 -30.93 -7.23 -4.66
N MET C 645 -30.45 -6.65 -5.75
CA MET C 645 -30.50 -5.20 -5.92
C MET C 645 -31.90 -4.79 -6.33
N ARG C 646 -32.38 -3.69 -5.76
CA ARG C 646 -33.74 -3.23 -5.99
C ARG C 646 -33.74 -2.01 -6.89
N ILE C 647 -34.51 -2.07 -7.97
CA ILE C 647 -34.79 -0.94 -8.85
C ILE C 647 -36.10 -0.33 -8.37
N VAL C 648 -36.05 0.89 -7.86
CA VAL C 648 -37.24 1.51 -7.27
C VAL C 648 -38.15 1.98 -8.39
N VAL C 649 -39.45 1.75 -8.23
CA VAL C 649 -40.40 2.06 -9.30
C VAL C 649 -40.48 3.57 -9.53
N ARG C 650 -40.49 4.36 -8.47
CA ARG C 650 -40.54 5.81 -8.58
C ARG C 650 -39.22 6.43 -8.18
N GLY C 651 -38.79 7.43 -8.94
CA GLY C 651 -37.56 8.13 -8.62
C GLY C 651 -36.32 7.36 -9.01
N ASN C 652 -35.19 7.84 -8.49
CA ASN C 652 -33.90 7.23 -8.77
C ASN C 652 -33.56 6.22 -7.67
N SER C 653 -32.51 5.45 -7.92
CA SER C 653 -32.08 4.40 -7.02
C SER C 653 -30.57 4.21 -7.11
N PRO C 654 -29.97 3.22 -6.46
CA PRO C 654 -28.52 3.02 -6.61
C PRO C 654 -28.13 2.04 -7.71
N VAL C 655 -29.08 1.58 -8.52
CA VAL C 655 -28.79 0.63 -9.58
C VAL C 655 -29.32 1.25 -10.87
N PHE C 656 -30.07 2.34 -10.73
CA PHE C 656 -30.67 3.03 -11.88
C PHE C 656 -31.02 4.45 -11.42
N ASN C 657 -30.22 5.43 -11.84
CA ASN C 657 -30.46 6.82 -11.46
C ASN C 657 -30.33 7.70 -12.69
N TYR C 658 -31.38 8.45 -12.99
CA TYR C 658 -31.41 9.39 -14.10
C TYR C 658 -31.17 10.80 -13.59
N ASN C 659 -30.08 11.41 -14.04
CA ASN C 659 -29.77 12.78 -13.64
C ASN C 659 -30.57 13.73 -14.52
N LYS C 660 -31.60 14.35 -13.95
CA LYS C 660 -32.42 15.31 -14.69
C LYS C 660 -31.60 16.46 -15.25
N ALA C 661 -30.46 16.77 -14.63
CA ALA C 661 -29.65 17.90 -15.09
C ALA C 661 -28.84 17.52 -16.33
N THR C 662 -27.95 16.54 -16.20
CA THR C 662 -27.10 16.14 -17.32
C THR C 662 -27.87 15.33 -18.35
N LYS C 663 -29.05 14.84 -17.99
CA LYS C 663 -29.88 13.97 -18.83
C LYS C 663 -29.20 12.65 -19.15
N ARG C 664 -28.16 12.29 -18.41
CA ARG C 664 -27.40 11.08 -18.64
C ARG C 664 -27.80 10.01 -17.62
N LEU C 665 -28.37 8.92 -18.12
CA LEU C 665 -28.70 7.79 -17.26
C LEU C 665 -27.43 7.11 -16.77
N THR C 666 -27.41 6.72 -15.51
CA THR C 666 -26.28 6.02 -14.92
C THR C 666 -26.78 4.72 -14.31
N VAL C 667 -26.18 3.61 -14.71
CA VAL C 667 -26.54 2.28 -14.22
C VAL C 667 -25.32 1.68 -13.57
N LEU C 668 -25.41 1.42 -12.25
CA LEU C 668 -24.31 0.85 -11.48
C LEU C 668 -23.03 1.67 -11.61
N GLY C 669 -23.17 2.99 -11.70
CA GLY C 669 -22.02 3.86 -11.79
C GLY C 669 -21.43 3.99 -13.18
N LYS C 670 -21.90 3.20 -14.14
CA LYS C 670 -21.42 3.28 -15.51
C LYS C 670 -22.40 4.12 -16.32
N ASP C 671 -21.86 5.09 -17.07
CA ASP C 671 -22.70 5.93 -17.91
C ASP C 671 -23.36 5.08 -19.00
N ALA C 672 -24.65 5.33 -19.23
CA ALA C 672 -25.39 4.63 -20.25
C ALA C 672 -25.79 5.50 -21.43
N GLY C 673 -25.81 6.81 -21.26
CA GLY C 673 -26.06 7.75 -22.34
C GLY C 673 -27.15 8.74 -21.99
N ALA C 674 -27.34 9.68 -22.90
CA ALA C 674 -28.23 10.81 -22.68
C ALA C 674 -29.61 10.57 -23.31
N LEU C 675 -30.62 11.19 -22.71
CA LEU C 675 -31.99 11.11 -23.19
C LEU C 675 -32.40 12.47 -23.76
N MET C 676 -32.80 12.48 -25.03
CA MET C 676 -33.15 13.73 -25.70
C MET C 676 -34.45 14.30 -25.14
N GLU C 677 -34.87 15.44 -25.68
CA GLU C 677 -36.03 16.17 -25.19
C GLU C 677 -37.27 15.63 -25.92
N ASP C 678 -38.15 14.97 -25.17
CA ASP C 678 -39.40 14.47 -25.73
C ASP C 678 -40.45 15.57 -25.68
N PRO C 679 -41.03 15.97 -26.81
CA PRO C 679 -42.02 17.06 -26.78
C PRO C 679 -43.23 16.74 -25.93
N ASP C 680 -43.68 15.49 -25.92
CA ASP C 680 -44.86 15.09 -25.16
C ASP C 680 -44.52 14.68 -23.73
N GLU C 681 -43.37 15.14 -23.22
CA GLU C 681 -43.02 14.90 -21.82
C GLU C 681 -44.06 15.54 -20.91
N GLY C 682 -44.40 14.85 -19.83
CA GLY C 682 -45.43 15.32 -18.92
C GLY C 682 -44.94 16.21 -17.80
N THR C 683 -45.09 17.52 -17.96
CA THR C 683 -44.65 18.49 -16.97
C THR C 683 -45.76 18.88 -16.00
N ALA C 684 -46.96 18.32 -16.17
CA ALA C 684 -48.05 18.62 -15.24
C ALA C 684 -47.78 18.07 -13.85
N GLY C 685 -46.87 17.11 -13.72
CA GLY C 685 -46.55 16.52 -12.43
C GLY C 685 -47.28 15.23 -12.13
N VAL C 686 -48.15 14.78 -13.03
CA VAL C 686 -48.95 13.58 -12.83
C VAL C 686 -48.14 12.36 -13.26
N GLU C 687 -48.27 11.27 -12.52
CA GLU C 687 -47.55 10.04 -12.79
C GLU C 687 -48.55 8.89 -12.96
N SER C 688 -48.42 8.16 -14.07
CA SER C 688 -49.31 7.05 -14.35
C SER C 688 -48.61 5.70 -14.42
N ALA C 689 -47.32 5.63 -14.13
CA ALA C 689 -46.56 4.39 -14.19
C ALA C 689 -45.76 4.18 -12.91
N VAL C 690 -46.40 4.38 -11.76
CA VAL C 690 -45.79 4.13 -10.46
C VAL C 690 -46.59 3.10 -9.67
N LEU C 691 -47.91 3.24 -9.64
CA LEU C 691 -48.79 2.35 -8.90
C LEU C 691 -49.80 1.71 -9.84
N ARG C 692 -50.15 0.47 -9.54
CA ARG C 692 -51.09 -0.29 -10.35
C ARG C 692 -52.50 0.16 -10.01
N GLY C 693 -53.10 0.95 -10.90
CA GLY C 693 -54.45 1.45 -10.69
C GLY C 693 -54.55 2.74 -9.91
N PHE C 694 -53.50 3.57 -9.93
CA PHE C 694 -53.50 4.81 -9.17
C PHE C 694 -52.73 5.87 -9.95
N LEU C 695 -53.34 7.04 -10.10
CA LEU C 695 -52.68 8.19 -10.71
C LEU C 695 -52.16 9.10 -9.60
N ILE C 696 -50.86 9.38 -9.61
CA ILE C 696 -50.27 10.30 -8.65
C ILE C 696 -50.46 11.73 -9.15
N LEU C 697 -51.21 12.52 -8.38
CA LEU C 697 -51.58 13.88 -8.78
C LEU C 697 -50.72 14.96 -8.13
N GLY C 698 -49.70 14.58 -7.37
CA GLY C 698 -48.82 15.59 -6.77
C GLY C 698 -48.49 15.36 -5.31
N LYS C 699 -48.32 16.45 -4.56
CA LYS C 699 -47.86 16.38 -3.19
C LYS C 699 -49.04 16.25 -2.22
N GLU C 700 -48.71 16.14 -0.94
CA GLU C 700 -49.70 15.83 0.08
C GLU C 700 -50.75 16.93 0.21
N ASN C 701 -52.00 16.50 0.39
CA ASN C 701 -53.11 17.38 0.73
C ASN C 701 -53.67 16.90 2.05
N LYS C 702 -53.53 17.69 3.11
CA LYS C 702 -53.95 17.28 4.44
C LYS C 702 -55.46 17.13 4.56
N ARG C 703 -56.21 17.55 3.55
CA ARG C 703 -57.66 17.40 3.58
C ARG C 703 -58.08 15.94 3.61
N TYR C 704 -57.32 15.06 2.95
CA TYR C 704 -57.75 13.69 2.72
C TYR C 704 -57.26 12.71 3.78
N GLY C 705 -56.82 13.21 4.94
CA GLY C 705 -56.44 12.35 6.04
C GLY C 705 -54.96 12.03 6.06
N PRO C 706 -54.56 11.14 6.96
CA PRO C 706 -53.14 10.81 7.09
C PRO C 706 -52.68 9.87 5.98
N ALA C 707 -51.37 9.71 5.89
CA ALA C 707 -50.77 8.87 4.87
C ALA C 707 -50.85 7.40 5.29
N LEU C 708 -51.32 6.56 4.37
CA LEU C 708 -51.36 5.13 4.56
C LEU C 708 -50.30 4.44 3.70
N SER C 709 -50.18 3.14 3.86
CA SER C 709 -49.11 2.37 3.22
C SER C 709 -49.46 2.03 1.77
N ILE C 710 -48.42 1.68 1.02
CA ILE C 710 -48.59 1.24 -0.37
C ILE C 710 -49.50 0.02 -0.43
N ASN C 711 -49.23 -0.97 0.43
CA ASN C 711 -50.02 -2.20 0.49
C ASN C 711 -51.33 -2.03 1.24
N GLU C 712 -51.74 -0.79 1.53
CA GLU C 712 -52.99 -0.50 2.22
C GLU C 712 -54.04 0.10 1.29
N LEU C 713 -53.77 0.14 -0.01
CA LEU C 713 -54.57 0.91 -0.97
C LEU C 713 -55.58 0.06 -1.71
N SER C 714 -55.74 -1.21 -1.35
CA SER C 714 -56.50 -2.15 -2.17
C SER C 714 -57.99 -2.15 -1.85
N ASN C 715 -58.44 -1.37 -0.85
CA ASN C 715 -59.84 -1.33 -0.48
C ASN C 715 -60.51 -0.01 -0.83
N LEU C 716 -59.82 0.88 -1.53
CA LEU C 716 -60.42 2.13 -1.98
C LEU C 716 -61.36 1.87 -3.17
N ALA C 717 -62.15 2.88 -3.51
CA ALA C 717 -63.10 2.83 -4.60
C ALA C 717 -62.75 3.87 -5.64
N LYS C 718 -63.25 3.66 -6.86
CA LYS C 718 -62.86 4.52 -7.98
C LYS C 718 -63.50 5.90 -7.85
N GLY C 719 -62.72 6.93 -8.16
CA GLY C 719 -63.13 8.29 -7.89
C GLY C 719 -62.88 8.67 -6.44
N GLU C 720 -61.68 8.38 -5.94
CA GLU C 720 -61.37 8.62 -4.54
C GLU C 720 -59.87 8.91 -4.40
N LYS C 721 -59.55 10.08 -3.86
CA LYS C 721 -58.18 10.46 -3.62
C LYS C 721 -57.74 10.06 -2.22
N ALA C 722 -56.42 10.02 -2.02
CA ALA C 722 -55.82 9.66 -0.75
C ALA C 722 -54.36 10.09 -0.75
N ASN C 723 -53.76 10.08 0.44
CA ASN C 723 -52.37 10.42 0.63
C ASN C 723 -51.61 9.14 0.95
N VAL C 724 -50.58 8.85 0.16
CA VAL C 724 -49.82 7.63 0.26
C VAL C 724 -48.36 7.96 0.53
N LEU C 725 -47.72 7.17 1.38
CA LEU C 725 -46.29 7.29 1.69
C LEU C 725 -45.49 6.42 0.73
N ILE C 726 -45.75 6.62 -0.55
CA ILE C 726 -45.15 5.81 -1.61
C ILE C 726 -43.87 6.50 -2.08
N GLY C 727 -42.76 5.79 -1.99
CA GLY C 727 -41.48 6.28 -2.44
C GLY C 727 -40.44 6.27 -1.34
N GLN C 728 -39.35 6.98 -1.60
CA GLN C 728 -38.24 7.10 -0.63
C GLN C 728 -38.59 8.20 0.38
N GLY C 729 -39.51 7.86 1.27
CA GLY C 729 -39.95 8.80 2.29
C GLY C 729 -40.67 10.01 1.73
N ASP C 730 -41.42 9.83 0.66
CA ASP C 730 -42.17 10.91 0.00
C ASP C 730 -43.65 10.63 0.13
N VAL C 731 -44.38 11.54 0.77
CA VAL C 731 -45.83 11.45 0.82
C VAL C 731 -46.40 12.21 -0.36
N VAL C 732 -47.32 11.58 -1.09
CA VAL C 732 -47.91 12.15 -2.30
C VAL C 732 -49.41 11.91 -2.26
N LEU C 733 -50.10 12.49 -3.25
CA LEU C 733 -51.55 12.39 -3.36
C LEU C 733 -51.90 11.61 -4.62
N VAL C 734 -52.54 10.45 -4.44
CA VAL C 734 -52.97 9.60 -5.55
C VAL C 734 -54.49 9.52 -5.54
N MET C 735 -55.04 8.99 -6.62
CA MET C 735 -56.48 8.81 -6.75
C MET C 735 -56.74 7.52 -7.51
N LYS C 736 -57.80 6.82 -7.14
CA LYS C 736 -58.11 5.52 -7.72
C LYS C 736 -58.95 5.72 -8.98
N ARG C 737 -58.43 5.24 -10.11
CA ARG C 737 -59.15 5.26 -11.38
C ARG C 737 -60.36 4.33 -11.34
#